data_6PDL
#
_entry.id   6PDL
#
_cell.length_a   75.764
_cell.length_b   94.642
_cell.length_c   102.522
_cell.angle_alpha   112.860
_cell.angle_beta   97.440
_cell.angle_gamma   97.560
#
_symmetry.space_group_name_H-M   'P 1'
#
loop_
_entity.id
_entity.type
_entity.pdbx_description
1 polymer 'Attachment glycoprotein'
2 polymer Ephrin-B2
3 branched 2-acetamido-2-deoxy-beta-D-glucopyranose-(1-4)-2-acetamido-2-deoxy-beta-D-glucopyranose
4 branched alpha-D-mannopyranose-(1-3)-[alpha-D-mannopyranose-(1-6)]beta-D-mannopyranose-(1-4)-2-acetamido-2-deoxy-beta-D-glucopyranose-(1-4)-[alpha-L-fucopyranose-(1-3)][alpha-L-fucopyranose-(1-6)]2-acetamido-2-deoxy-beta-D-glucopyranose
5 branched beta-D-mannopyranose-(1-3)-[alpha-D-mannopyranose-(1-6)]alpha-D-mannopyranose-(1-4)-2-acetamido-2-deoxy-beta-D-glucopyranose-(1-4)-[alpha-L-fucopyranose-(1-3)][alpha-L-fucopyranose-(1-6)]2-acetamido-2-deoxy-beta-D-glucopyranose
6 branched beta-D-mannopyranose-(1-4)-2-acetamido-2-deoxy-beta-D-glucopyranose-(1-4)-2-acetamido-2-deoxy-beta-D-glucopyranose
7 branched beta-D-mannopyranose-(1-4)-2-acetamido-2-deoxy-beta-D-glucopyranose-(1-4)-[alpha-L-fucopyranose-(1-3)][alpha-L-fucopyranose-(1-6)]2-acetamido-2-deoxy-beta-D-glucopyranose
8 non-polymer 2-acetamido-2-deoxy-beta-D-glucopyranose
9 water water
#
loop_
_entity_poly.entity_id
_entity_poly.type
_entity_poly.pdbx_seq_one_letter_code
_entity_poly.pdbx_strand_id
1 'polypeptide(L)'
;YRPISQGVSDLVGLPNQICLQKTTSTILKPRLISYTLPINTREGVCITDPLLAVDNGFFAYSHLEKIGSCTRGIAKQRII
GVGEVLDRGDKVPSMFMTNVWTPPNPSTIHHCSSTYHEDFYYTLCAVSHVGDPILNSTSWTESLSLIRLAVRPKSDSGDY
NQKYIAITKVERGKYDKVMPYGPSGIKQGDTLYFPAVGFLPRTEFQYNDSNCPIIHCKYSKAENCRLSMGVNSKSHYILR
SGLLKYNLSLGGDIILQFIEIADNRLTIGSPSKIYNSLGQPVFYQASYSWDTMIKLGDVDTVDPLRVQWRNNSVISRPGQ
SQCPRFNVCPEVCWEGTYNDAFLIDRLNWVSAGVYLNSNQTAENPVFAVFKDNEILYQVPLAEDDTNAQKTITDCFLLEN
VIWCISLVEIYDTGDSVIRPKLFAVKIPAQCSESGRGLVPR
;
A,C,E,G
2 'polypeptide(L)'
;SIVLEPIYWNSSNSKFLPGQGLVLYPQIGDKLDIICPKVDSKTVGQYEYYKVYMVDKDQADRCTIKKENTPLLNCAKPDQ
DIKFTIKFQEFSPNLWGLEFQKNKDYYIISTSNGSLEGLDNQEGGVCQTRAMKILMKVGQD
;
B,D,F,H
#
# COMPACT_ATOMS: atom_id res chain seq x y z
N ILE A 4 -61.05 3.06 -1.30
CA ILE A 4 -59.60 3.07 -1.47
C ILE A 4 -59.12 4.50 -1.66
N SER A 5 -57.97 4.82 -1.05
CA SER A 5 -57.37 6.14 -1.14
C SER A 5 -55.95 5.98 -1.68
N GLN A 6 -55.65 6.69 -2.77
CA GLN A 6 -54.32 6.66 -3.39
C GLN A 6 -53.52 7.89 -3.00
N GLY A 7 -52.21 7.83 -3.29
CA GLY A 7 -51.34 8.95 -2.99
C GLY A 7 -50.82 8.94 -1.57
N VAL A 8 -50.18 10.02 -1.21
CA VAL A 8 -49.60 10.22 0.09
C VAL A 8 -50.60 10.90 0.99
N SER A 9 -50.81 10.37 2.18
CA SER A 9 -51.75 10.90 3.10
C SER A 9 -51.38 10.64 4.56
N ASP A 10 -51.96 11.34 5.50
CA ASP A 10 -51.65 11.18 6.89
C ASP A 10 -51.78 9.81 7.49
N LEU A 11 -50.96 9.51 8.47
CA LEU A 11 -51.02 8.21 9.15
C LEU A 11 -52.26 8.18 10.00
N VAL A 12 -53.35 7.70 9.41
CA VAL A 12 -54.64 7.72 10.08
C VAL A 12 -55.49 6.54 9.61
N GLY A 13 -56.55 6.26 10.36
CA GLY A 13 -57.44 5.17 9.98
C GLY A 13 -56.93 3.81 10.41
N LEU A 14 -56.92 2.87 9.48
CA LEU A 14 -56.40 1.53 9.69
C LEU A 14 -55.41 1.19 8.59
N PRO A 15 -54.11 1.30 8.84
CA PRO A 15 -53.10 1.04 7.80
C PRO A 15 -52.90 -0.47 7.67
N ASN A 16 -52.09 -0.88 6.68
CA ASN A 16 -51.76 -2.30 6.57
C ASN A 16 -50.95 -2.67 7.80
N GLN A 17 -51.11 -3.90 8.29
CA GLN A 17 -50.40 -4.16 9.55
C GLN A 17 -48.91 -4.20 9.26
N ILE A 18 -48.13 -4.02 10.30
CA ILE A 18 -46.69 -4.00 10.18
C ILE A 18 -46.13 -5.17 10.97
N CYS A 19 -44.86 -5.50 10.67
CA CYS A 19 -44.22 -6.62 11.34
C CYS A 19 -44.00 -6.28 12.79
N LEU A 20 -44.39 -7.20 13.69
CA LEU A 20 -44.46 -6.86 15.11
C LEU A 20 -43.68 -7.82 15.99
N GLN A 21 -42.65 -8.46 15.45
CA GLN A 21 -41.74 -9.17 16.33
C GLN A 21 -40.29 -8.94 15.97
N LYS A 22 -39.46 -9.24 16.96
CA LYS A 22 -38.03 -8.96 16.88
C LYS A 22 -37.39 -9.82 15.81
N THR A 23 -36.58 -9.20 14.97
CA THR A 23 -35.92 -9.88 13.85
C THR A 23 -34.50 -9.35 13.77
N THR A 24 -33.50 -10.25 13.76
CA THR A 24 -32.17 -9.68 13.76
C THR A 24 -31.66 -9.44 12.34
N SER A 25 -32.26 -10.07 11.33
CA SER A 25 -31.89 -9.85 9.95
C SER A 25 -32.52 -8.57 9.40
N THR A 26 -31.88 -8.05 8.36
CA THR A 26 -32.25 -6.79 7.70
C THR A 26 -33.47 -6.96 6.79
N ILE A 27 -34.61 -6.44 7.25
CA ILE A 27 -35.88 -6.42 6.53
C ILE A 27 -36.32 -5.00 6.17
N LEU A 28 -35.53 -3.99 6.51
CA LEU A 28 -35.82 -2.59 6.21
C LEU A 28 -34.97 -2.13 5.08
N LYS A 29 -35.57 -1.35 4.18
CA LYS A 29 -34.78 -0.99 3.03
C LYS A 29 -34.83 0.52 2.80
N PRO A 30 -33.84 1.25 3.34
CA PRO A 30 -33.83 2.71 3.24
C PRO A 30 -33.54 3.11 1.81
N ARG A 31 -34.31 4.06 1.31
CA ARG A 31 -34.13 4.60 -0.02
C ARG A 31 -33.75 6.06 0.13
N LEU A 32 -32.68 6.47 -0.53
CA LEU A 32 -32.22 7.84 -0.45
C LEU A 32 -32.95 8.70 -1.48
N ILE A 33 -33.56 9.79 -1.04
CA ILE A 33 -34.28 10.69 -1.91
C ILE A 33 -33.43 11.93 -2.17
N SER A 34 -33.74 12.62 -3.27
CA SER A 34 -33.00 13.81 -3.71
C SER A 34 -32.79 14.82 -2.59
N GLU A 43 -18.31 23.89 -2.23
CA GLU A 43 -17.24 23.25 -1.48
C GLU A 43 -16.81 24.14 -0.33
N GLY A 44 -16.67 23.51 0.84
CA GLY A 44 -16.40 24.17 2.08
C GLY A 44 -17.65 24.65 2.78
N VAL A 45 -18.84 24.37 2.23
CA VAL A 45 -20.09 24.82 2.82
C VAL A 45 -20.59 23.75 3.76
N CYS A 46 -21.31 24.19 4.78
CA CYS A 46 -22.03 23.30 5.68
C CYS A 46 -23.48 23.72 5.70
N ILE A 47 -24.38 22.78 5.49
CA ILE A 47 -25.82 23.03 5.58
C ILE A 47 -26.31 22.53 6.92
N THR A 48 -26.93 23.42 7.70
CA THR A 48 -27.18 23.15 9.11
C THR A 48 -28.58 23.67 9.47
N ASP A 49 -28.89 23.62 10.78
CA ASP A 49 -30.19 23.99 11.34
C ASP A 49 -31.38 23.48 10.50
N PRO A 50 -31.49 22.17 10.29
CA PRO A 50 -32.52 21.65 9.39
C PRO A 50 -33.87 21.50 10.08
N LEU A 51 -34.92 21.54 9.26
CA LEU A 51 -36.30 21.39 9.67
C LEU A 51 -37.01 20.56 8.62
N LEU A 52 -37.90 19.67 9.09
CA LEU A 52 -38.70 18.84 8.22
C LEU A 52 -40.05 18.66 8.87
N ALA A 53 -41.10 18.79 8.08
CA ALA A 53 -42.46 18.54 8.53
C ALA A 53 -43.20 17.90 7.38
N VAL A 54 -43.96 16.84 7.67
CA VAL A 54 -44.76 16.17 6.66
C VAL A 54 -46.21 16.15 7.13
N ASP A 55 -47.08 16.78 6.39
CA ASP A 55 -48.46 16.88 6.72
C ASP A 55 -49.30 16.88 5.49
N ASN A 56 -50.24 15.95 5.31
CA ASN A 56 -51.20 15.89 4.17
C ASN A 56 -50.68 15.81 2.77
N GLY A 57 -49.57 15.20 2.55
CA GLY A 57 -49.02 15.17 1.22
C GLY A 57 -48.14 16.32 0.86
N PHE A 58 -47.91 17.18 1.81
CA PHE A 58 -47.06 18.33 1.68
C PHE A 58 -45.98 18.27 2.71
N PHE A 59 -44.98 19.09 2.56
CA PHE A 59 -43.91 19.14 3.53
C PHE A 59 -43.42 20.57 3.69
N ALA A 60 -42.76 20.82 4.81
CA ALA A 60 -42.03 22.05 5.05
C ALA A 60 -40.57 21.70 5.27
N TYR A 61 -39.66 22.54 4.78
CA TYR A 61 -38.24 22.29 4.86
C TYR A 61 -37.52 23.59 5.16
N SER A 62 -36.43 23.50 5.92
CA SER A 62 -35.59 24.67 6.14
C SER A 62 -34.18 24.27 6.46
N HIS A 63 -33.24 25.15 6.14
CA HIS A 63 -31.85 24.97 6.53
C HIS A 63 -31.15 26.31 6.47
N LEU A 64 -29.96 26.34 7.06
CA LEU A 64 -29.07 27.49 7.01
C LEU A 64 -27.77 27.04 6.37
N GLU A 65 -27.36 27.73 5.32
CA GLU A 65 -26.11 27.43 4.63
C GLU A 65 -25.02 28.34 5.18
N LYS A 66 -23.92 27.74 5.62
CA LYS A 66 -22.82 28.46 6.22
C LYS A 66 -21.55 28.22 5.43
N ILE A 67 -20.68 29.23 5.43
CA ILE A 67 -19.36 29.14 4.82
C ILE A 67 -18.38 28.88 5.95
N GLY A 68 -17.78 27.69 5.95
CA GLY A 68 -16.86 27.31 7.02
C GLY A 68 -17.40 26.22 7.90
N SER A 69 -17.20 26.36 9.21
CA SER A 69 -17.68 25.38 10.16
C SER A 69 -19.19 25.42 10.30
N CYS A 70 -19.77 24.28 10.68
CA CYS A 70 -21.20 24.20 10.92
C CYS A 70 -21.60 24.93 12.19
N THR A 71 -20.65 25.13 13.09
CA THR A 71 -20.95 25.80 14.34
C THR A 71 -20.70 27.30 14.24
N ARG A 72 -19.55 27.68 13.67
CA ARG A 72 -19.03 29.04 13.70
C ARG A 72 -18.77 29.63 12.32
N GLY A 73 -19.33 29.01 11.27
CA GLY A 73 -19.25 29.56 9.93
C GLY A 73 -20.13 30.79 9.73
N ILE A 74 -19.89 31.50 8.64
CA ILE A 74 -20.65 32.71 8.35
C ILE A 74 -21.95 32.30 7.68
N ALA A 75 -23.08 32.66 8.30
CA ALA A 75 -24.39 32.30 7.77
C ALA A 75 -24.59 32.99 6.43
N LYS A 76 -24.85 32.22 5.38
CA LYS A 76 -24.94 32.69 4.00
C LYS A 76 -26.37 32.75 3.47
N GLN A 77 -27.19 31.71 3.70
CA GLN A 77 -28.54 31.69 3.13
C GLN A 77 -29.45 30.85 4.00
N ARG A 78 -30.62 31.39 4.30
CA ARG A 78 -31.66 30.66 5.01
C ARG A 78 -32.76 30.34 4.01
N ILE A 79 -33.12 29.06 3.92
CA ILE A 79 -34.17 28.61 3.02
C ILE A 79 -35.35 28.19 3.88
N ILE A 80 -36.54 28.64 3.50
CA ILE A 80 -37.79 28.18 4.09
C ILE A 80 -38.67 27.78 2.91
N GLY A 81 -38.91 26.49 2.76
CA GLY A 81 -39.61 25.99 1.60
C GLY A 81 -40.68 24.99 1.98
N VAL A 82 -41.68 24.89 1.09
CA VAL A 82 -42.74 23.91 1.20
C VAL A 82 -42.81 23.16 -0.12
N GLY A 83 -43.53 22.04 -0.09
CA GLY A 83 -43.66 21.24 -1.30
C GLY A 83 -44.68 20.16 -1.12
N GLU A 84 -44.58 19.14 -1.97
CA GLU A 84 -45.49 18.02 -1.94
C GLU A 84 -44.70 16.72 -1.83
N VAL A 85 -45.30 15.75 -1.15
CA VAL A 85 -44.79 14.38 -1.07
C VAL A 85 -45.66 13.53 -1.98
N LEU A 86 -45.06 12.90 -2.99
CA LEU A 86 -45.79 12.19 -4.02
C LEU A 86 -45.24 10.79 -4.23
N ASP A 87 -46.06 9.98 -4.90
CA ASP A 87 -45.60 8.71 -5.46
C ASP A 87 -44.75 9.03 -6.68
N ARG A 88 -43.47 8.66 -6.65
CA ARG A 88 -42.61 8.92 -7.80
C ARG A 88 -42.90 8.01 -8.99
N GLY A 89 -43.99 7.24 -8.94
CA GLY A 89 -44.39 6.35 -9.99
C GLY A 89 -44.17 4.88 -9.69
N ASP A 90 -43.09 4.56 -8.97
CA ASP A 90 -42.67 3.20 -8.60
C ASP A 90 -43.11 2.77 -7.20
N LYS A 91 -44.12 3.47 -6.62
CA LYS A 91 -44.64 3.18 -5.28
C LYS A 91 -43.68 3.62 -4.15
N VAL A 92 -42.80 4.58 -4.43
CA VAL A 92 -41.90 5.15 -3.43
C VAL A 92 -42.14 6.66 -3.24
N PRO A 93 -42.20 7.17 -2.01
CA PRO A 93 -42.45 8.60 -1.83
C PRO A 93 -41.24 9.40 -2.33
N SER A 94 -41.46 10.58 -2.92
CA SER A 94 -40.28 11.44 -3.06
C SER A 94 -40.84 12.85 -2.91
N MET A 95 -39.92 13.77 -2.75
CA MET A 95 -40.25 15.14 -2.40
C MET A 95 -39.90 16.14 -3.49
N PHE A 96 -40.81 17.10 -3.71
CA PHE A 96 -40.66 18.10 -4.77
C PHE A 96 -40.98 19.49 -4.21
N MET A 97 -40.01 20.38 -4.28
CA MET A 97 -40.22 21.73 -3.76
C MET A 97 -41.14 22.52 -4.69
N THR A 98 -42.06 23.28 -4.10
CA THR A 98 -42.98 24.12 -4.87
C THR A 98 -42.89 25.61 -4.55
N ASN A 99 -42.40 25.99 -3.38
CA ASN A 99 -42.42 27.37 -2.94
C ASN A 99 -41.27 27.61 -1.98
N VAL A 100 -40.33 28.48 -2.36
CA VAL A 100 -39.10 28.71 -1.61
C VAL A 100 -39.01 30.19 -1.25
N TRP A 101 -38.59 30.47 -0.02
CA TRP A 101 -38.39 31.83 0.45
C TRP A 101 -37.05 31.94 1.17
N THR A 102 -36.30 33.00 0.89
CA THR A 102 -34.99 33.22 1.52
C THR A 102 -34.95 34.58 2.22
N PRO A 103 -35.08 34.63 3.54
CA PRO A 103 -35.20 35.93 4.22
C PRO A 103 -33.92 36.74 4.13
N PRO A 104 -34.00 38.06 4.21
CA PRO A 104 -32.84 38.93 3.90
C PRO A 104 -31.60 38.74 4.76
N ASN A 105 -31.70 38.53 6.07
CA ASN A 105 -30.52 38.55 6.93
C ASN A 105 -30.35 37.20 7.62
N PRO A 106 -29.64 36.26 7.01
CA PRO A 106 -29.67 34.87 7.49
C PRO A 106 -29.18 34.67 8.91
N SER A 107 -28.28 35.51 9.39
CA SER A 107 -27.70 35.31 10.72
C SER A 107 -28.64 35.72 11.85
N THR A 108 -29.78 36.34 11.55
CA THR A 108 -30.68 36.81 12.59
C THR A 108 -31.89 35.91 12.79
N ILE A 109 -32.07 34.87 11.97
CA ILE A 109 -33.22 33.97 12.05
C ILE A 109 -32.79 32.73 12.83
N HIS A 110 -33.52 32.41 13.91
CA HIS A 110 -33.19 31.25 14.71
C HIS A 110 -34.45 30.47 15.08
N HIS A 111 -34.26 29.16 15.26
CA HIS A 111 -35.25 28.25 15.84
C HIS A 111 -36.64 28.37 15.20
N CYS A 112 -36.68 28.14 13.88
CA CYS A 112 -37.95 28.08 13.14
C CYS A 112 -38.71 26.80 13.44
N SER A 113 -40.03 26.91 13.30
CA SER A 113 -40.96 25.82 13.60
C SER A 113 -42.15 25.95 12.66
N SER A 114 -42.55 24.85 12.03
CA SER A 114 -43.57 24.88 10.98
C SER A 114 -44.79 24.03 11.34
N THR A 115 -45.96 24.59 11.13
CA THR A 115 -47.23 23.91 11.36
C THR A 115 -48.09 24.08 10.11
N TYR A 116 -48.70 23.02 9.65
CA TYR A 116 -49.53 23.02 8.47
C TYR A 116 -51.01 23.25 8.69
N HIS A 117 -51.63 24.07 7.86
CA HIS A 117 -53.07 24.31 7.84
C HIS A 117 -53.47 24.62 6.40
N GLU A 118 -54.69 24.25 6.04
CA GLU A 118 -55.09 23.72 4.73
C GLU A 118 -54.30 24.18 3.51
N ASP A 119 -54.14 25.48 3.29
CA ASP A 119 -53.45 25.93 2.09
C ASP A 119 -52.00 26.29 2.34
N PHE A 120 -51.60 26.41 3.60
CA PHE A 120 -50.32 26.99 3.93
C PHE A 120 -49.57 26.15 4.94
N TYR A 121 -48.27 26.43 5.02
CA TYR A 121 -47.48 26.15 6.20
C TYR A 121 -47.22 27.50 6.87
N TYR A 122 -47.43 27.56 8.18
CA TYR A 122 -47.10 28.73 8.97
C TYR A 122 -45.80 28.43 9.70
N THR A 123 -44.79 29.27 9.52
CA THR A 123 -43.47 29.04 10.10
C THR A 123 -43.11 30.15 11.08
N LEU A 124 -42.95 29.77 12.35
CA LEU A 124 -42.62 30.68 13.45
C LEU A 124 -41.13 30.64 13.73
N CYS A 125 -40.45 31.80 13.67
CA CYS A 125 -39.02 31.89 13.93
C CYS A 125 -38.72 32.95 14.99
N ALA A 126 -37.52 32.87 15.54
CA ALA A 126 -37.01 33.87 16.45
C ALA A 126 -35.99 34.76 15.74
N VAL A 127 -36.06 36.05 16.01
CA VAL A 127 -35.15 37.04 15.45
C VAL A 127 -34.27 37.59 16.57
N SER A 128 -32.96 37.58 16.33
CA SER A 128 -32.01 37.98 17.35
C SER A 128 -30.83 38.65 16.67
N HIS A 129 -30.32 39.71 17.30
CA HIS A 129 -29.08 40.33 16.86
C HIS A 129 -27.93 40.01 17.80
N VAL A 130 -28.14 39.08 18.73
CA VAL A 130 -27.13 38.67 19.69
C VAL A 130 -26.81 37.18 19.58
N GLY A 131 -27.23 36.54 18.50
CA GLY A 131 -26.99 35.12 18.32
C GLY A 131 -28.13 34.28 18.82
N ASP A 132 -27.84 33.00 19.02
CA ASP A 132 -28.82 32.05 19.52
C ASP A 132 -29.37 32.52 20.87
N PRO A 133 -30.67 32.79 20.97
CA PRO A 133 -31.24 33.21 22.25
C PRO A 133 -30.95 32.25 23.39
N ILE A 134 -30.78 30.96 23.10
CA ILE A 134 -30.50 30.00 24.17
C ILE A 134 -29.13 30.28 24.79
N LEU A 135 -28.14 30.63 23.97
CA LEU A 135 -26.79 30.88 24.45
C LEU A 135 -26.56 32.31 24.88
N ASN A 136 -27.50 33.23 24.62
CA ASN A 136 -27.39 34.62 25.05
C ASN A 136 -28.73 35.11 25.59
N SER A 137 -29.34 34.31 26.46
CA SER A 137 -30.72 34.55 26.89
C SER A 137 -30.91 35.95 27.45
N THR A 138 -30.01 36.38 28.34
CA THR A 138 -30.22 37.64 29.03
C THR A 138 -30.10 38.84 28.11
N SER A 139 -29.38 38.72 27.00
CA SER A 139 -29.24 39.82 26.05
C SER A 139 -30.26 39.76 24.93
N TRP A 140 -31.09 38.73 24.88
CA TRP A 140 -32.03 38.55 23.78
C TRP A 140 -33.29 39.35 24.06
N THR A 141 -33.64 40.25 23.14
CA THR A 141 -34.91 40.93 23.18
C THR A 141 -35.90 40.07 22.40
N GLU A 142 -36.91 39.55 23.08
CA GLU A 142 -37.83 38.62 22.44
C GLU A 142 -38.46 39.26 21.21
N SER A 143 -38.22 38.64 20.06
CA SER A 143 -38.80 39.12 18.82
C SER A 143 -39.12 37.91 17.95
N LEU A 144 -40.37 37.80 17.52
CA LEU A 144 -40.83 36.64 16.77
C LEU A 144 -41.35 37.05 15.41
N SER A 145 -41.18 36.16 14.43
CA SER A 145 -41.58 36.40 13.05
C SER A 145 -42.45 35.24 12.57
N LEU A 146 -43.42 35.57 11.71
CA LEU A 146 -44.34 34.58 11.13
C LEU A 146 -44.34 34.74 9.62
N ILE A 147 -44.01 33.66 8.92
CA ILE A 147 -44.06 33.63 7.46
C ILE A 147 -45.02 32.53 7.04
N ARG A 148 -45.93 32.86 6.13
CA ARG A 148 -46.93 31.91 5.65
C ARG A 148 -46.62 31.58 4.20
N LEU A 149 -46.59 30.29 3.87
CA LEU A 149 -46.22 29.86 2.53
C LEU A 149 -47.27 28.90 2.00
N ALA A 150 -47.76 29.18 0.79
CA ALA A 150 -48.75 28.32 0.16
C ALA A 150 -48.08 27.08 -0.39
N VAL A 151 -48.66 25.92 -0.08
CA VAL A 151 -48.07 24.67 -0.55
C VAL A 151 -48.24 24.51 -2.05
N ARG A 152 -49.30 25.07 -2.62
CA ARG A 152 -49.48 25.07 -4.07
C ARG A 152 -49.65 26.50 -4.54
N PRO A 153 -48.56 27.17 -4.92
CA PRO A 153 -48.63 28.60 -5.24
C PRO A 153 -49.36 28.83 -6.56
N LYS A 154 -49.85 30.05 -6.70
CA LYS A 154 -50.60 30.48 -7.88
C LYS A 154 -49.91 31.70 -8.47
N SER A 155 -49.97 31.80 -9.79
CA SER A 155 -49.42 32.97 -10.45
C SER A 155 -50.37 34.16 -10.28
N ASP A 156 -49.79 35.35 -10.09
CA ASP A 156 -50.52 36.60 -9.92
C ASP A 156 -51.64 36.50 -8.89
N SER A 157 -51.29 36.05 -7.67
CA SER A 157 -52.27 35.84 -6.61
C SER A 157 -52.07 36.76 -5.40
N GLY A 158 -51.32 37.85 -5.57
CA GLY A 158 -51.11 38.77 -4.45
C GLY A 158 -50.29 38.17 -3.33
N ASP A 159 -50.81 38.23 -2.11
CA ASP A 159 -50.12 37.71 -0.94
C ASP A 159 -50.41 36.25 -0.68
N TYR A 160 -50.93 35.53 -1.68
CA TYR A 160 -51.30 34.13 -1.48
C TYR A 160 -50.06 33.24 -1.31
N ASN A 161 -49.07 33.42 -2.18
CA ASN A 161 -47.91 32.53 -2.16
C ASN A 161 -47.08 32.72 -0.89
N GLN A 162 -46.68 33.96 -0.58
CA GLN A 162 -45.80 34.24 0.55
C GLN A 162 -46.35 35.44 1.31
N LYS A 163 -46.40 35.32 2.63
CA LYS A 163 -46.95 36.41 3.44
C LYS A 163 -46.31 36.44 4.81
N TYR A 164 -45.86 37.62 5.22
CA TYR A 164 -45.57 37.88 6.62
C TYR A 164 -46.88 38.11 7.36
N ILE A 165 -46.91 37.70 8.62
CA ILE A 165 -48.05 37.97 9.47
C ILE A 165 -47.52 38.67 10.70
N ALA A 166 -48.06 39.85 10.99
CA ALA A 166 -47.55 40.67 12.08
C ALA A 166 -48.18 40.17 13.37
N ILE A 167 -47.35 39.94 14.39
CA ILE A 167 -47.81 39.41 15.66
C ILE A 167 -48.10 40.60 16.57
N THR A 168 -49.38 40.82 16.85
CA THR A 168 -49.81 41.94 17.68
C THR A 168 -49.45 41.71 19.14
N LYS A 169 -49.73 40.52 19.66
CA LYS A 169 -49.57 40.26 21.09
C LYS A 169 -48.97 38.90 21.36
N VAL A 170 -48.14 38.83 22.40
CA VAL A 170 -47.64 37.56 22.95
C VAL A 170 -48.09 37.48 24.40
N GLU A 171 -48.77 36.38 24.74
CA GLU A 171 -49.20 36.13 26.11
C GLU A 171 -48.26 35.07 26.68
N ARG A 172 -47.35 35.48 27.55
CA ARG A 172 -46.29 34.62 28.04
C ARG A 172 -46.47 34.22 29.49
N GLY A 173 -47.60 34.59 30.10
CA GLY A 173 -47.84 34.25 31.50
C GLY A 173 -46.78 34.85 32.42
N LYS A 174 -46.21 34.00 33.26
CA LYS A 174 -45.17 34.40 34.20
C LYS A 174 -43.78 34.44 33.57
N TYR A 175 -43.65 34.08 32.30
CA TYR A 175 -42.35 34.00 31.66
C TYR A 175 -41.94 35.35 31.08
N ASP A 176 -40.64 35.65 31.17
CA ASP A 176 -40.13 36.88 30.58
C ASP A 176 -40.06 36.78 29.06
N LYS A 177 -39.58 35.65 28.54
CA LYS A 177 -39.42 35.47 27.12
C LYS A 177 -39.92 34.08 26.74
N VAL A 178 -40.43 33.98 25.51
CA VAL A 178 -40.81 32.71 24.89
C VAL A 178 -40.38 32.77 23.44
N MET A 179 -40.18 31.59 22.84
CA MET A 179 -39.83 31.49 21.42
C MET A 179 -40.09 30.07 20.96
N PRO A 180 -40.23 29.86 19.65
CA PRO A 180 -40.40 28.49 19.14
C PRO A 180 -39.17 27.65 19.39
N TYR A 181 -39.39 26.37 19.70
CA TYR A 181 -38.27 25.47 19.99
C TYR A 181 -38.61 24.06 19.51
N GLY A 182 -38.35 23.78 18.24
CA GLY A 182 -38.66 22.49 17.69
C GLY A 182 -39.14 22.54 16.25
N PRO A 183 -39.04 21.42 15.52
CA PRO A 183 -39.25 21.50 14.06
C PRO A 183 -40.70 21.73 13.65
N SER A 184 -41.67 21.04 14.25
CA SER A 184 -43.02 21.12 13.69
C SER A 184 -44.07 20.95 14.78
N GLY A 185 -45.23 21.54 14.52
CA GLY A 185 -46.36 21.45 15.42
C GLY A 185 -47.57 20.93 14.70
N ILE A 186 -48.75 21.04 15.32
CA ILE A 186 -49.98 20.53 14.72
C ILE A 186 -51.04 21.61 14.72
N LYS A 187 -52.14 21.27 14.06
CA LYS A 187 -53.38 22.03 14.10
C LYS A 187 -54.43 21.17 14.81
N GLN A 188 -55.32 21.85 15.53
CA GLN A 188 -56.52 21.22 16.09
C GLN A 188 -57.68 22.14 15.70
N GLY A 189 -58.38 21.77 14.63
CA GLY A 189 -59.36 22.65 14.06
C GLY A 189 -58.70 23.82 13.38
N ASP A 190 -58.98 25.03 13.84
CA ASP A 190 -58.37 26.24 13.31
C ASP A 190 -57.36 26.85 14.29
N THR A 191 -56.87 26.06 15.24
CA THR A 191 -55.85 26.49 16.18
C THR A 191 -54.55 25.75 15.89
N LEU A 192 -53.46 26.50 15.77
CA LEU A 192 -52.15 25.93 15.52
C LEU A 192 -51.30 26.01 16.78
N TYR A 193 -50.49 24.98 17.00
CA TYR A 193 -49.60 24.90 18.15
C TYR A 193 -48.18 24.66 17.67
N PHE A 194 -47.26 25.45 18.17
CA PHE A 194 -45.86 25.25 17.83
C PHE A 194 -45.11 24.78 19.07
N PRO A 195 -44.17 23.85 18.96
CA PRO A 195 -43.33 23.54 20.11
C PRO A 195 -42.55 24.78 20.50
N ALA A 196 -42.51 25.07 21.80
CA ALA A 196 -41.96 26.33 22.27
C ALA A 196 -41.18 26.10 23.55
N VAL A 197 -40.54 27.17 24.02
CA VAL A 197 -39.82 27.15 25.28
C VAL A 197 -40.06 28.48 25.98
N GLY A 198 -40.10 28.44 27.31
CA GLY A 198 -40.31 29.62 28.12
C GLY A 198 -39.08 29.89 28.96
N PHE A 199 -38.76 31.17 29.11
CA PHE A 199 -37.62 31.62 29.91
C PHE A 199 -38.14 32.12 31.25
N LEU A 200 -37.82 31.40 32.32
CA LEU A 200 -38.23 31.78 33.66
C LEU A 200 -37.01 32.07 34.52
N PRO A 201 -36.95 33.22 35.19
CA PRO A 201 -35.83 33.49 36.10
C PRO A 201 -35.80 32.46 37.21
N ARG A 202 -34.57 32.05 37.60
CA ARG A 202 -34.42 30.99 38.58
C ARG A 202 -35.07 31.35 39.91
N THR A 203 -35.03 32.63 40.27
CA THR A 203 -35.60 33.10 41.52
C THR A 203 -37.11 32.99 41.55
N GLU A 204 -37.76 32.86 40.39
CA GLU A 204 -39.20 32.67 40.31
C GLU A 204 -39.56 31.22 39.99
N PHE A 205 -38.58 30.35 39.85
CA PHE A 205 -38.86 28.96 39.53
C PHE A 205 -39.37 28.26 40.77
N GLN A 206 -40.57 27.67 40.68
CA GLN A 206 -41.19 26.99 41.80
C GLN A 206 -40.84 25.51 41.71
N TYR A 207 -40.07 25.02 42.68
CA TYR A 207 -39.59 23.65 42.62
C TYR A 207 -39.25 23.17 44.01
N ASN A 208 -39.71 21.97 44.37
CA ASN A 208 -39.38 21.32 45.63
C ASN A 208 -38.24 20.35 45.38
N ASP A 209 -37.09 20.62 45.99
CA ASP A 209 -35.91 19.81 45.72
C ASP A 209 -36.08 18.36 46.13
N SER A 210 -37.16 18.01 46.83
CA SER A 210 -37.35 16.62 47.24
C SER A 210 -37.98 15.76 46.16
N ASN A 211 -38.37 16.33 45.02
CA ASN A 211 -38.84 15.53 43.89
C ASN A 211 -37.69 14.97 43.04
N CYS A 212 -36.47 15.37 43.31
CA CYS A 212 -35.33 14.86 42.55
C CYS A 212 -35.03 13.42 42.93
N PRO A 213 -35.12 12.47 42.01
CA PRO A 213 -34.94 11.03 42.31
C PRO A 213 -33.48 10.60 42.46
N ILE A 214 -32.92 10.81 43.65
CA ILE A 214 -31.51 10.51 43.85
C ILE A 214 -31.29 9.16 44.52
N ILE A 215 -32.34 8.44 44.88
CA ILE A 215 -32.15 7.08 45.39
C ILE A 215 -31.67 6.16 44.26
N HIS A 216 -30.74 5.27 44.59
CA HIS A 216 -29.91 4.42 43.71
C HIS A 216 -28.86 5.22 42.97
N CYS A 217 -28.61 6.46 43.36
CA CYS A 217 -27.55 7.28 42.75
C CYS A 217 -26.80 7.96 43.88
N LYS A 218 -25.81 7.26 44.43
CA LYS A 218 -25.16 7.71 45.66
C LYS A 218 -24.39 9.01 45.47
N TYR A 219 -23.97 9.33 44.24
CA TYR A 219 -23.23 10.56 44.00
C TYR A 219 -24.11 11.73 43.64
N SER A 220 -25.40 11.51 43.41
CA SER A 220 -26.27 12.61 43.02
C SER A 220 -26.82 13.29 44.27
N LYS A 221 -27.11 14.58 44.14
CA LYS A 221 -27.64 15.38 45.23
C LYS A 221 -29.01 15.91 44.85
N ALA A 222 -29.79 16.27 45.87
CA ALA A 222 -31.19 16.67 45.66
C ALA A 222 -31.31 17.91 44.79
N GLU A 223 -30.28 18.75 44.73
CA GLU A 223 -30.34 19.99 43.97
C GLU A 223 -30.10 19.78 42.48
N ASN A 224 -29.71 18.58 42.05
CA ASN A 224 -29.22 18.39 40.69
C ASN A 224 -30.32 18.62 39.65
N CYS A 225 -31.56 18.22 39.95
CA CYS A 225 -32.65 18.41 39.00
C CYS A 225 -32.90 19.91 38.76
N ARG A 226 -33.03 20.67 39.85
CA ARG A 226 -33.29 22.10 39.72
C ARG A 226 -32.14 22.82 39.02
N LEU A 227 -30.90 22.43 39.33
CA LEU A 227 -29.75 23.05 38.68
C LEU A 227 -29.64 22.66 37.21
N SER A 228 -30.23 21.53 36.81
CA SER A 228 -30.20 21.11 35.42
C SER A 228 -31.40 21.60 34.64
N MET A 229 -32.17 22.53 35.20
CA MET A 229 -33.26 23.15 34.47
C MET A 229 -32.81 24.38 33.70
N GLY A 230 -31.52 24.72 33.78
CA GLY A 230 -30.95 25.79 32.99
C GLY A 230 -29.69 25.30 32.31
N VAL A 231 -29.19 26.11 31.37
CA VAL A 231 -28.08 25.66 30.54
C VAL A 231 -26.79 25.46 31.34
N ASN A 232 -26.68 26.03 32.56
CA ASN A 232 -25.64 25.65 33.53
C ASN A 232 -26.15 26.02 34.91
N SER A 233 -25.44 25.56 35.96
CA SER A 233 -26.00 25.64 37.32
C SER A 233 -26.44 27.04 37.68
N LYS A 234 -25.74 28.02 37.16
CA LYS A 234 -25.93 29.38 37.60
C LYS A 234 -26.53 30.27 36.52
N SER A 235 -27.17 29.66 35.53
CA SER A 235 -27.91 30.41 34.54
C SER A 235 -28.88 31.37 35.21
N HIS A 236 -29.09 32.53 34.58
CA HIS A 236 -30.09 33.45 35.08
C HIS A 236 -31.49 32.87 34.91
N TYR A 237 -31.72 32.13 33.82
CA TYR A 237 -33.01 31.55 33.51
C TYR A 237 -32.99 30.04 33.65
N ILE A 238 -34.17 29.47 33.81
CA ILE A 238 -34.42 28.07 33.53
C ILE A 238 -35.29 28.01 32.28
N LEU A 239 -35.20 26.89 31.57
CA LEU A 239 -35.92 26.71 30.32
C LEU A 239 -37.02 25.68 30.53
N ARG A 240 -38.25 26.03 30.14
CA ARG A 240 -39.40 25.15 30.32
C ARG A 240 -40.08 24.94 28.98
N SER A 241 -40.22 23.69 28.57
CA SER A 241 -40.85 23.38 27.30
C SER A 241 -42.34 23.75 27.33
N GLY A 242 -42.90 23.85 26.13
CA GLY A 242 -44.33 24.06 26.02
C GLY A 242 -44.74 24.26 24.56
N LEU A 243 -45.86 24.96 24.40
CA LEU A 243 -46.44 25.22 23.09
C LEU A 243 -46.74 26.71 22.94
N LEU A 244 -46.67 27.18 21.70
CA LEU A 244 -47.16 28.52 21.35
C LEU A 244 -48.44 28.33 20.55
N LYS A 245 -49.52 28.95 21.02
CA LYS A 245 -50.86 28.71 20.51
C LYS A 245 -51.30 29.91 19.68
N TYR A 246 -51.76 29.63 18.46
CA TYR A 246 -52.18 30.66 17.50
C TYR A 246 -53.54 30.25 16.96
N ASN A 247 -54.58 30.94 17.40
CA ASN A 247 -55.96 30.61 17.04
C ASN A 247 -56.36 31.43 15.82
N LEU A 248 -56.49 30.76 14.67
CA LEU A 248 -56.76 31.45 13.41
C LEU A 248 -58.18 31.99 13.33
N SER A 249 -59.12 31.37 14.04
CA SER A 249 -60.51 31.82 14.02
C SER A 249 -60.71 33.20 14.61
N LEU A 250 -59.72 33.75 15.33
CA LEU A 250 -59.88 35.09 15.87
C LEU A 250 -59.70 36.13 14.78
N GLY A 251 -60.43 37.23 14.92
CA GLY A 251 -60.45 38.22 13.88
C GLY A 251 -59.34 39.23 14.01
N GLY A 252 -58.49 39.37 12.99
CA GLY A 252 -57.47 40.38 13.12
C GLY A 252 -56.34 40.04 14.08
N ASP A 253 -56.70 39.49 15.23
CA ASP A 253 -55.76 39.28 16.32
C ASP A 253 -54.85 38.10 16.04
N ILE A 254 -53.56 38.36 15.87
CA ILE A 254 -52.57 37.30 15.91
C ILE A 254 -51.97 37.36 17.30
N ILE A 255 -52.46 36.48 18.16
CA ILE A 255 -51.99 36.33 19.52
C ILE A 255 -51.34 34.97 19.59
N LEU A 256 -50.16 34.92 20.19
CA LEU A 256 -49.52 33.65 20.49
C LEU A 256 -49.51 33.53 22.00
N GLN A 257 -50.10 32.46 22.54
CA GLN A 257 -49.94 32.23 23.97
C GLN A 257 -49.04 31.02 24.19
N PHE A 258 -48.30 31.13 25.26
CA PHE A 258 -47.44 30.06 25.74
C PHE A 258 -48.26 29.14 26.65
N ILE A 259 -48.05 27.85 26.45
CA ILE A 259 -48.65 26.80 27.27
C ILE A 259 -47.50 25.98 27.78
N GLU A 260 -47.29 25.98 29.09
CA GLU A 260 -46.16 25.26 29.64
C GLU A 260 -46.47 23.77 29.70
N ILE A 261 -45.42 22.98 29.59
CA ILE A 261 -45.56 21.55 29.79
C ILE A 261 -45.67 21.28 31.29
N ALA A 262 -46.40 20.24 31.65
CA ALA A 262 -46.56 19.89 33.05
C ALA A 262 -45.24 19.36 33.60
N ASP A 263 -45.13 19.35 34.93
CA ASP A 263 -43.89 18.95 35.59
C ASP A 263 -43.81 17.44 35.77
N ASN A 264 -44.66 16.72 35.06
CA ASN A 264 -44.61 15.26 35.01
C ASN A 264 -43.37 14.83 34.22
N ARG A 265 -42.42 14.20 34.91
CA ARG A 265 -41.11 13.81 34.35
C ARG A 265 -40.41 15.02 33.72
N LEU A 266 -40.25 16.05 34.53
CA LEU A 266 -39.69 17.32 34.05
C LEU A 266 -38.21 17.19 33.71
N THR A 267 -37.83 17.75 32.55
CA THR A 267 -36.44 17.93 32.15
C THR A 267 -36.28 19.31 31.53
N ILE A 268 -35.03 19.71 31.28
CA ILE A 268 -34.77 21.05 30.75
C ILE A 268 -35.46 21.23 29.40
N GLY A 269 -35.93 22.44 29.15
CA GLY A 269 -36.56 22.75 27.88
C GLY A 269 -35.63 22.48 26.71
N SER A 270 -36.10 21.71 25.74
CA SER A 270 -35.26 21.30 24.64
C SER A 270 -36.10 21.31 23.36
N PRO A 271 -35.48 21.25 22.18
CA PRO A 271 -36.29 21.22 20.96
C PRO A 271 -37.24 20.05 21.03
N SER A 272 -38.45 20.25 20.54
CA SER A 272 -39.49 19.25 20.72
C SER A 272 -40.39 19.26 19.50
N LYS A 273 -41.27 18.27 19.46
CA LYS A 273 -42.18 18.11 18.35
C LYS A 273 -43.51 17.59 18.89
N ILE A 274 -44.60 18.13 18.35
CA ILE A 274 -45.93 17.61 18.63
C ILE A 274 -46.57 17.27 17.30
N TYR A 275 -47.04 16.03 17.19
CA TYR A 275 -47.57 15.54 15.94
C TYR A 275 -48.78 14.69 16.20
N ASN A 276 -49.57 14.50 15.15
CA ASN A 276 -50.73 13.62 15.19
C ASN A 276 -50.34 12.31 14.56
N SER A 277 -50.63 11.20 15.23
CA SER A 277 -50.44 9.89 14.60
C SER A 277 -51.66 9.06 14.90
N LEU A 278 -52.30 8.54 13.85
CA LEU A 278 -53.51 7.80 14.07
C LEU A 278 -54.40 8.63 14.95
N GLY A 279 -54.47 9.87 14.63
CA GLY A 279 -55.61 10.60 15.11
C GLY A 279 -55.55 11.24 16.50
N GLN A 280 -54.44 11.13 17.25
CA GLN A 280 -54.32 11.71 18.57
C GLN A 280 -52.99 12.44 18.59
N PRO A 281 -52.83 13.47 19.40
CA PRO A 281 -51.54 14.15 19.45
C PRO A 281 -50.50 13.33 20.19
N VAL A 282 -49.28 13.35 19.66
CA VAL A 282 -48.13 12.72 20.30
C VAL A 282 -47.07 13.80 20.51
N PHE A 283 -46.25 13.62 21.54
CA PHE A 283 -45.21 14.60 21.89
C PHE A 283 -43.85 13.93 22.00
N TYR A 284 -42.83 14.61 21.48
CA TYR A 284 -41.44 14.22 21.66
C TYR A 284 -40.66 15.40 22.20
N GLN A 285 -39.86 15.16 23.24
CA GLN A 285 -38.97 16.19 23.78
C GLN A 285 -37.55 15.65 23.77
N ALA A 286 -36.62 16.44 23.24
CA ALA A 286 -35.24 16.01 23.21
C ALA A 286 -34.67 15.92 24.63
N SER A 287 -33.76 14.99 24.83
CA SER A 287 -33.15 14.77 26.14
C SER A 287 -31.81 15.49 26.18
N TYR A 288 -31.80 16.68 26.79
CA TYR A 288 -30.64 17.55 26.83
C TYR A 288 -29.94 17.60 28.19
N SER A 289 -30.37 16.78 29.16
CA SER A 289 -29.74 16.73 30.48
C SER A 289 -29.66 15.29 30.97
N TRP A 290 -29.65 15.10 32.30
CA TRP A 290 -29.32 13.80 32.88
C TRP A 290 -30.30 12.70 32.51
N ASP A 291 -31.58 13.02 32.30
CA ASP A 291 -32.53 11.95 31.94
C ASP A 291 -32.38 11.65 30.45
N THR A 292 -31.60 10.62 30.13
CA THR A 292 -31.16 10.37 28.76
C THR A 292 -31.96 9.29 28.04
N MET A 293 -32.92 8.65 28.71
CA MET A 293 -33.82 7.75 27.99
C MET A 293 -34.83 8.57 27.21
N ILE A 294 -35.27 8.02 26.07
CA ILE A 294 -36.08 8.80 25.14
C ILE A 294 -37.38 9.23 25.81
N LYS A 295 -37.81 10.46 25.51
CA LYS A 295 -39.01 11.07 26.08
C LYS A 295 -40.04 11.27 24.97
N LEU A 296 -41.02 10.38 24.89
CA LEU A 296 -42.14 10.56 23.98
C LEU A 296 -43.38 9.92 24.59
N GLY A 297 -44.53 10.34 24.12
CA GLY A 297 -45.77 9.74 24.58
C GLY A 297 -46.96 10.48 24.02
N ASP A 298 -48.13 9.90 24.29
CA ASP A 298 -49.37 10.53 23.86
C ASP A 298 -49.70 11.72 24.75
N VAL A 299 -50.35 12.72 24.14
CA VAL A 299 -50.72 13.93 24.85
C VAL A 299 -52.06 13.68 25.55
N ASP A 300 -52.07 13.81 26.88
CA ASP A 300 -53.32 13.72 27.63
C ASP A 300 -54.19 14.93 27.38
N THR A 301 -53.64 16.12 27.58
CA THR A 301 -54.33 17.38 27.41
C THR A 301 -53.42 18.35 26.66
N VAL A 302 -54.01 19.12 25.75
CA VAL A 302 -53.20 20.08 25.01
C VAL A 302 -53.03 21.37 25.81
N ASP A 303 -54.09 21.82 26.48
CA ASP A 303 -54.03 23.01 27.34
C ASP A 303 -54.72 22.69 28.66
N PRO A 304 -53.99 22.65 29.79
CA PRO A 304 -52.53 22.74 29.86
C PRO A 304 -51.87 21.50 29.26
N LEU A 305 -50.65 21.65 28.76
CA LEU A 305 -50.01 20.57 28.00
C LEU A 305 -49.53 19.50 28.97
N ARG A 306 -49.99 18.28 28.76
CA ARG A 306 -49.57 17.17 29.61
C ARG A 306 -49.28 15.95 28.76
N VAL A 307 -48.10 15.38 28.96
CA VAL A 307 -47.61 14.27 28.18
C VAL A 307 -47.51 13.07 29.09
N GLN A 308 -47.94 11.96 28.53
CA GLN A 308 -48.13 10.65 29.10
C GLN A 308 -46.87 9.87 28.73
N TRP A 309 -45.72 10.22 29.33
CA TRP A 309 -44.43 9.70 28.84
C TRP A 309 -44.33 8.17 28.88
N ARG A 310 -43.80 7.59 27.80
CA ARG A 310 -43.54 6.15 27.80
C ARG A 310 -42.37 5.81 28.73
N ASN A 311 -42.43 4.62 29.32
CA ASN A 311 -41.33 4.09 30.10
C ASN A 311 -40.47 3.22 29.20
N ASN A 312 -39.63 3.91 28.43
CA ASN A 312 -38.81 3.30 27.39
C ASN A 312 -37.41 3.05 27.93
N SER A 313 -36.90 1.84 27.71
CA SER A 313 -35.60 1.42 28.23
C SER A 313 -34.63 1.03 27.13
N VAL A 314 -34.94 1.30 25.87
CA VAL A 314 -34.11 0.85 24.76
C VAL A 314 -33.50 1.97 23.95
N ILE A 315 -34.09 3.17 23.96
CA ILE A 315 -33.64 4.28 23.12
C ILE A 315 -33.04 5.35 24.02
N SER A 316 -31.83 5.78 23.68
CA SER A 316 -31.18 6.88 24.36
C SER A 316 -30.45 7.72 23.32
N ARG A 317 -29.55 8.59 23.76
CA ARG A 317 -28.85 9.48 22.85
C ARG A 317 -27.43 9.69 23.35
N PRO A 318 -26.49 10.00 22.47
CA PRO A 318 -25.12 10.25 22.92
C PRO A 318 -25.04 11.52 23.76
N GLY A 319 -24.08 11.52 24.68
CA GLY A 319 -23.87 12.65 25.55
C GLY A 319 -22.41 13.05 25.62
N GLN A 320 -22.04 13.58 26.78
CA GLN A 320 -20.65 13.94 27.09
C GLN A 320 -20.31 13.23 28.38
N SER A 321 -19.22 13.67 29.02
CA SER A 321 -18.69 12.96 30.18
C SER A 321 -19.72 12.78 31.29
N GLN A 322 -20.48 13.83 31.62
CA GLN A 322 -21.32 13.80 32.82
C GLN A 322 -22.58 12.97 32.64
N CYS A 323 -23.23 13.09 31.48
CA CYS A 323 -24.47 12.35 31.21
C CYS A 323 -24.40 11.75 29.81
N PRO A 324 -23.60 10.71 29.62
CA PRO A 324 -23.53 10.05 28.32
C PRO A 324 -24.75 9.15 28.13
N ARG A 325 -24.76 8.44 27.01
CA ARG A 325 -25.88 7.56 26.70
C ARG A 325 -26.10 6.56 27.84
N PHE A 326 -27.37 6.32 28.15
CA PHE A 326 -27.88 5.39 29.17
C PHE A 326 -27.72 5.94 30.58
N ASN A 327 -27.31 7.19 30.75
CA ASN A 327 -27.32 7.80 32.07
C ASN A 327 -28.75 7.97 32.54
N VAL A 328 -29.01 7.63 33.81
CA VAL A 328 -30.32 7.80 34.40
C VAL A 328 -30.29 8.50 35.74
N CYS A 329 -29.09 8.84 36.26
CA CYS A 329 -28.98 9.46 37.57
C CYS A 329 -28.79 10.97 37.46
N PRO A 330 -29.50 11.74 38.28
CA PRO A 330 -29.48 13.20 38.15
C PRO A 330 -28.09 13.80 38.30
N GLU A 331 -27.61 14.44 37.24
CA GLU A 331 -26.38 15.20 37.23
C GLU A 331 -26.68 16.59 36.69
N VAL A 332 -25.74 17.51 36.86
CA VAL A 332 -25.87 18.85 36.31
C VAL A 332 -25.10 18.88 35.00
N CYS A 333 -25.85 18.78 33.90
CA CYS A 333 -25.29 18.65 32.56
C CYS A 333 -26.27 19.28 31.58
N TRP A 334 -25.74 19.75 30.45
CA TRP A 334 -26.56 20.23 29.32
C TRP A 334 -25.88 19.72 28.06
N GLU A 335 -26.34 18.57 27.57
CA GLU A 335 -25.75 17.98 26.38
C GLU A 335 -26.72 16.95 25.80
N GLY A 336 -26.53 16.64 24.53
CA GLY A 336 -27.33 15.63 23.88
C GLY A 336 -27.59 15.98 22.42
N THR A 337 -28.46 15.19 21.81
CA THR A 337 -28.85 15.38 20.42
C THR A 337 -30.37 15.32 20.31
N TYR A 338 -30.89 15.84 19.22
CA TYR A 338 -32.32 15.73 18.91
C TYR A 338 -32.48 14.60 17.91
N ASN A 339 -33.18 13.52 18.32
CA ASN A 339 -33.47 12.38 17.44
C ASN A 339 -34.88 11.89 17.74
N ASP A 340 -35.86 12.41 17.00
CA ASP A 340 -37.25 12.17 17.35
C ASP A 340 -37.69 10.78 16.89
N ALA A 341 -38.86 10.38 17.35
CA ALA A 341 -39.46 9.13 16.91
C ALA A 341 -40.93 9.37 16.65
N PHE A 342 -41.51 8.55 15.78
CA PHE A 342 -42.86 8.78 15.28
C PHE A 342 -43.72 7.55 15.58
N LEU A 343 -44.78 7.76 16.35
CA LEU A 343 -45.68 6.65 16.66
C LEU A 343 -46.38 6.18 15.39
N ILE A 344 -46.30 4.87 15.14
CA ILE A 344 -46.90 4.29 13.94
C ILE A 344 -47.99 3.28 14.27
N ASP A 345 -48.12 2.86 15.52
CA ASP A 345 -49.18 1.93 15.92
C ASP A 345 -49.47 2.15 17.40
N ARG A 346 -50.63 2.74 17.71
CA ARG A 346 -50.95 2.96 19.12
C ARG A 346 -51.40 1.69 19.83
N LEU A 347 -51.91 0.70 19.08
CA LEU A 347 -52.41 -0.53 19.71
C LEU A 347 -51.29 -1.31 20.39
N ASN A 348 -50.07 -1.25 19.87
CA ASN A 348 -48.90 -1.87 20.49
C ASN A 348 -47.82 -0.86 20.86
N TRP A 349 -48.08 0.43 20.68
CA TRP A 349 -47.14 1.53 20.92
C TRP A 349 -45.75 1.26 20.34
N VAL A 350 -45.72 1.10 19.03
CA VAL A 350 -44.46 0.95 18.29
C VAL A 350 -44.20 2.24 17.53
N SER A 351 -42.96 2.70 17.58
CA SER A 351 -42.56 3.94 16.92
C SER A 351 -41.38 3.67 16.01
N ALA A 352 -41.19 4.57 15.06
CA ALA A 352 -40.04 4.54 14.18
C ALA A 352 -39.27 5.83 14.35
N GLY A 353 -37.95 5.73 14.27
CA GLY A 353 -37.10 6.90 14.36
C GLY A 353 -35.66 6.50 14.13
N VAL A 354 -34.80 7.50 14.13
CA VAL A 354 -33.37 7.28 13.99
C VAL A 354 -32.71 7.61 15.33
N TYR A 355 -31.80 6.74 15.76
CA TYR A 355 -30.99 7.01 16.94
C TYR A 355 -29.53 6.91 16.54
N LEU A 356 -28.70 7.60 17.32
CA LEU A 356 -27.25 7.61 17.10
C LEU A 356 -26.64 6.53 17.97
N ASN A 357 -26.06 5.51 17.35
CA ASN A 357 -25.55 4.35 18.08
C ASN A 357 -24.13 4.64 18.57
N SER A 358 -24.05 5.59 19.48
CA SER A 358 -22.76 5.97 20.06
C SER A 358 -22.99 6.54 21.46
N ASN A 359 -22.02 6.30 22.34
CA ASN A 359 -22.16 6.68 23.74
C ASN A 359 -21.93 8.18 23.96
N GLN A 360 -20.86 8.72 23.37
CA GLN A 360 -20.53 10.13 23.54
C GLN A 360 -20.20 10.85 22.24
N THR A 361 -20.29 10.17 21.10
CA THR A 361 -19.94 10.77 19.82
C THR A 361 -21.17 10.80 18.91
N ALA A 362 -21.20 11.79 18.03
CA ALA A 362 -22.29 11.94 17.07
C ALA A 362 -21.98 11.14 15.81
N GLU A 363 -22.22 9.83 15.88
CA GLU A 363 -21.98 8.98 14.70
C GLU A 363 -22.82 7.70 14.79
N ASN A 364 -22.80 6.95 13.67
CA ASN A 364 -23.48 5.67 13.46
C ASN A 364 -25.00 5.79 13.52
N PRO A 365 -25.63 6.48 12.56
CA PRO A 365 -27.10 6.57 12.56
C PRO A 365 -27.74 5.22 12.25
N VAL A 366 -28.81 4.92 12.98
CA VAL A 366 -29.56 3.67 12.82
C VAL A 366 -31.05 3.97 12.78
N PHE A 367 -31.75 3.48 11.76
CA PHE A 367 -33.20 3.56 11.70
C PHE A 367 -33.79 2.35 12.42
N ALA A 368 -34.68 2.60 13.37
CA ALA A 368 -35.18 1.53 14.22
C ALA A 368 -36.68 1.66 14.44
N VAL A 369 -37.34 0.51 14.48
CA VAL A 369 -38.74 0.38 14.87
C VAL A 369 -38.75 -0.35 16.21
N PHE A 370 -39.41 0.24 17.21
CA PHE A 370 -39.21 -0.21 18.59
C PHE A 370 -40.45 -0.03 19.44
N LYS A 371 -40.52 -0.81 20.51
CA LYS A 371 -41.53 -0.72 21.56
C LYS A 371 -40.88 -0.16 22.83
N ASP A 372 -41.69 -0.01 23.87
CA ASP A 372 -41.21 0.56 25.13
C ASP A 372 -39.95 -0.14 25.62
N ASN A 373 -39.93 -1.47 25.58
CA ASN A 373 -38.83 -2.24 26.18
C ASN A 373 -38.09 -3.13 25.20
N GLU A 374 -38.32 -2.97 23.90
CA GLU A 374 -37.60 -3.70 22.87
C GLU A 374 -37.65 -3.08 21.48
N ILE A 375 -36.50 -3.19 20.83
CA ILE A 375 -36.29 -2.85 19.45
C ILE A 375 -36.63 -4.08 18.63
N LEU A 376 -37.70 -3.99 17.83
CA LEU A 376 -38.11 -5.13 17.03
C LEU A 376 -37.20 -5.29 15.81
N TYR A 377 -37.05 -4.23 15.03
CA TYR A 377 -36.10 -4.31 13.92
C TYR A 377 -35.49 -2.96 13.63
N GLN A 378 -34.27 -2.98 13.05
CA GLN A 378 -33.49 -1.79 12.81
C GLN A 378 -32.52 -2.07 11.66
N VAL A 379 -31.92 -1.00 11.15
CA VAL A 379 -30.93 -1.10 10.09
C VAL A 379 -30.03 0.13 10.11
N PRO A 380 -28.72 -0.03 9.94
CA PRO A 380 -27.87 1.16 9.78
C PRO A 380 -28.21 1.94 8.52
N LEU A 381 -28.05 3.25 8.61
CA LEU A 381 -28.28 4.12 7.46
C LEU A 381 -27.01 4.34 6.63
N ALA A 382 -25.86 4.00 7.18
CA ALA A 382 -24.57 4.22 6.54
C ALA A 382 -23.61 3.24 7.21
N GLU A 383 -22.32 3.44 7.07
CA GLU A 383 -21.46 2.67 7.95
C GLU A 383 -21.25 3.27 9.32
N ASP A 384 -20.55 2.49 10.13
CA ASP A 384 -20.20 2.98 11.45
C ASP A 384 -19.23 4.13 11.23
N ASP A 385 -18.96 4.87 12.30
CA ASP A 385 -18.03 5.98 12.22
C ASP A 385 -18.45 6.95 11.12
N THR A 386 -19.65 6.79 10.55
CA THR A 386 -20.24 7.83 9.73
C THR A 386 -20.79 8.88 10.70
N ASN A 387 -20.49 10.14 10.45
CA ASN A 387 -20.87 11.20 11.37
C ASN A 387 -22.34 11.57 11.17
N ALA A 388 -23.07 11.68 12.26
CA ALA A 388 -24.50 12.00 12.21
C ALA A 388 -24.89 12.78 13.45
N GLN A 389 -25.93 13.59 13.30
CA GLN A 389 -26.43 14.49 14.34
C GLN A 389 -27.95 14.50 14.31
N LYS A 390 -28.55 15.70 14.37
CA LYS A 390 -30.00 15.83 14.44
C LYS A 390 -30.72 15.00 13.39
N THR A 391 -31.78 14.31 13.82
CA THR A 391 -32.64 13.50 12.95
C THR A 391 -34.10 13.81 13.22
N ILE A 392 -34.87 13.96 12.15
CA ILE A 392 -36.30 14.26 12.21
C ILE A 392 -37.04 13.22 11.38
N THR A 393 -38.00 12.53 11.99
CA THR A 393 -38.75 11.48 11.33
C THR A 393 -40.24 11.81 11.27
N ASP A 394 -40.84 11.63 10.11
CA ASP A 394 -42.28 11.69 9.96
C ASP A 394 -42.73 10.49 9.16
N CYS A 395 -43.77 9.80 9.63
CA CYS A 395 -44.32 8.66 8.90
C CYS A 395 -45.74 8.96 8.47
N PHE A 396 -46.14 8.37 7.34
CA PHE A 396 -47.39 8.69 6.67
C PHE A 396 -47.83 7.45 5.86
N LEU A 397 -48.91 7.61 5.10
CA LEU A 397 -49.44 6.52 4.29
C LEU A 397 -49.28 6.80 2.81
N LEU A 398 -48.87 5.77 2.08
CA LEU A 398 -48.81 5.78 0.62
C LEU A 398 -49.66 4.59 0.18
N GLU A 399 -50.89 4.88 -0.22
CA GLU A 399 -51.91 3.88 -0.54
C GLU A 399 -51.94 2.79 0.52
N ASN A 400 -52.10 3.24 1.76
CA ASN A 400 -52.33 2.46 2.97
C ASN A 400 -51.11 1.68 3.46
N VAL A 401 -49.92 1.94 2.93
CA VAL A 401 -48.69 1.36 3.47
C VAL A 401 -47.99 2.42 4.28
N ILE A 402 -47.53 2.06 5.48
CA ILE A 402 -46.84 3.01 6.35
C ILE A 402 -45.44 3.24 5.81
N TRP A 403 -45.11 4.51 5.54
CA TRP A 403 -43.78 4.92 5.12
C TRP A 403 -43.24 5.95 6.09
N CYS A 404 -41.92 5.96 6.25
CA CYS A 404 -41.26 6.97 7.06
C CYS A 404 -40.26 7.73 6.20
N ILE A 405 -40.20 9.04 6.40
CA ILE A 405 -39.16 9.88 5.83
C ILE A 405 -38.40 10.50 6.97
N SER A 406 -37.07 10.37 6.94
CA SER A 406 -36.21 10.88 8.00
C SER A 406 -35.20 11.83 7.40
N LEU A 407 -35.12 13.03 7.98
CA LEU A 407 -34.07 14.00 7.65
C LEU A 407 -32.92 13.75 8.61
N VAL A 408 -31.74 13.54 8.07
CA VAL A 408 -30.59 13.12 8.86
C VAL A 408 -29.43 14.06 8.55
N GLU A 409 -28.91 14.70 9.60
CA GLU A 409 -27.65 15.42 9.49
C GLU A 409 -26.53 14.37 9.47
N ILE A 410 -25.79 14.31 8.36
CA ILE A 410 -24.90 13.18 8.10
C ILE A 410 -23.75 13.64 7.23
N TYR A 411 -22.59 13.02 7.41
CA TYR A 411 -21.49 13.17 6.47
C TYR A 411 -20.40 12.19 6.83
N ASP A 412 -19.64 11.79 5.82
CA ASP A 412 -18.50 10.90 5.98
C ASP A 412 -17.22 11.72 5.97
N THR A 413 -16.27 11.32 6.82
CA THR A 413 -15.03 12.08 6.96
C THR A 413 -14.36 12.25 5.60
N GLY A 414 -14.03 13.50 5.26
CA GLY A 414 -13.47 13.82 3.96
C GLY A 414 -14.44 14.39 2.94
N ASP A 415 -15.73 14.46 3.23
CA ASP A 415 -16.70 15.04 2.31
C ASP A 415 -16.41 16.54 2.12
N SER A 416 -16.68 17.07 0.91
CA SER A 416 -16.41 18.50 0.67
C SER A 416 -17.45 19.32 1.36
N VAL A 417 -18.64 18.74 1.35
CA VAL A 417 -19.88 19.41 1.68
C VAL A 417 -20.55 18.57 2.73
N ILE A 418 -20.96 19.22 3.80
CA ILE A 418 -21.74 18.60 4.85
C ILE A 418 -23.20 18.93 4.54
N ARG A 419 -24.01 17.90 4.40
CA ARG A 419 -25.34 18.08 3.89
C ARG A 419 -26.30 17.13 4.59
N PRO A 420 -27.53 17.55 4.80
CA PRO A 420 -28.55 16.61 5.27
C PRO A 420 -28.93 15.68 4.15
N LYS A 421 -29.50 14.54 4.53
CA LYS A 421 -29.99 13.55 3.57
C LYS A 421 -31.41 13.19 3.96
N LEU A 422 -32.22 12.84 2.96
CA LEU A 422 -33.58 12.36 3.18
C LEU A 422 -33.59 10.86 2.92
N PHE A 423 -34.16 10.10 3.86
CA PHE A 423 -34.25 8.64 3.71
C PHE A 423 -35.70 8.22 3.75
N ALA A 424 -36.06 7.33 2.83
CA ALA A 424 -37.40 6.77 2.77
C ALA A 424 -37.33 5.32 3.22
N VAL A 425 -38.15 4.97 4.20
CA VAL A 425 -38.16 3.61 4.76
C VAL A 425 -39.59 3.12 4.72
N LYS A 426 -39.82 2.01 4.02
CA LYS A 426 -41.11 1.36 4.04
C LYS A 426 -41.14 0.41 5.22
N ILE A 427 -42.23 0.44 5.99
CA ILE A 427 -42.36 -0.37 7.20
C ILE A 427 -42.89 -1.74 6.76
N PRO A 428 -42.15 -2.82 6.98
CA PRO A 428 -42.53 -4.09 6.38
C PRO A 428 -43.79 -4.69 6.99
N ALA A 429 -44.49 -5.47 6.18
CA ALA A 429 -45.71 -6.08 6.68
C ALA A 429 -45.42 -7.43 7.33
N GLN A 430 -44.58 -8.28 6.74
CA GLN A 430 -44.32 -9.54 7.43
C GLN A 430 -42.86 -9.73 7.79
N CYS A 431 -42.69 -10.38 8.94
CA CYS A 431 -41.52 -10.31 9.82
C CYS A 431 -40.44 -11.33 9.52
N SER A 432 -40.71 -12.34 8.70
CA SER A 432 -39.78 -13.44 8.55
C SER A 432 -38.94 -13.36 7.30
N SER B 1 -7.56 7.10 10.42
CA SER B 1 -8.64 6.18 10.29
C SER B 1 -8.69 5.63 11.65
N ILE B 2 -8.12 6.30 12.64
CA ILE B 2 -7.62 5.56 13.77
C ILE B 2 -8.32 5.99 15.04
N VAL B 3 -8.32 5.07 16.00
CA VAL B 3 -8.59 5.39 17.41
C VAL B 3 -7.26 5.68 18.09
N LEU B 4 -7.11 6.91 18.60
CA LEU B 4 -5.86 7.24 19.26
C LEU B 4 -5.75 6.48 20.59
N GLU B 5 -4.54 6.41 21.13
CA GLU B 5 -4.32 5.71 22.39
C GLU B 5 -4.88 6.50 23.58
N PRO B 6 -5.58 5.83 24.52
CA PRO B 6 -6.25 6.56 25.62
C PRO B 6 -5.30 7.27 26.56
N ILE B 7 -5.75 8.42 27.07
CA ILE B 7 -5.01 9.23 28.04
C ILE B 7 -5.63 9.05 29.42
N TYR B 8 -4.86 8.54 30.37
CA TYR B 8 -5.33 8.42 31.75
C TYR B 8 -4.96 9.70 32.48
N TRP B 9 -5.97 10.43 32.94
CA TRP B 9 -5.77 11.71 33.61
C TRP B 9 -5.52 11.47 35.11
N ASN B 10 -4.36 10.87 35.39
CA ASN B 10 -3.87 10.76 36.75
C ASN B 10 -2.41 11.18 36.80
N SER B 11 -1.98 11.63 37.98
CA SER B 11 -0.66 12.25 38.12
C SER B 11 0.48 11.30 37.79
N SER B 12 0.28 10.00 37.89
CA SER B 12 1.37 9.06 37.66
C SER B 12 1.58 8.76 36.19
N ASN B 13 0.80 9.38 35.31
CA ASN B 13 0.99 9.19 33.88
C ASN B 13 2.28 9.85 33.43
N SER B 14 3.22 9.03 32.93
CA SER B 14 4.52 9.55 32.52
C SER B 14 4.46 10.29 31.19
N LYS B 15 3.32 10.27 30.51
CA LYS B 15 3.27 10.96 29.23
C LYS B 15 3.06 12.45 29.37
N PHE B 16 2.71 12.93 30.57
CA PHE B 16 2.78 14.36 30.86
C PHE B 16 4.21 14.70 31.24
N LEU B 17 4.93 15.32 30.29
CA LEU B 17 6.30 15.70 30.57
C LEU B 17 6.35 16.89 31.53
N PRO B 18 7.39 16.97 32.35
CA PRO B 18 7.54 18.14 33.23
C PRO B 18 7.56 19.43 32.43
N GLY B 19 6.72 20.38 32.83
CA GLY B 19 6.72 21.70 32.20
C GLY B 19 6.07 21.74 30.82
N GLN B 20 5.92 20.58 30.18
CA GLN B 20 5.40 20.51 28.83
C GLN B 20 4.05 19.83 28.70
N GLY B 21 3.77 18.84 29.52
CA GLY B 21 2.54 18.11 29.35
C GLY B 21 2.62 17.16 28.17
N LEU B 22 1.46 16.85 27.61
CA LEU B 22 1.32 15.93 26.50
C LEU B 22 0.94 16.68 25.24
N VAL B 23 1.62 16.39 24.13
CA VAL B 23 1.32 16.97 22.82
C VAL B 23 0.92 15.83 21.89
N LEU B 24 -0.15 16.01 21.12
CA LEU B 24 -0.86 14.87 20.54
C LEU B 24 -0.85 14.76 19.01
N TYR B 25 -1.14 15.83 18.27
CA TYR B 25 -1.26 15.79 16.80
C TYR B 25 -2.36 14.85 16.30
N PRO B 26 -3.62 15.01 16.71
CA PRO B 26 -4.69 14.18 16.13
C PRO B 26 -5.18 14.74 14.81
N GLN B 27 -5.64 13.85 13.93
CA GLN B 27 -6.13 14.23 12.62
C GLN B 27 -7.65 14.15 12.57
N ILE B 28 -8.23 14.84 11.58
CA ILE B 28 -9.69 14.83 11.44
C ILE B 28 -10.19 13.41 11.23
N GLY B 29 -11.22 13.03 11.99
CA GLY B 29 -11.75 11.69 11.95
C GLY B 29 -11.28 10.77 13.05
N ASP B 30 -10.29 11.19 13.85
CA ASP B 30 -9.80 10.32 14.89
C ASP B 30 -10.74 10.33 16.09
N LYS B 31 -10.58 9.33 16.95
CA LYS B 31 -11.32 9.25 18.20
C LYS B 31 -10.34 9.18 19.35
N LEU B 32 -10.68 9.80 20.48
CA LEU B 32 -9.81 9.82 21.64
C LEU B 32 -10.62 9.68 22.92
N ASP B 33 -10.06 8.94 23.87
CA ASP B 33 -10.66 8.75 25.18
C ASP B 33 -9.75 9.41 26.21
N ILE B 34 -10.34 10.21 27.10
CA ILE B 34 -9.66 10.76 28.25
C ILE B 34 -10.36 10.19 29.47
N ILE B 35 -9.62 9.40 30.25
CA ILE B 35 -10.20 8.58 31.30
C ILE B 35 -9.65 9.03 32.64
N CYS B 36 -10.54 9.18 33.62
CA CYS B 36 -10.19 9.42 35.01
C CYS B 36 -10.33 8.10 35.76
N PRO B 37 -9.23 7.41 36.05
CA PRO B 37 -9.31 6.01 36.49
C PRO B 37 -9.94 5.79 37.86
N LYS B 38 -10.38 4.53 38.05
CA LYS B 38 -11.09 3.99 39.21
C LYS B 38 -10.12 3.90 40.38
N VAL B 39 -10.65 3.86 41.59
CA VAL B 39 -9.73 3.66 42.71
C VAL B 39 -9.96 2.27 43.28
N GLN B 46 -6.27 5.72 47.22
CA GLN B 46 -6.26 7.17 47.38
C GLN B 46 -6.44 7.88 46.03
N TYR B 47 -7.65 8.38 45.85
CA TYR B 47 -8.17 8.92 44.60
C TYR B 47 -7.69 10.36 44.35
N GLU B 48 -7.50 10.69 43.08
CA GLU B 48 -7.17 12.06 42.66
C GLU B 48 -8.41 12.72 42.04
N TYR B 49 -8.75 13.92 42.51
CA TYR B 49 -9.94 14.64 42.09
C TYR B 49 -9.57 15.75 41.12
N TYR B 50 -10.28 15.83 39.99
CA TYR B 50 -9.99 16.84 38.99
C TYR B 50 -11.27 17.38 38.36
N LYS B 51 -11.19 18.63 37.92
CA LYS B 51 -12.09 19.20 36.93
C LYS B 51 -11.21 19.57 35.74
N VAL B 52 -11.54 19.04 34.57
CA VAL B 52 -10.71 19.15 33.38
C VAL B 52 -11.43 20.04 32.37
N TYR B 53 -10.72 21.02 31.82
CA TYR B 53 -11.32 22.04 30.96
C TYR B 53 -10.59 22.15 29.64
N MET B 54 -11.31 22.65 28.64
CA MET B 54 -10.73 23.06 27.37
C MET B 54 -10.68 24.59 27.36
N VAL B 55 -9.48 25.14 27.16
CA VAL B 55 -9.22 26.56 27.35
C VAL B 55 -8.45 27.06 26.12
N ASP B 56 -8.25 28.38 26.06
CA ASP B 56 -7.50 28.93 24.94
C ASP B 56 -6.01 28.93 25.20
N LYS B 57 -5.24 29.35 24.19
CA LYS B 57 -3.79 29.23 24.33
C LYS B 57 -3.32 30.02 25.56
N ASP B 58 -3.90 31.23 25.79
CA ASP B 58 -3.48 32.05 26.92
C ASP B 58 -3.88 31.42 28.24
N GLN B 59 -5.01 30.74 28.29
CA GLN B 59 -5.33 30.24 29.59
C GLN B 59 -4.44 29.07 29.96
N ALA B 60 -3.99 28.29 28.97
CA ALA B 60 -3.09 27.19 29.26
C ALA B 60 -1.71 27.68 29.68
N ASP B 61 -1.23 28.78 29.10
CA ASP B 61 0.12 29.21 29.44
C ASP B 61 0.20 29.84 30.84
N ARG B 62 -0.85 30.52 31.27
CA ARG B 62 -0.87 31.10 32.61
C ARG B 62 -1.49 30.13 33.63
N CYS B 63 -2.09 29.02 33.18
CA CYS B 63 -2.68 27.98 34.03
C CYS B 63 -3.85 28.54 34.87
N THR B 64 -4.86 29.03 34.14
CA THR B 64 -6.06 29.68 34.62
C THR B 64 -7.30 29.18 33.88
N ILE B 65 -8.39 29.03 34.63
CA ILE B 65 -9.71 28.81 34.04
C ILE B 65 -10.66 29.91 34.51
N LYS B 66 -11.69 30.14 33.70
CA LYS B 66 -12.69 31.15 33.96
C LYS B 66 -14.05 30.65 33.49
N ASN B 69 -16.88 28.65 31.96
CA ASN B 69 -16.73 27.42 31.18
C ASN B 69 -17.36 26.23 31.91
N THR B 70 -17.71 25.20 31.15
CA THR B 70 -18.22 23.97 31.71
C THR B 70 -17.20 22.86 31.52
N PRO B 71 -16.88 22.11 32.56
CA PRO B 71 -15.80 21.12 32.45
C PRO B 71 -16.09 20.05 31.41
N LEU B 72 -15.01 19.53 30.82
CA LEU B 72 -15.12 18.35 29.98
C LEU B 72 -15.18 17.09 30.82
N LEU B 73 -14.49 17.07 31.96
CA LEU B 73 -14.47 15.93 32.87
C LEU B 73 -14.67 16.44 34.28
N ASN B 74 -15.41 15.69 35.08
CA ASN B 74 -15.64 16.02 36.48
C ASN B 74 -15.31 14.77 37.29
N CYS B 75 -14.04 14.61 37.62
CA CYS B 75 -13.55 13.38 38.26
C CYS B 75 -13.68 13.56 39.77
N ALA B 76 -14.85 13.22 40.28
CA ALA B 76 -15.17 13.29 41.70
C ALA B 76 -15.95 12.06 42.15
N LYS B 77 -15.69 10.91 41.51
CA LYS B 77 -16.35 9.65 41.83
C LYS B 77 -15.29 8.58 42.00
N PRO B 78 -14.78 8.38 43.22
CA PRO B 78 -13.77 7.34 43.44
C PRO B 78 -14.26 5.95 43.07
N ASP B 79 -15.57 5.72 43.12
CA ASP B 79 -16.12 4.39 42.86
C ASP B 79 -16.14 4.03 41.39
N GLN B 80 -16.29 4.99 40.49
CA GLN B 80 -16.54 4.68 39.09
C GLN B 80 -15.43 5.19 38.18
N ASP B 81 -15.35 4.59 37.00
CA ASP B 81 -14.52 5.06 35.91
C ASP B 81 -15.28 6.12 35.13
N ILE B 82 -14.70 7.31 34.99
CA ILE B 82 -15.30 8.40 34.23
C ILE B 82 -14.52 8.55 32.93
N LYS B 83 -15.24 8.64 31.82
CA LYS B 83 -14.66 8.62 30.50
C LYS B 83 -15.20 9.79 29.70
N PHE B 84 -14.34 10.36 28.87
CA PHE B 84 -14.73 11.38 27.91
C PHE B 84 -14.13 10.98 26.56
N THR B 85 -14.98 10.86 25.56
CA THR B 85 -14.52 10.50 24.21
C THR B 85 -14.76 11.66 23.26
N ILE B 86 -13.77 11.92 22.43
CA ILE B 86 -13.83 12.94 21.39
C ILE B 86 -13.71 12.25 20.05
N LYS B 87 -14.54 12.65 19.10
CA LYS B 87 -14.26 12.42 17.69
C LYS B 87 -14.00 13.79 17.09
N PHE B 88 -12.89 13.90 16.36
CA PHE B 88 -12.47 15.19 15.83
C PHE B 88 -13.22 15.44 14.52
N GLN B 89 -14.46 15.89 14.68
CA GLN B 89 -15.37 16.10 13.57
C GLN B 89 -16.23 17.32 13.85
N GLU B 90 -17.11 17.64 12.90
CA GLU B 90 -17.97 18.80 13.04
C GLU B 90 -19.14 18.56 13.99
N PHE B 91 -19.61 17.31 14.10
CA PHE B 91 -20.79 17.02 14.89
C PHE B 91 -20.40 16.49 16.26
N SER B 92 -21.25 16.78 17.24
CA SER B 92 -20.96 16.47 18.64
C SER B 92 -22.25 16.55 19.42
N PRO B 93 -22.38 15.81 20.53
CA PRO B 93 -23.47 16.06 21.47
C PRO B 93 -23.27 17.26 22.36
N ASN B 94 -22.20 18.02 22.13
CA ASN B 94 -21.94 19.24 22.89
C ASN B 94 -22.84 20.35 22.39
N LEU B 95 -23.54 21.00 23.31
CA LEU B 95 -24.50 22.02 22.95
C LEU B 95 -23.87 23.40 22.86
N TRP B 96 -22.61 23.55 23.25
CA TRP B 96 -21.88 24.79 23.17
C TRP B 96 -21.02 24.90 21.91
N GLY B 97 -21.09 23.93 21.01
CA GLY B 97 -20.35 24.12 19.78
C GLY B 97 -18.93 23.62 19.91
N LEU B 98 -18.78 22.34 20.25
CA LEU B 98 -17.47 21.72 20.36
C LEU B 98 -17.03 21.32 18.97
N GLU B 99 -16.04 22.03 18.42
CA GLU B 99 -15.44 21.50 17.22
C GLU B 99 -13.95 21.69 17.12
N PHE B 100 -13.43 20.79 16.29
CA PHE B 100 -12.02 20.64 15.99
C PHE B 100 -11.79 20.76 14.50
N GLN B 101 -11.00 21.78 14.16
CA GLN B 101 -10.68 22.29 12.84
C GLN B 101 -9.23 21.91 12.50
N LYS B 102 -8.97 21.51 11.25
CA LYS B 102 -7.61 21.01 11.01
C LYS B 102 -6.70 22.22 10.92
N ASN B 103 -5.42 22.06 11.30
CA ASN B 103 -4.47 23.19 11.43
C ASN B 103 -4.94 24.22 12.46
N LYS B 104 -5.57 23.72 13.54
CA LYS B 104 -5.91 24.52 14.70
C LYS B 104 -5.43 23.81 15.96
N ASP B 105 -5.21 24.59 17.01
CA ASP B 105 -4.56 24.13 18.23
C ASP B 105 -5.56 24.15 19.39
N TYR B 106 -5.62 23.05 20.15
CA TYR B 106 -6.55 22.92 21.26
C TYR B 106 -5.84 22.52 22.53
N TYR B 107 -6.26 23.14 23.64
CA TYR B 107 -5.59 23.02 24.93
C TYR B 107 -6.55 22.48 25.98
N ILE B 108 -6.13 21.43 26.67
CA ILE B 108 -6.89 20.83 27.76
C ILE B 108 -6.03 20.89 29.02
N ILE B 109 -6.55 21.54 30.08
CA ILE B 109 -5.82 21.69 31.33
C ILE B 109 -6.77 21.39 32.48
N SER B 110 -6.19 21.27 33.68
CA SER B 110 -6.92 21.22 34.93
C SER B 110 -6.25 22.11 35.95
N THR B 111 -7.05 22.88 36.67
CA THR B 111 -6.58 23.78 37.71
C THR B 111 -6.78 23.22 39.11
N SER B 112 -7.16 21.94 39.23
CA SER B 112 -7.35 21.33 40.52
C SER B 112 -6.01 21.03 41.17
N ASN B 113 -5.97 21.02 42.50
CA ASN B 113 -4.76 20.59 43.19
C ASN B 113 -4.76 19.11 43.52
N GLY B 114 -5.82 18.40 43.14
CA GLY B 114 -5.89 16.96 43.25
C GLY B 114 -6.66 16.47 44.45
N SER B 115 -6.88 17.31 45.44
CA SER B 115 -7.61 16.96 46.65
C SER B 115 -9.06 17.38 46.50
N LEU B 116 -9.94 16.76 47.29
CA LEU B 116 -11.34 17.14 47.19
C LEU B 116 -11.57 18.59 47.59
N GLU B 117 -10.73 19.17 48.46
CA GLU B 117 -10.97 20.57 48.77
C GLU B 117 -10.56 21.47 47.62
N GLY B 118 -9.74 20.98 46.69
CA GLY B 118 -9.30 21.83 45.61
C GLY B 118 -9.85 21.55 44.23
N LEU B 119 -11.06 21.01 44.17
CA LEU B 119 -11.65 20.67 42.88
C LEU B 119 -11.89 21.92 42.04
N ASP B 120 -12.26 23.04 42.68
CA ASP B 120 -12.74 24.21 41.95
C ASP B 120 -11.73 25.36 41.92
N ASN B 121 -10.46 25.09 42.21
CA ASN B 121 -9.44 26.12 42.10
C ASN B 121 -9.34 26.61 40.66
N GLN B 122 -9.17 27.93 40.49
CA GLN B 122 -9.26 28.58 39.19
C GLN B 122 -7.94 29.14 38.67
N GLU B 123 -6.86 28.98 39.43
CA GLU B 123 -5.47 29.33 39.16
C GLU B 123 -4.50 28.23 39.55
N GLY B 124 -3.45 28.13 38.75
CA GLY B 124 -2.36 27.26 39.13
C GLY B 124 -2.69 25.80 39.22
N GLY B 125 -2.56 25.21 40.40
CA GLY B 125 -2.95 23.82 40.57
C GLY B 125 -2.05 22.86 39.84
N VAL B 126 -2.65 21.80 39.29
CA VAL B 126 -1.87 20.70 38.73
C VAL B 126 -1.40 20.98 37.32
N CYS B 127 -1.91 22.04 36.69
CA CYS B 127 -1.40 22.49 35.40
C CYS B 127 -0.01 23.14 35.53
N GLN B 128 0.22 24.05 36.49
CA GLN B 128 1.58 24.58 36.49
C GLN B 128 2.56 23.74 37.32
N THR B 129 2.09 22.88 38.23
CA THR B 129 2.99 22.14 39.13
C THR B 129 3.37 20.75 38.61
N ARG B 130 2.48 20.07 37.88
CA ARG B 130 2.75 18.74 37.33
C ARG B 130 2.74 18.71 35.80
N ALA B 131 2.42 19.84 35.15
CA ALA B 131 2.26 19.94 33.69
C ALA B 131 1.26 18.91 33.21
N MET B 132 0.14 18.85 33.92
CA MET B 132 -0.98 18.03 33.54
C MET B 132 -1.89 18.79 32.60
N LYS B 133 -1.43 18.86 31.35
CA LYS B 133 -2.09 19.56 30.27
C LYS B 133 -1.88 18.81 28.96
N ILE B 134 -2.85 18.93 28.06
CA ILE B 134 -2.78 18.32 26.74
C ILE B 134 -2.78 19.40 25.68
N LEU B 135 -1.93 19.24 24.66
CA LEU B 135 -1.88 20.13 23.51
C LEU B 135 -2.16 19.28 22.28
N MET B 136 -3.30 19.54 21.63
CA MET B 136 -3.71 18.79 20.45
C MET B 136 -3.51 19.67 19.23
N LYS B 137 -2.63 19.24 18.33
CA LYS B 137 -2.37 19.94 17.07
C LYS B 137 -3.15 19.21 16.00
N VAL B 138 -4.36 19.70 15.71
CA VAL B 138 -5.31 18.92 14.91
C VAL B 138 -4.94 19.01 13.43
N GLY B 139 -4.81 17.86 12.79
CA GLY B 139 -4.49 17.78 11.38
C GLY B 139 -3.08 18.20 11.01
N GLN B 140 -2.10 17.90 11.86
CA GLN B 140 -0.72 18.29 11.63
C GLN B 140 0.20 17.09 11.76
N ASP B 141 1.44 17.27 11.30
CA ASP B 141 2.52 16.27 11.34
C ASP B 141 2.07 14.82 11.11
N GLY C 7 3.88 -35.79 2.06
CA GLY C 7 4.62 -34.60 2.46
C GLY C 7 5.24 -34.70 3.84
N VAL C 8 5.80 -33.59 4.29
CA VAL C 8 6.39 -33.46 5.62
C VAL C 8 5.37 -32.83 6.55
N SER C 9 5.25 -33.35 7.77
CA SER C 9 4.28 -32.79 8.71
C SER C 9 4.78 -32.93 10.14
N ASP C 10 4.08 -32.25 11.04
CA ASP C 10 4.47 -32.17 12.43
C ASP C 10 4.41 -33.55 13.11
N LEU C 11 5.15 -33.69 14.20
CA LEU C 11 5.12 -34.92 14.98
C LEU C 11 3.80 -34.98 15.74
N VAL C 12 2.76 -35.58 15.14
CA VAL C 12 1.42 -35.57 15.68
C VAL C 12 0.71 -36.87 15.33
N GLY C 13 -0.36 -37.19 16.09
CA GLY C 13 -1.13 -38.42 15.84
C GLY C 13 -0.50 -39.70 16.39
N LEU C 14 -0.53 -40.74 15.54
CA LEU C 14 0.16 -42.03 15.66
C LEU C 14 1.24 -42.18 14.63
N PRO C 15 2.49 -42.01 14.98
CA PRO C 15 3.57 -42.24 14.02
C PRO C 15 3.80 -43.74 13.98
N ASN C 16 4.68 -44.15 13.09
CA ASN C 16 5.04 -45.56 13.08
C ASN C 16 5.78 -45.84 14.37
N GLN C 17 5.68 -47.08 14.81
CA GLN C 17 6.48 -47.46 15.94
C GLN C 17 8.00 -47.28 15.71
N ILE C 18 8.69 -47.02 16.81
CA ILE C 18 10.13 -46.83 16.85
C ILE C 18 10.74 -47.81 17.84
N CYS C 19 12.04 -48.06 17.68
CA CYS C 19 12.71 -49.02 18.56
C CYS C 19 12.88 -48.43 19.94
N LEU C 20 12.49 -49.19 20.95
CA LEU C 20 12.47 -48.76 22.36
C LEU C 20 13.26 -49.74 23.21
N GLN C 21 14.34 -50.27 22.63
CA GLN C 21 15.18 -51.24 23.32
C GLN C 21 16.64 -50.80 23.23
N LYS C 22 17.41 -51.13 24.27
CA LYS C 22 18.80 -50.73 24.31
C LYS C 22 19.61 -51.60 23.35
N THR C 23 20.44 -50.97 22.53
CA THR C 23 21.26 -51.66 21.56
C THR C 23 22.61 -50.96 21.42
N THR C 24 23.69 -51.73 21.54
CA THR C 24 25.01 -51.21 21.21
C THR C 24 25.33 -51.28 19.72
N SER C 25 24.52 -52.00 18.94
CA SER C 25 24.72 -52.04 17.50
C SER C 25 24.35 -50.70 16.86
N THR C 26 24.94 -50.43 15.70
CA THR C 26 24.68 -49.19 14.98
C THR C 26 23.46 -49.41 14.07
N ILE C 27 22.32 -48.88 14.51
CA ILE C 27 21.08 -48.94 13.75
C ILE C 27 20.63 -47.58 13.25
N LEU C 28 21.41 -46.54 13.50
CA LEU C 28 21.12 -45.19 13.02
C LEU C 28 22.06 -44.82 11.88
N LYS C 29 21.54 -44.27 10.79
CA LYS C 29 22.33 -43.74 9.66
C LYS C 29 22.05 -42.27 9.41
N PRO C 30 22.91 -41.42 9.93
CA PRO C 30 22.82 -39.98 9.66
C PRO C 30 23.13 -39.69 8.20
N ARG C 31 22.31 -38.80 7.63
CA ARG C 31 22.43 -38.39 6.25
C ARG C 31 22.73 -36.90 6.21
N LEU C 32 23.76 -36.53 5.48
CA LEU C 32 24.17 -35.14 5.40
C LEU C 32 23.27 -34.43 4.38
N ILE C 33 22.68 -33.31 4.80
CA ILE C 33 21.75 -32.53 3.99
C ILE C 33 22.51 -31.35 3.39
N SER C 34 21.99 -30.83 2.28
CA SER C 34 22.60 -29.71 1.57
C SER C 34 22.53 -28.41 2.38
N GLU C 43 36.53 -18.14 2.66
CA GLU C 43 37.74 -17.31 2.71
C GLU C 43 38.23 -17.06 4.13
N GLY C 44 38.47 -18.10 4.92
CA GLY C 44 38.87 -17.84 6.28
C GLY C 44 37.75 -17.39 7.20
N VAL C 45 36.49 -17.55 6.78
CA VAL C 45 35.37 -17.05 7.55
C VAL C 45 34.91 -18.11 8.55
N CYS C 46 34.27 -17.65 9.61
CA CYS C 46 33.61 -18.54 10.55
C CYS C 46 32.13 -18.20 10.55
N ILE C 47 31.30 -19.21 10.32
CA ILE C 47 29.86 -19.05 10.32
C ILE C 47 29.33 -19.62 11.63
N THR C 48 28.66 -18.79 12.41
CA THR C 48 28.34 -19.11 13.80
C THR C 48 26.96 -18.56 14.13
N ASP C 49 26.66 -18.58 15.42
CA ASP C 49 25.36 -18.17 15.94
C ASP C 49 24.19 -18.74 15.12
N PRO C 50 24.10 -20.07 15.02
CA PRO C 50 23.09 -20.67 14.16
C PRO C 50 21.74 -20.79 14.87
N LEU C 51 20.70 -20.89 14.06
CA LEU C 51 19.33 -21.06 14.52
C LEU C 51 18.63 -22.02 13.57
N LEU C 52 17.77 -22.86 14.11
CA LEU C 52 16.99 -23.78 13.29
C LEU C 52 15.63 -23.96 13.92
N ALA C 53 14.59 -23.92 13.08
CA ALA C 53 13.23 -24.22 13.50
C ALA C 53 12.54 -24.93 12.35
N VAL C 54 11.83 -26.01 12.66
CA VAL C 54 11.11 -26.78 11.65
C VAL C 54 9.66 -26.91 12.08
N ASP C 55 8.75 -26.33 11.31
CA ASP C 55 7.33 -26.47 11.58
C ASP C 55 6.55 -26.67 10.28
N ASN C 56 5.45 -27.41 10.39
CA ASN C 56 4.46 -27.55 9.33
C ASN C 56 5.09 -27.78 7.95
N GLY C 57 6.21 -28.49 7.90
CA GLY C 57 6.88 -28.73 6.65
C GLY C 57 7.67 -27.54 6.13
N PHE C 58 7.96 -26.57 6.98
CA PHE C 58 8.76 -25.40 6.63
C PHE C 58 9.91 -25.30 7.62
N PHE C 59 10.83 -24.37 7.35
CA PHE C 59 11.89 -24.18 8.32
C PHE C 59 12.29 -22.72 8.36
N ALA C 60 12.89 -22.34 9.49
CA ALA C 60 13.54 -21.05 9.64
C ALA C 60 15.01 -21.33 9.94
N TYR C 61 15.89 -20.51 9.37
CA TYR C 61 17.31 -20.68 9.54
C TYR C 61 17.96 -19.32 9.69
N SER C 62 19.03 -19.27 10.48
CA SER C 62 19.80 -18.05 10.59
C SER C 62 21.23 -18.40 10.97
N HIS C 63 22.17 -17.53 10.58
CA HIS C 63 23.55 -17.65 11.01
C HIS C 63 24.22 -16.29 10.89
N LEU C 64 25.40 -16.19 11.50
CA LEU C 64 26.23 -14.99 11.41
C LEU C 64 27.59 -15.37 10.86
N GLU C 65 27.99 -14.71 9.78
CA GLU C 65 29.27 -14.95 9.14
C GLU C 65 30.28 -13.92 9.63
N LYS C 66 31.41 -14.39 10.17
CA LYS C 66 32.43 -13.55 10.74
C LYS C 66 33.74 -13.77 10.00
N ILE C 67 34.55 -12.72 9.92
CA ILE C 67 35.89 -12.80 9.33
C ILE C 67 36.87 -12.91 10.48
N GLY C 68 37.53 -14.06 10.56
CA GLY C 68 38.46 -14.33 11.63
C GLY C 68 37.95 -15.39 12.58
N SER C 69 38.18 -15.17 13.88
CA SER C 69 37.79 -16.12 14.92
C SER C 69 36.27 -16.14 15.09
N CYS C 70 35.77 -17.27 15.60
CA CYS C 70 34.35 -17.42 15.85
C CYS C 70 33.87 -16.60 17.03
N THR C 71 34.78 -16.17 17.90
CA THR C 71 34.45 -15.37 19.08
C THR C 71 34.58 -13.86 18.83
N ARG C 72 35.69 -13.44 18.24
CA ARG C 72 36.01 -12.02 18.12
C ARG C 72 36.19 -11.56 16.68
N GLY C 73 35.74 -12.33 15.70
CA GLY C 73 35.84 -11.93 14.32
C GLY C 73 34.93 -10.77 13.99
N ILE C 74 35.17 -10.18 12.82
CA ILE C 74 34.38 -9.03 12.38
C ILE C 74 33.11 -9.56 11.73
N ALA C 75 31.95 -9.15 12.25
CA ALA C 75 30.68 -9.61 11.71
C ALA C 75 30.51 -9.06 10.29
N LYS C 76 30.31 -9.97 9.35
CA LYS C 76 30.24 -9.64 7.93
C LYS C 76 28.84 -9.71 7.35
N GLN C 77 28.06 -10.74 7.69
CA GLN C 77 26.72 -10.88 7.15
C GLN C 77 25.88 -11.73 8.07
N ARG C 78 24.67 -11.28 8.36
CA ARG C 78 23.67 -12.06 9.07
C ARG C 78 22.58 -12.40 8.07
N ILE C 79 22.27 -13.68 7.90
CA ILE C 79 21.19 -14.10 7.03
C ILE C 79 20.09 -14.69 7.89
N ILE C 80 18.86 -14.32 7.58
CA ILE C 80 17.66 -14.87 8.20
C ILE C 80 16.79 -15.36 7.06
N GLY C 81 16.63 -16.67 6.95
CA GLY C 81 15.93 -17.25 5.83
C GLY C 81 14.94 -18.30 6.27
N VAL C 82 13.92 -18.49 5.45
CA VAL C 82 12.93 -19.54 5.66
C VAL C 82 12.79 -20.33 4.37
N GLY C 83 12.19 -21.50 4.49
CA GLY C 83 11.98 -22.34 3.34
C GLY C 83 11.08 -23.51 3.67
N GLU C 84 11.14 -24.54 2.82
CA GLU C 84 10.32 -25.72 3.04
C GLU C 84 11.19 -26.97 3.10
N VAL C 85 10.72 -27.94 3.88
CA VAL C 85 11.34 -29.25 3.98
C VAL C 85 10.50 -30.19 3.12
N LEU C 86 11.12 -30.77 2.10
CA LEU C 86 10.44 -31.56 1.09
C LEU C 86 11.16 -32.88 0.91
N ASP C 87 10.49 -33.83 0.27
CA ASP C 87 11.16 -35.05 -0.13
C ASP C 87 12.09 -34.75 -1.30
N ARG C 88 13.39 -34.99 -1.09
CA ARG C 88 14.38 -34.77 -2.13
C ARG C 88 14.35 -35.81 -3.25
N GLY C 89 13.53 -36.85 -3.14
CA GLY C 89 13.40 -37.88 -4.17
C GLY C 89 13.71 -39.30 -3.73
N ASP C 90 14.65 -39.47 -2.79
CA ASP C 90 14.94 -40.80 -2.27
C ASP C 90 14.21 -41.07 -0.96
N LYS C 91 13.14 -40.33 -0.69
CA LYS C 91 12.35 -40.45 0.54
C LYS C 91 13.16 -39.96 1.73
N VAL C 92 14.08 -39.05 1.44
CA VAL C 92 14.95 -38.41 2.43
C VAL C 92 14.55 -36.94 2.52
N PRO C 93 14.40 -36.37 3.71
CA PRO C 93 14.11 -34.94 3.80
C PRO C 93 15.35 -34.12 3.48
N SER C 94 15.11 -32.98 2.84
CA SER C 94 16.14 -31.97 2.64
C SER C 94 15.43 -30.62 2.59
N MET C 95 16.19 -29.56 2.83
CA MET C 95 15.63 -28.24 3.03
C MET C 95 15.93 -27.35 1.84
N PHE C 96 14.95 -26.52 1.47
CA PHE C 96 15.05 -25.79 0.23
C PHE C 96 14.70 -24.36 0.60
N MET C 97 15.64 -23.44 0.42
CA MET C 97 15.41 -22.07 0.86
C MET C 97 14.48 -21.36 -0.12
N THR C 98 13.54 -20.57 0.41
CA THR C 98 12.61 -19.81 -0.41
C THR C 98 12.64 -18.31 -0.20
N ASN C 99 13.07 -17.83 0.97
CA ASN C 99 12.95 -16.42 1.31
C ASN C 99 14.08 -16.06 2.26
N VAL C 100 14.99 -15.17 1.83
CA VAL C 100 16.19 -14.83 2.59
C VAL C 100 16.25 -13.32 2.80
N TRP C 101 16.63 -12.92 4.01
CA TRP C 101 16.81 -11.51 4.36
C TRP C 101 18.12 -11.34 5.12
N THR C 102 18.85 -10.28 4.81
CA THR C 102 20.12 -9.96 5.46
C THR C 102 20.06 -8.57 6.06
N PRO C 103 19.91 -8.43 7.38
CA PRO C 103 19.70 -7.10 7.99
C PRO C 103 20.91 -6.20 7.86
N PRO C 104 20.70 -4.88 7.95
CA PRO C 104 21.77 -3.90 7.65
C PRO C 104 23.01 -3.96 8.53
N ASN C 105 22.90 -4.13 9.85
CA ASN C 105 24.08 -4.03 10.71
C ASN C 105 24.26 -5.33 11.45
N PRO C 106 25.02 -6.29 10.89
CA PRO C 106 25.04 -7.64 11.47
C PRO C 106 25.57 -7.69 12.89
N SER C 107 26.46 -6.79 13.27
CA SER C 107 27.04 -6.85 14.60
C SER C 107 26.09 -6.35 15.67
N THR C 108 24.96 -5.79 15.30
CA THR C 108 24.00 -5.26 16.25
C THR C 108 22.80 -6.18 16.43
N ILE C 109 22.75 -7.29 15.70
CA ILE C 109 21.66 -8.26 15.76
C ILE C 109 22.09 -9.36 16.72
N HIS C 110 21.28 -9.60 17.76
CA HIS C 110 21.64 -10.60 18.75
C HIS C 110 20.44 -11.46 19.12
N HIS C 111 20.73 -12.72 19.41
CA HIS C 111 19.78 -13.68 19.98
C HIS C 111 18.45 -13.71 19.21
N CYS C 112 18.53 -14.00 17.92
CA CYS C 112 17.29 -14.16 17.17
C CYS C 112 16.59 -15.44 17.55
N SER C 113 15.26 -15.45 17.37
CA SER C 113 14.39 -16.55 17.75
C SER C 113 13.19 -16.59 16.81
N SER C 114 12.84 -17.77 16.27
CA SER C 114 11.85 -17.88 15.22
C SER C 114 10.65 -18.73 15.65
N THR C 115 9.45 -18.25 15.35
CA THR C 115 8.22 -18.97 15.61
C THR C 115 7.34 -18.94 14.36
N TYR C 116 6.78 -20.06 13.98
CA TYR C 116 5.93 -20.21 12.83
C TYR C 116 4.44 -20.05 13.12
N HIS C 117 3.73 -19.33 12.27
CA HIS C 117 2.30 -19.24 12.33
C HIS C 117 1.76 -18.98 10.97
N GLU C 118 0.87 -19.81 10.45
CA GLU C 118 0.24 -19.63 9.13
C GLU C 118 1.18 -19.53 7.96
N ASP C 119 1.26 -18.39 7.33
CA ASP C 119 2.17 -18.25 6.24
C ASP C 119 3.56 -17.76 6.53
N PHE C 120 3.87 -17.44 7.78
CA PHE C 120 5.15 -16.83 8.12
C PHE C 120 5.95 -17.36 9.28
N TYR C 121 7.24 -17.08 9.26
CA TYR C 121 8.03 -17.23 10.46
C TYR C 121 8.21 -15.84 11.02
N TYR C 122 7.95 -15.68 12.30
CA TYR C 122 8.19 -14.43 13.00
C TYR C 122 9.49 -14.62 13.77
N THR C 123 10.48 -13.79 13.50
CA THR C 123 11.79 -13.94 14.11
C THR C 123 12.09 -12.73 14.97
N LEU C 124 12.25 -12.97 16.26
CA LEU C 124 12.49 -11.93 17.24
C LEU C 124 13.98 -11.84 17.51
N CYS C 125 14.55 -10.66 17.33
CA CYS C 125 15.96 -10.46 17.63
C CYS C 125 16.10 -9.29 18.60
N ALA C 126 17.31 -9.17 19.14
CA ALA C 126 17.71 -8.08 20.01
C ALA C 126 18.67 -7.16 19.28
N VAL C 127 18.51 -5.86 19.48
CA VAL C 127 19.34 -4.83 18.85
C VAL C 127 20.20 -4.20 19.93
N SER C 128 21.49 -4.11 19.66
CA SER C 128 22.46 -3.69 20.65
C SER C 128 23.60 -2.93 19.99
N HIS C 129 24.04 -1.86 20.63
CA HIS C 129 25.26 -1.18 20.24
C HIS C 129 26.37 -1.35 21.27
N VAL C 130 26.19 -2.24 22.24
CA VAL C 130 27.18 -2.52 23.28
C VAL C 130 27.64 -3.97 23.24
N GLY C 131 27.33 -4.67 22.15
CA GLY C 131 27.67 -6.06 22.02
C GLY C 131 26.55 -6.95 22.50
N ASP C 132 26.91 -8.18 22.77
CA ASP C 132 26.01 -9.18 23.30
C ASP C 132 25.39 -8.68 24.62
N PRO C 133 24.06 -8.47 24.71
CA PRO C 133 23.50 -7.97 25.98
C PRO C 133 23.81 -8.79 27.22
N ILE C 134 23.98 -10.12 27.12
CA ILE C 134 24.27 -10.90 28.32
C ILE C 134 25.64 -10.48 28.89
N LEU C 135 26.62 -10.20 28.02
CA LEU C 135 27.97 -9.86 28.48
C LEU C 135 28.15 -8.38 28.76
N ASN C 136 27.19 -7.52 28.40
CA ASN C 136 27.25 -6.09 28.69
C ASN C 136 25.88 -5.63 29.20
N SER C 137 25.37 -6.38 30.19
CA SER C 137 23.98 -6.22 30.63
C SER C 137 23.66 -4.79 31.01
N THR C 138 24.50 -4.18 31.85
CA THR C 138 24.20 -2.88 32.43
C THR C 138 24.27 -1.74 31.41
N SER C 139 25.00 -1.91 30.31
CA SER C 139 25.11 -0.89 29.27
C SER C 139 24.09 -1.08 28.15
N TRP C 140 23.28 -2.13 28.21
CA TRP C 140 22.36 -2.45 27.12
C TRP C 140 21.04 -1.71 27.28
N THR C 141 20.66 -0.97 26.25
CA THR C 141 19.33 -0.36 26.21
C THR C 141 18.39 -1.34 25.52
N GLU C 142 17.38 -1.79 26.25
CA GLU C 142 16.49 -2.82 25.71
C GLU C 142 15.83 -2.34 24.43
N SER C 143 16.09 -3.04 23.33
CA SER C 143 15.42 -2.76 22.08
C SER C 143 15.27 -4.05 21.30
N LEU C 144 14.05 -4.34 20.87
CA LEU C 144 13.74 -5.58 20.20
C LEU C 144 13.26 -5.26 18.78
N SER C 145 13.54 -6.18 17.87
CA SER C 145 13.15 -6.05 16.48
C SER C 145 12.40 -7.31 16.08
N LEU C 146 11.43 -7.14 15.19
CA LEU C 146 10.64 -8.26 14.70
C LEU C 146 10.65 -8.22 13.18
N ILE C 147 11.11 -9.31 12.57
CA ILE C 147 11.10 -9.46 11.12
C ILE C 147 10.21 -10.63 10.78
N ARG C 148 9.29 -10.42 9.85
CA ARG C 148 8.34 -11.42 9.43
C ARG C 148 8.69 -11.86 8.01
N LEU C 149 8.73 -13.16 7.77
CA LEU C 149 9.13 -13.70 6.47
C LEU C 149 8.11 -14.71 6.00
N ALA C 150 7.64 -14.56 4.76
CA ALA C 150 6.67 -15.47 4.19
C ALA C 150 7.37 -16.76 3.77
N VAL C 151 6.79 -17.91 4.15
CA VAL C 151 7.43 -19.18 3.83
C VAL C 151 7.34 -19.48 2.34
N ARG C 152 6.29 -19.01 1.68
CA ARG C 152 6.18 -19.13 0.22
C ARG C 152 5.87 -17.74 -0.34
N PRO C 153 6.87 -17.01 -0.82
CA PRO C 153 6.67 -15.61 -1.20
C PRO C 153 5.79 -15.44 -2.45
N LYS C 154 5.26 -14.23 -2.59
CA LYS C 154 4.36 -13.84 -3.66
C LYS C 154 5.00 -12.72 -4.46
N SER C 155 4.73 -12.69 -5.76
CA SER C 155 5.22 -11.58 -6.57
C SER C 155 4.33 -10.35 -6.43
N ASP C 156 4.98 -9.19 -6.36
CA ASP C 156 4.35 -7.87 -6.22
C ASP C 156 3.25 -7.85 -5.15
N SER C 157 3.62 -8.23 -3.94
CA SER C 157 2.70 -8.29 -2.81
C SER C 157 3.02 -7.28 -1.72
N GLY C 158 3.85 -6.29 -2.01
CA GLY C 158 4.20 -5.30 -1.00
C GLY C 158 5.00 -5.86 0.16
N ASP C 159 4.50 -5.67 1.38
CA ASP C 159 5.17 -6.13 2.59
C ASP C 159 4.82 -7.58 2.96
N TYR C 160 4.23 -8.34 2.04
CA TYR C 160 3.86 -9.73 2.36
C TYR C 160 5.10 -10.60 2.53
N ASN C 161 6.08 -10.46 1.63
CA ASN C 161 7.26 -11.32 1.69
C ASN C 161 8.09 -11.03 2.93
N GLN C 162 8.44 -9.76 3.15
CA GLN C 162 9.33 -9.40 4.26
C GLN C 162 8.79 -8.14 4.94
N LYS C 163 8.76 -8.15 6.27
CA LYS C 163 8.20 -7.03 7.00
C LYS C 163 8.87 -6.86 8.35
N TYR C 164 9.34 -5.64 8.64
CA TYR C 164 9.65 -5.25 10.00
C TYR C 164 8.34 -4.95 10.71
N ILE C 165 8.31 -5.26 12.00
CA ILE C 165 7.12 -5.00 12.82
C ILE C 165 7.58 -4.20 14.03
N ALA C 166 6.90 -3.07 14.25
CA ALA C 166 7.29 -2.11 15.27
C ALA C 166 6.77 -2.49 16.64
N ILE C 167 7.65 -2.51 17.62
CA ILE C 167 7.24 -2.87 18.98
C ILE C 167 7.12 -1.63 19.84
N THR C 168 5.88 -1.27 20.12
CA THR C 168 5.61 -0.09 20.95
C THR C 168 5.84 -0.40 22.42
N LYS C 169 5.27 -1.53 22.88
CA LYS C 169 5.24 -1.89 24.28
C LYS C 169 5.76 -3.30 24.53
N VAL C 170 6.57 -3.41 25.59
CA VAL C 170 6.97 -4.68 26.17
C VAL C 170 6.54 -4.65 27.62
N GLU C 171 5.83 -5.68 28.04
CA GLU C 171 5.37 -5.78 29.43
C GLU C 171 6.34 -6.70 30.14
N ARG C 172 7.15 -6.11 31.02
CA ARG C 172 8.30 -6.77 31.62
C ARG C 172 8.07 -7.17 33.07
N GLY C 173 6.89 -6.92 33.62
CA GLY C 173 6.67 -7.24 35.03
C GLY C 173 7.67 -6.51 35.91
N LYS C 174 8.31 -7.26 36.80
CA LYS C 174 9.32 -6.72 37.70
C LYS C 174 10.71 -6.64 37.09
N TYR C 175 10.89 -7.08 35.85
CA TYR C 175 12.21 -7.15 35.24
C TYR C 175 12.60 -5.84 34.57
N ASP C 176 13.91 -5.53 34.62
CA ASP C 176 14.43 -4.33 33.98
C ASP C 176 14.35 -4.43 32.47
N LYS C 177 14.83 -5.55 31.93
CA LYS C 177 14.90 -5.77 30.49
C LYS C 177 14.51 -7.20 30.22
N VAL C 178 14.04 -7.45 29.00
CA VAL C 178 13.76 -8.80 28.51
C VAL C 178 14.28 -8.87 27.07
N MET C 179 14.58 -10.09 26.63
CA MET C 179 15.04 -10.28 25.26
C MET C 179 14.87 -11.76 24.89
N PRO C 180 14.84 -12.06 23.59
CA PRO C 180 14.74 -13.47 23.16
C PRO C 180 15.99 -14.25 23.53
N TYR C 181 15.79 -15.51 23.93
CA TYR C 181 16.93 -16.33 24.35
C TYR C 181 16.65 -17.79 23.96
N GLY C 182 16.98 -18.14 22.71
CA GLY C 182 16.73 -19.48 22.23
C GLY C 182 16.27 -19.50 20.79
N PRO C 183 16.46 -20.64 20.11
CA PRO C 183 16.27 -20.65 18.65
C PRO C 183 14.82 -20.57 18.19
N SER C 184 13.88 -21.24 18.85
CA SER C 184 12.53 -21.34 18.29
C SER C 184 11.48 -21.43 19.39
N GLY C 185 10.27 -21.01 19.06
CA GLY C 185 9.12 -21.07 19.94
C GLY C 185 7.93 -21.76 19.34
N ILE C 186 6.76 -21.63 19.95
CA ILE C 186 5.55 -22.30 19.49
C ILE C 186 4.46 -21.28 19.23
N LYS C 187 3.39 -21.76 18.63
CA LYS C 187 2.13 -21.03 18.53
C LYS C 187 1.06 -21.79 19.30
N GLN C 188 0.15 -21.04 19.91
CA GLN C 188 -1.05 -21.59 20.53
C GLN C 188 -2.21 -20.75 20.02
N GLY C 189 -2.89 -21.25 18.99
CA GLY C 189 -3.89 -20.46 18.32
C GLY C 189 -3.26 -19.34 17.54
N ASP C 190 -3.59 -18.10 17.91
CA ASP C 190 -3.00 -16.92 17.28
C ASP C 190 -2.04 -16.19 18.23
N THR C 191 -1.53 -16.88 19.26
CA THR C 191 -0.56 -16.31 20.18
C THR C 191 0.77 -17.02 19.99
N LEU C 192 1.84 -16.24 19.85
CA LEU C 192 3.18 -16.78 19.66
C LEU C 192 3.96 -16.65 20.96
N TYR C 193 4.78 -17.65 21.25
CA TYR C 193 5.62 -17.68 22.44
C TYR C 193 7.06 -17.87 22.00
N PHE C 194 7.96 -17.03 22.54
CA PHE C 194 9.38 -17.10 22.26
C PHE C 194 10.15 -17.45 23.52
N PRO C 195 11.18 -18.28 23.44
CA PRO C 195 12.04 -18.46 24.61
C PRO C 195 12.69 -17.13 24.95
N ALA C 196 12.67 -16.78 26.23
CA ALA C 196 13.10 -15.43 26.60
C ALA C 196 13.89 -15.49 27.90
N VAL C 197 14.46 -14.34 28.25
CA VAL C 197 15.15 -14.20 29.52
C VAL C 197 14.83 -12.80 30.03
N GLY C 198 14.74 -12.68 31.35
CA GLY C 198 14.51 -11.40 32.00
C GLY C 198 15.73 -11.06 32.83
N PHE C 199 16.07 -9.77 32.87
CA PHE C 199 17.18 -9.29 33.66
C PHE C 199 16.59 -8.69 34.93
N LEU C 200 16.84 -9.34 36.06
CA LEU C 200 16.30 -8.85 37.32
C LEU C 200 17.45 -8.42 38.22
N PRO C 201 17.39 -7.22 38.80
CA PRO C 201 18.47 -6.79 39.68
C PRO C 201 18.58 -7.72 40.89
N ARG C 202 19.83 -8.00 41.30
CA ARG C 202 20.03 -8.97 42.37
C ARG C 202 19.34 -8.52 43.65
N THR C 203 19.25 -7.22 43.84
CA THR C 203 18.61 -6.68 45.03
C THR C 203 17.11 -6.93 45.04
N GLU C 204 16.51 -7.28 43.91
CA GLU C 204 15.09 -7.59 43.84
C GLU C 204 14.81 -9.08 43.70
N PHE C 205 15.84 -9.92 43.71
CA PHE C 205 15.68 -11.36 43.49
C PHE C 205 15.08 -12.01 44.74
N GLN C 206 14.00 -12.76 44.57
CA GLN C 206 13.34 -13.33 45.75
C GLN C 206 13.93 -14.74 45.93
N TYR C 207 14.66 -14.98 47.03
CA TYR C 207 15.28 -16.31 47.18
C TYR C 207 15.66 -16.64 48.63
N ASN C 208 15.31 -17.85 49.06
CA ASN C 208 15.69 -18.39 50.37
C ASN C 208 16.85 -19.37 50.17
N ASP C 209 18.02 -19.05 50.73
CA ASP C 209 19.22 -19.84 50.46
C ASP C 209 19.12 -21.29 50.94
N SER C 210 18.10 -21.63 51.71
CA SER C 210 17.97 -23.00 52.18
C SER C 210 17.33 -23.92 51.15
N ASN C 211 16.89 -23.36 50.02
CA ASN C 211 16.47 -24.18 48.89
C ASN C 211 17.64 -24.68 48.07
N CYS C 212 18.85 -24.24 48.35
CA CYS C 212 20.02 -24.72 47.63
C CYS C 212 20.34 -26.15 48.11
N PRO C 213 20.29 -27.14 47.24
CA PRO C 213 20.46 -28.56 47.65
C PRO C 213 21.92 -28.95 47.89
N ILE C 214 22.44 -28.60 49.07
CA ILE C 214 23.85 -28.81 49.39
C ILE C 214 24.10 -30.06 50.22
N ILE C 215 23.07 -30.80 50.60
CA ILE C 215 23.29 -32.05 51.33
C ILE C 215 24.04 -33.03 50.44
N HIS C 216 25.02 -33.72 51.01
CA HIS C 216 25.92 -34.62 50.30
C HIS C 216 26.85 -33.90 49.33
N CYS C 217 27.03 -32.59 49.52
CA CYS C 217 28.02 -31.80 48.79
C CYS C 217 28.79 -31.00 49.84
N LYS C 218 29.83 -31.61 50.43
CA LYS C 218 30.45 -31.02 51.60
C LYS C 218 31.23 -29.74 51.28
N TYR C 219 31.64 -29.53 50.03
CA TYR C 219 32.33 -28.30 49.66
C TYR C 219 31.40 -27.20 49.16
N SER C 220 30.11 -27.48 49.01
CA SER C 220 29.18 -26.48 48.52
C SER C 220 28.70 -25.60 49.67
N LYS C 221 28.34 -24.36 49.34
CA LYS C 221 27.81 -23.44 50.34
C LYS C 221 26.37 -23.11 49.96
N ALA C 222 25.58 -22.75 50.97
CA ALA C 222 24.15 -22.55 50.74
C ALA C 222 23.89 -21.39 49.78
N GLU C 223 24.83 -20.45 49.68
CA GLU C 223 24.72 -19.27 48.83
C GLU C 223 25.01 -19.57 47.37
N ASN C 224 25.51 -20.76 47.05
CA ASN C 224 26.06 -21.00 45.72
C ASN C 224 24.99 -20.91 44.64
N CYS C 225 23.77 -21.38 44.93
CA CYS C 225 22.70 -21.32 43.94
C CYS C 225 22.39 -19.88 43.56
N ARG C 226 22.19 -19.03 44.57
CA ARG C 226 21.84 -17.64 44.32
C ARG C 226 22.94 -16.91 43.57
N LEU C 227 24.20 -17.15 43.94
CA LEU C 227 25.30 -16.48 43.25
C LEU C 227 25.44 -16.94 41.80
N SER C 228 24.97 -18.15 41.46
CA SER C 228 25.04 -18.64 40.09
C SER C 228 23.79 -18.35 39.28
N MET C 229 22.92 -17.47 39.76
CA MET C 229 21.81 -17.05 38.94
C MET C 229 22.19 -15.88 38.05
N GLY C 230 23.45 -15.41 38.15
CA GLY C 230 23.96 -14.39 37.27
C GLY C 230 25.31 -14.85 36.71
N VAL C 231 25.77 -14.14 35.67
CA VAL C 231 26.94 -14.57 34.91
C VAL C 231 28.21 -14.56 35.74
N ASN C 232 28.20 -13.90 36.89
CA ASN C 232 29.23 -14.11 37.90
C ASN C 232 28.67 -13.70 39.26
N SER C 233 29.37 -14.12 40.32
CA SER C 233 28.85 -13.97 41.69
C SER C 233 28.58 -12.51 42.02
N LYS C 234 29.28 -11.62 41.31
CA LYS C 234 29.37 -10.19 41.56
C LYS C 234 28.61 -9.36 40.50
N SER C 235 27.83 -10.02 39.65
CA SER C 235 26.97 -9.43 38.63
C SER C 235 25.85 -8.54 39.20
N HIS C 236 25.48 -7.50 38.42
CA HIS C 236 24.36 -6.67 38.83
C HIS C 236 23.02 -7.36 38.66
N TYR C 237 22.87 -8.19 37.64
CA TYR C 237 21.61 -8.85 37.31
C TYR C 237 21.69 -10.34 37.61
N ILE C 238 20.50 -10.94 37.76
CA ILE C 238 20.33 -12.38 37.58
C ILE C 238 19.50 -12.60 36.33
N LEU C 239 19.67 -13.76 35.72
CA LEU C 239 18.97 -14.10 34.49
C LEU C 239 17.96 -15.18 34.79
N ARG C 240 16.72 -14.96 34.37
CA ARG C 240 15.63 -15.89 34.60
C ARG C 240 14.98 -16.22 33.27
N SER C 241 14.92 -17.50 32.94
CA SER C 241 14.31 -17.93 31.68
C SER C 241 12.82 -17.66 31.69
N GLY C 242 12.23 -17.69 30.50
CA GLY C 242 10.79 -17.56 30.36
C GLY C 242 10.39 -17.48 28.91
N LEU C 243 9.22 -16.88 28.69
CA LEU C 243 8.65 -16.75 27.35
C LEU C 243 8.26 -15.30 27.11
N LEU C 244 8.34 -14.88 25.85
CA LEU C 244 7.81 -13.60 25.40
C LEU C 244 6.57 -13.90 24.57
N LYS C 245 5.44 -13.30 24.97
CA LYS C 245 4.15 -13.66 24.43
C LYS C 245 3.69 -12.59 23.46
N TYR C 246 3.28 -13.01 22.28
CA TYR C 246 2.85 -12.11 21.21
C TYR C 246 1.51 -12.60 20.69
N ASN C 247 0.44 -11.90 21.04
CA ASN C 247 -0.91 -12.28 20.68
C ASN C 247 -1.30 -11.58 19.38
N LEU C 248 -1.40 -12.33 18.29
CA LEU C 248 -1.70 -11.75 16.99
C LEU C 248 -3.14 -11.27 16.91
N SER C 249 -4.04 -11.89 17.68
CA SER C 249 -5.45 -11.50 17.70
C SER C 249 -5.69 -10.09 18.25
N LEU C 250 -4.71 -9.49 18.94
CA LEU C 250 -4.82 -8.14 19.45
C LEU C 250 -4.64 -7.13 18.32
N GLY C 251 -5.14 -5.91 18.56
CA GLY C 251 -5.23 -4.94 17.48
C GLY C 251 -3.96 -4.17 17.14
N GLY C 252 -4.11 -2.86 16.93
CA GLY C 252 -2.99 -2.01 16.54
C GLY C 252 -1.75 -2.19 17.40
N ASP C 253 -1.92 -2.26 18.71
CA ASP C 253 -0.78 -2.29 19.61
C ASP C 253 -0.09 -3.64 19.49
N ILE C 254 1.17 -3.62 19.10
CA ILE C 254 2.01 -4.83 19.12
C ILE C 254 2.66 -4.86 20.50
N ILE C 255 2.17 -5.75 21.35
CA ILE C 255 2.64 -5.86 22.73
C ILE C 255 3.36 -7.19 22.92
N LEU C 256 4.47 -7.16 23.63
CA LEU C 256 5.18 -8.35 24.06
C LEU C 256 5.10 -8.44 25.58
N GLN C 257 4.62 -9.59 26.07
CA GLN C 257 4.58 -9.96 27.48
C GLN C 257 5.58 -11.04 27.85
N PHE C 258 6.36 -10.76 28.90
CA PHE C 258 7.30 -11.72 29.43
C PHE C 258 6.63 -12.57 30.49
N ILE C 259 6.90 -13.87 30.45
CA ILE C 259 6.35 -14.85 31.39
C ILE C 259 7.51 -15.58 32.04
N GLU C 260 7.66 -15.45 33.35
CA GLU C 260 8.79 -16.07 34.01
C GLU C 260 8.55 -17.56 34.19
N ILE C 261 9.64 -18.32 34.15
CA ILE C 261 9.56 -19.76 34.41
C ILE C 261 9.46 -19.97 35.91
N ALA C 262 8.79 -21.04 36.31
CA ALA C 262 8.65 -21.34 37.72
C ALA C 262 10.00 -21.74 38.31
N ASP C 263 10.11 -21.63 39.63
CA ASP C 263 11.38 -21.83 40.31
C ASP C 263 11.64 -23.27 40.74
N ASN C 264 10.83 -24.24 40.27
CA ASN C 264 11.16 -25.64 40.50
C ASN C 264 12.36 -25.99 39.63
N ARG C 265 13.45 -26.44 40.27
CA ARG C 265 14.71 -26.70 39.59
C ARG C 265 15.20 -25.46 38.83
N LEU C 266 15.30 -24.36 39.56
CA LEU C 266 15.72 -23.10 38.97
C LEU C 266 17.21 -23.13 38.62
N THR C 267 17.56 -22.67 37.43
CA THR C 267 18.94 -22.46 37.04
C THR C 267 19.03 -21.13 36.32
N ILE C 268 20.26 -20.67 36.09
CA ILE C 268 20.45 -19.38 35.47
C ILE C 268 19.77 -19.36 34.10
N GLY C 269 19.22 -18.20 33.73
CA GLY C 269 18.60 -18.06 32.45
C GLY C 269 19.61 -18.39 31.38
N SER C 270 19.22 -19.29 30.47
CA SER C 270 20.11 -19.80 29.45
C SER C 270 19.26 -19.97 28.19
N PRO C 271 19.89 -20.08 27.02
CA PRO C 271 19.10 -20.25 25.79
C PRO C 271 18.24 -21.48 25.90
N SER C 272 17.03 -21.39 25.36
CA SER C 272 16.04 -22.44 25.58
C SER C 272 15.15 -22.55 24.36
N LYS C 273 14.31 -23.58 24.34
CA LYS C 273 13.40 -23.72 23.21
C LYS C 273 12.14 -24.38 23.72
N ILE C 274 11.00 -23.96 23.19
CA ILE C 274 9.72 -24.60 23.49
C ILE C 274 9.13 -25.09 22.17
N TYR C 275 8.73 -26.36 22.14
CA TYR C 275 8.21 -26.97 20.93
C TYR C 275 7.03 -27.88 21.27
N ASN C 276 6.27 -28.24 20.23
CA ASN C 276 5.14 -29.14 20.36
C ASN C 276 5.55 -30.53 19.92
N SER C 277 5.23 -31.54 20.73
CA SER C 277 5.40 -32.93 20.33
C SER C 277 4.23 -33.76 20.81
N LEU C 278 3.59 -34.47 19.87
CA LEU C 278 2.46 -35.33 20.15
C LEU C 278 1.40 -34.61 20.98
N GLY C 279 1.07 -33.38 20.55
CA GLY C 279 -0.06 -32.64 21.08
C GLY C 279 0.21 -31.74 22.27
N GLN C 280 1.42 -31.74 22.81
CA GLN C 280 1.75 -30.98 24.02
C GLN C 280 3.03 -30.17 23.85
N PRO C 281 3.15 -29.06 24.57
CA PRO C 281 4.41 -28.30 24.56
C PRO C 281 5.49 -28.97 25.39
N VAL C 282 6.71 -28.95 24.88
CA VAL C 282 7.89 -29.43 25.59
C VAL C 282 8.87 -28.27 25.72
N PHE C 283 9.67 -28.30 26.78
CA PHE C 283 10.63 -27.24 27.03
C PHE C 283 12.03 -27.83 27.21
N TYR C 284 13.02 -27.18 26.62
CA TYR C 284 14.42 -27.50 26.84
C TYR C 284 15.13 -26.24 27.30
N GLN C 285 15.92 -26.35 28.36
CA GLN C 285 16.76 -25.25 28.81
C GLN C 285 18.19 -25.73 28.85
N ALA C 286 19.09 -24.96 28.24
CA ALA C 286 20.50 -25.32 28.32
C ALA C 286 21.01 -25.15 29.75
N SER C 287 21.93 -26.00 30.13
CA SER C 287 22.48 -26.00 31.48
C SER C 287 23.78 -25.22 31.45
N TYR C 288 23.73 -23.96 31.87
CA TYR C 288 24.87 -23.05 31.83
C TYR C 288 25.52 -22.85 33.18
N SER C 289 25.10 -23.61 34.20
CA SER C 289 25.70 -23.54 35.53
C SER C 289 25.86 -24.95 36.11
N TRP C 290 25.87 -25.05 37.44
CA TRP C 290 26.27 -26.28 38.13
C TRP C 290 25.33 -27.46 37.90
N ASP C 291 24.04 -27.24 37.68
CA ASP C 291 23.14 -28.38 37.47
C ASP C 291 23.29 -28.80 36.01
N THR C 292 24.19 -29.75 35.76
CA THR C 292 24.64 -30.04 34.42
C THR C 292 23.91 -31.19 33.75
N MET C 293 23.04 -31.90 34.45
CA MET C 293 22.23 -32.90 33.76
C MET C 293 21.15 -32.20 32.93
N ILE C 294 20.77 -32.83 31.81
CA ILE C 294 19.94 -32.16 30.83
C ILE C 294 18.61 -31.74 31.46
N LYS C 295 18.15 -30.55 31.06
CA LYS C 295 16.90 -29.97 31.59
C LYS C 295 15.89 -29.92 30.45
N LEU C 296 14.98 -30.89 30.43
CA LEU C 296 13.87 -30.86 29.49
C LEU C 296 12.67 -31.52 30.17
N GLY C 297 11.49 -31.23 29.65
CA GLY C 297 10.30 -31.87 30.19
C GLY C 297 9.04 -31.29 29.57
N ASP C 298 7.92 -31.91 29.95
CA ASP C 298 6.62 -31.44 29.48
C ASP C 298 6.21 -30.16 30.19
N VAL C 299 5.48 -29.32 29.48
CA VAL C 299 5.01 -28.04 30.02
C VAL C 299 3.69 -28.30 30.76
N ASP C 300 3.67 -27.99 32.05
CA ASP C 300 2.42 -28.06 32.82
C ASP C 300 1.46 -26.95 32.42
N THR C 301 1.92 -25.70 32.51
CA THR C 301 1.16 -24.53 32.12
C THR C 301 2.07 -23.61 31.33
N VAL C 302 1.55 -23.01 30.27
CA VAL C 302 2.37 -22.11 29.46
C VAL C 302 2.41 -20.72 30.08
N ASP C 303 1.29 -20.26 30.62
CA ASP C 303 1.22 -18.99 31.33
C ASP C 303 0.46 -19.19 32.63
N PRO C 304 1.12 -19.09 33.80
CA PRO C 304 2.56 -18.95 34.03
C PRO C 304 3.34 -20.21 33.63
N LEU C 305 4.60 -20.04 33.24
CA LEU C 305 5.37 -21.13 32.67
C LEU C 305 5.85 -22.08 33.76
N ARG C 306 5.49 -23.36 33.63
CA ARG C 306 5.96 -24.41 34.51
C ARG C 306 6.25 -25.66 33.68
N VAL C 307 7.44 -26.21 33.84
CA VAL C 307 7.94 -27.34 33.06
C VAL C 307 8.14 -28.47 34.04
N GLN C 308 7.75 -29.71 33.73
CA GLN C 308 8.26 -30.62 34.72
C GLN C 308 9.39 -31.42 34.10
N TRP C 309 10.58 -31.08 34.55
CA TRP C 309 11.88 -31.56 34.09
C TRP C 309 12.02 -33.08 34.25
N ARG C 310 12.58 -33.76 33.26
CA ARG C 310 12.88 -35.17 33.50
C ARG C 310 13.98 -35.27 34.54
N ASN C 311 13.95 -36.37 35.30
CA ASN C 311 15.08 -36.68 36.17
C ASN C 311 15.98 -37.58 35.37
N ASN C 312 16.76 -36.95 34.49
CA ASN C 312 17.59 -37.64 33.54
C ASN C 312 19.00 -37.75 34.09
N SER C 313 19.57 -38.96 34.03
CA SER C 313 20.87 -39.23 34.63
C SER C 313 21.91 -39.68 33.62
N VAL C 314 21.63 -39.57 32.32
CA VAL C 314 22.56 -40.10 31.34
C VAL C 314 23.11 -39.02 30.41
N ILE C 315 22.35 -37.94 30.21
CA ILE C 315 22.72 -36.90 29.25
C ILE C 315 23.11 -35.64 30.00
N SER C 316 24.30 -35.12 29.72
CA SER C 316 24.69 -33.82 30.25
C SER C 316 25.57 -33.16 29.18
N ARG C 317 26.30 -32.13 29.55
CA ARG C 317 27.00 -31.32 28.57
C ARG C 317 28.39 -30.97 29.07
N PRO C 318 29.32 -30.69 28.16
CA PRO C 318 30.66 -30.29 28.60
C PRO C 318 30.60 -28.96 29.33
N GLY C 319 31.54 -28.79 30.24
CA GLY C 319 31.66 -27.57 31.01
C GLY C 319 33.11 -27.11 31.04
N GLN C 320 33.48 -26.51 32.17
CA GLN C 320 34.86 -26.11 32.40
C GLN C 320 35.26 -26.74 33.73
N SER C 321 36.36 -26.25 34.29
CA SER C 321 36.94 -26.87 35.46
C SER C 321 35.95 -26.96 36.63
N GLN C 322 35.23 -25.87 36.90
CA GLN C 322 34.42 -25.84 38.12
C GLN C 322 33.16 -26.68 38.00
N CYS C 323 32.52 -26.69 36.83
CA CYS C 323 31.30 -27.46 36.62
C CYS C 323 31.43 -28.24 35.33
N PRO C 324 32.25 -29.28 35.32
CA PRO C 324 32.42 -30.12 34.13
C PRO C 324 31.22 -31.07 33.99
N ARG C 325 31.27 -31.88 32.93
CA ARG C 325 30.18 -32.79 32.63
C ARG C 325 29.90 -33.69 33.83
N PHE C 326 28.63 -33.91 34.12
CA PHE C 326 28.11 -34.76 35.20
C PHE C 326 28.23 -34.12 36.58
N ASN C 327 28.59 -32.84 36.67
CA ASN C 327 28.56 -32.15 37.95
C ASN C 327 27.12 -32.00 38.42
N VAL C 328 26.89 -32.24 39.71
CA VAL C 328 25.56 -32.11 40.30
C VAL C 328 25.57 -31.29 41.58
N CYS C 329 26.72 -30.83 42.04
CA CYS C 329 26.75 -30.11 43.30
C CYS C 329 26.78 -28.61 43.07
N PRO C 330 26.03 -27.85 43.87
CA PRO C 330 25.97 -26.39 43.66
C PRO C 330 27.35 -25.74 43.74
N GLU C 331 27.76 -25.16 42.63
CA GLU C 331 28.98 -24.37 42.53
C GLU C 331 28.64 -23.02 41.94
N VAL C 332 29.58 -22.09 41.99
CA VAL C 332 29.44 -20.79 41.35
C VAL C 332 30.11 -20.90 40.00
N CYS C 333 29.32 -21.04 38.93
CA CYS C 333 29.87 -21.25 37.61
C CYS C 333 28.91 -20.69 36.58
N TRP C 334 29.47 -20.30 35.44
CA TRP C 334 28.70 -19.95 34.24
C TRP C 334 29.46 -20.53 33.04
N GLU C 335 29.07 -21.72 32.62
CA GLU C 335 29.73 -22.39 31.51
C GLU C 335 28.83 -23.50 30.98
N GLY C 336 29.06 -23.88 29.72
CA GLY C 336 28.35 -24.97 29.11
C GLY C 336 28.07 -24.69 27.65
N THR C 337 27.30 -25.61 27.04
CA THR C 337 26.90 -25.53 25.65
C THR C 337 25.41 -25.80 25.53
N TYR C 338 24.84 -25.42 24.40
CA TYR C 338 23.45 -25.69 24.08
C TYR C 338 23.40 -26.93 23.19
N ASN C 339 22.77 -28.00 23.68
CA ASN C 339 22.56 -29.21 22.89
C ASN C 339 21.17 -29.73 23.24
N ASP C 340 20.17 -29.33 22.46
CA ASP C 340 18.80 -29.63 22.83
C ASP C 340 18.43 -31.06 22.45
N ALA C 341 17.26 -31.49 22.91
CA ALA C 341 16.72 -32.79 22.57
C ALA C 341 15.23 -32.65 22.26
N PHE C 342 14.71 -33.60 21.49
CA PHE C 342 13.34 -33.53 20.97
C PHE C 342 12.58 -34.78 21.38
N LEU C 343 11.48 -34.60 22.10
CA LEU C 343 10.63 -35.71 22.51
C LEU C 343 9.93 -36.32 21.29
N ILE C 344 10.04 -37.63 21.14
CA ILE C 344 9.45 -38.35 20.02
C ILE C 344 8.43 -39.40 20.43
N ASP C 345 8.35 -39.75 21.71
CA ASP C 345 7.41 -40.76 22.19
C ASP C 345 7.12 -40.44 23.65
N ARG C 346 5.92 -39.93 23.94
CA ARG C 346 5.65 -39.51 25.31
C ARG C 346 5.37 -40.69 26.25
N LEU C 347 4.82 -41.79 25.74
CA LEU C 347 4.45 -42.88 26.63
C LEU C 347 5.67 -43.54 27.26
N ASN C 348 6.80 -43.39 26.61
CA ASN C 348 8.03 -44.06 26.92
C ASN C 348 9.09 -43.03 27.31
N TRP C 349 8.71 -41.75 27.18
CA TRP C 349 9.52 -40.54 27.31
C TRP C 349 10.89 -40.74 26.69
N VAL C 350 10.86 -40.95 25.38
CA VAL C 350 12.04 -41.12 24.56
C VAL C 350 12.28 -39.83 23.80
N SER C 351 13.52 -39.35 23.82
CA SER C 351 13.88 -38.11 23.14
C SER C 351 15.07 -38.37 22.23
N ALA C 352 15.20 -37.53 21.22
CA ALA C 352 16.33 -37.58 20.31
C ALA C 352 17.06 -36.25 20.33
N GLY C 353 18.38 -36.31 20.26
CA GLY C 353 19.18 -35.10 20.17
C GLY C 353 20.64 -35.46 20.04
N VAL C 354 21.45 -34.44 19.89
CA VAL C 354 22.90 -34.59 19.80
C VAL C 354 23.54 -34.07 21.08
N TYR C 355 24.48 -34.84 21.62
CA TYR C 355 25.25 -34.42 22.77
C TYR C 355 26.74 -34.47 22.44
N LEU C 356 27.52 -33.67 23.16
CA LEU C 356 28.96 -33.61 22.96
C LEU C 356 29.62 -34.55 23.96
N ASN C 357 30.27 -35.60 23.45
CA ASN C 357 30.84 -36.62 24.33
C ASN C 357 32.23 -36.19 24.78
N SER C 358 32.24 -35.16 25.61
CA SER C 358 33.46 -34.62 26.18
C SER C 358 33.14 -33.98 27.52
N ASN C 359 34.10 -34.04 28.43
CA ASN C 359 33.87 -33.53 29.79
C ASN C 359 33.98 -32.02 29.86
N GLN C 360 35.03 -31.46 29.24
CA GLN C 360 35.30 -30.02 29.30
C GLN C 360 35.59 -29.42 27.94
N THR C 361 35.52 -30.19 26.87
CA THR C 361 35.88 -29.72 25.54
C THR C 361 34.65 -29.75 24.62
N ALA C 362 34.61 -28.82 23.68
CA ALA C 362 33.53 -28.78 22.69
C ALA C 362 33.93 -29.67 21.50
N GLU C 363 33.75 -30.97 21.67
CA GLU C 363 34.07 -31.88 20.57
C GLU C 363 33.29 -33.18 20.74
N ASN C 364 33.38 -34.04 19.70
CA ASN C 364 32.80 -35.38 19.62
C ASN C 364 31.27 -35.40 19.62
N PRO C 365 30.62 -34.89 18.57
CA PRO C 365 29.15 -34.94 18.53
C PRO C 365 28.63 -36.35 18.35
N VAL C 366 27.57 -36.68 19.10
CA VAL C 366 26.92 -37.99 19.04
C VAL C 366 25.40 -37.78 19.01
N PHE C 367 24.73 -38.40 18.05
CA PHE C 367 23.27 -38.41 18.00
C PHE C 367 22.75 -39.58 18.80
N ALA C 368 21.81 -39.32 19.72
CA ALA C 368 21.37 -40.34 20.66
C ALA C 368 19.86 -40.31 20.83
N VAL C 369 19.29 -41.50 21.01
CA VAL C 369 17.90 -41.69 21.41
C VAL C 369 17.93 -42.24 22.83
N PHE C 370 17.25 -41.56 23.75
CA PHE C 370 17.50 -41.85 25.17
C PHE C 370 16.23 -41.67 25.99
N LYS C 371 16.22 -42.34 27.13
CA LYS C 371 15.22 -42.19 28.17
C LYS C 371 15.87 -41.52 29.38
N ASP C 372 15.07 -41.33 30.43
CA ASP C 372 15.56 -40.67 31.64
C ASP C 372 16.83 -41.32 32.16
N ASN C 373 16.88 -42.65 32.19
CA ASN C 373 17.98 -43.34 32.86
C ASN C 373 18.79 -44.24 31.94
N GLU C 374 18.57 -44.22 30.64
CA GLU C 374 19.38 -45.07 29.77
C GLU C 374 19.37 -44.51 28.35
N ILE C 375 20.52 -44.61 27.70
CA ILE C 375 20.65 -44.30 26.28
C ILE C 375 20.31 -45.55 25.49
N LEU C 376 19.25 -45.48 24.68
CA LEU C 376 18.80 -46.67 23.96
C LEU C 376 19.75 -47.02 22.82
N TYR C 377 19.94 -46.09 21.89
CA TYR C 377 20.91 -46.30 20.82
C TYR C 377 21.44 -44.95 20.39
N GLN C 378 22.65 -44.96 19.82
CA GLN C 378 23.34 -43.73 19.46
C GLN C 378 24.30 -44.00 18.31
N VAL C 379 24.80 -42.91 17.74
CA VAL C 379 25.77 -42.98 16.65
C VAL C 379 26.62 -41.71 16.64
N PRO C 380 27.94 -41.81 16.49
CA PRO C 380 28.73 -40.61 16.28
C PRO C 380 28.38 -39.94 14.96
N LEU C 381 28.48 -38.61 14.96
CA LEU C 381 28.29 -37.85 13.73
C LEU C 381 29.60 -37.57 12.99
N ALA C 382 30.77 -37.75 13.63
CA ALA C 382 32.08 -37.37 13.08
C ALA C 382 33.17 -38.15 13.84
N GLU C 383 34.43 -37.68 13.79
CA GLU C 383 35.39 -38.41 14.63
C GLU C 383 35.36 -37.87 16.05
N ASP C 384 36.06 -38.57 16.98
CA ASP C 384 35.97 -38.14 18.38
C ASP C 384 36.70 -36.84 18.60
N ASP C 385 37.68 -36.53 17.74
CA ASP C 385 38.44 -35.29 17.86
C ASP C 385 37.84 -34.18 17.02
N THR C 386 36.64 -34.42 16.48
CA THR C 386 35.94 -33.40 15.73
C THR C 386 35.43 -32.33 16.66
N ASN C 387 35.65 -31.08 16.29
CA ASN C 387 35.19 -29.98 17.11
C ASN C 387 33.71 -29.76 16.85
N ALA C 388 32.94 -29.65 17.92
CA ALA C 388 31.50 -29.43 17.80
C ALA C 388 31.02 -28.63 18.99
N GLN C 389 29.96 -27.87 18.76
CA GLN C 389 29.36 -26.95 19.71
C GLN C 389 27.85 -27.09 19.65
N LYS C 390 27.16 -25.95 19.70
CA LYS C 390 25.70 -25.89 19.71
C LYS C 390 25.10 -26.83 18.68
N THR C 391 24.06 -27.57 19.12
CA THR C 391 23.31 -28.47 18.26
C THR C 391 21.82 -28.23 18.47
N ILE C 392 21.07 -28.18 17.38
CA ILE C 392 19.62 -27.97 17.42
C ILE C 392 18.95 -29.11 16.67
N THR C 393 18.06 -29.84 17.34
CA THR C 393 17.38 -30.99 16.75
C THR C 393 15.88 -30.75 16.72
N ASP C 394 15.28 -30.98 15.56
CA ASP C 394 13.83 -30.92 15.38
C ASP C 394 13.37 -32.17 14.66
N CYS C 395 12.34 -32.82 15.20
CA CYS C 395 11.81 -34.03 14.61
C CYS C 395 10.40 -33.80 14.12
N PHE C 396 10.05 -34.55 13.07
CA PHE C 396 8.81 -34.37 12.32
C PHE C 396 8.46 -35.69 11.65
N LEU C 397 7.41 -35.68 10.83
CA LEU C 397 6.97 -36.87 10.12
C LEU C 397 7.19 -36.72 8.62
N LEU C 398 7.68 -37.79 8.00
CA LEU C 398 7.80 -37.90 6.55
C LEU C 398 7.08 -39.18 6.16
N GLU C 399 5.86 -39.04 5.65
CA GLU C 399 4.97 -40.17 5.41
C GLU C 399 4.91 -41.08 6.63
N ASN C 400 4.59 -40.47 7.77
CA ASN C 400 4.30 -41.12 9.04
C ASN C 400 5.52 -41.74 9.72
N VAL C 401 6.73 -41.51 9.21
CA VAL C 401 7.96 -41.98 9.84
C VAL C 401 8.63 -40.82 10.55
N ILE C 402 9.10 -41.08 11.78
CA ILE C 402 9.77 -40.05 12.55
C ILE C 402 11.17 -39.82 11.99
N TRP C 403 11.44 -38.59 11.57
CA TRP C 403 12.75 -38.16 11.14
C TRP C 403 13.17 -37.00 12.02
N CYS C 404 14.47 -36.89 12.26
CA CYS C 404 15.00 -35.75 12.97
C CYS C 404 16.01 -35.06 12.09
N ILE C 405 16.01 -33.73 12.12
CA ILE C 405 17.01 -32.90 11.46
C ILE C 405 17.76 -32.14 12.54
N SER C 406 19.09 -32.21 12.49
CA SER C 406 19.92 -31.56 13.49
C SER C 406 20.86 -30.59 12.82
N LEU C 407 20.89 -29.36 13.33
CA LEU C 407 21.89 -28.37 12.94
C LEU C 407 23.04 -28.47 13.94
N VAL C 408 24.24 -28.70 13.43
CA VAL C 408 25.39 -28.96 14.29
C VAL C 408 26.53 -28.03 13.89
N GLU C 409 26.99 -27.23 14.85
CA GLU C 409 28.23 -26.48 14.65
C GLU C 409 29.38 -27.47 14.71
N ILE C 410 30.12 -27.59 13.61
CA ILE C 410 31.05 -28.70 13.47
C ILE C 410 32.21 -28.26 12.58
N TYR C 411 33.39 -28.78 12.88
CA TYR C 411 34.54 -28.59 12.01
C TYR C 411 35.71 -29.42 12.50
N ASP C 412 36.57 -29.72 11.55
CA ASP C 412 37.80 -30.44 11.83
C ASP C 412 39.02 -29.53 11.78
N THR C 413 39.94 -29.72 12.73
CA THR C 413 41.18 -28.96 12.70
C THR C 413 41.89 -29.09 11.37
N GLY C 414 42.29 -27.92 10.85
CA GLY C 414 42.86 -27.75 9.53
C GLY C 414 41.87 -27.25 8.49
N ASP C 415 40.58 -27.20 8.82
CA ASP C 415 39.58 -26.71 7.89
C ASP C 415 39.74 -25.22 7.65
N SER C 416 39.48 -24.80 6.41
CA SER C 416 39.58 -23.39 6.03
C SER C 416 38.31 -22.64 6.42
N VAL C 417 37.19 -23.35 6.47
CA VAL C 417 35.90 -22.79 6.79
C VAL C 417 35.28 -23.60 7.92
N ILE C 418 34.79 -22.87 8.91
CA ILE C 418 33.98 -23.38 10.00
C ILE C 418 32.55 -23.16 9.54
N ARG C 419 31.75 -24.22 9.43
CA ARG C 419 30.39 -23.95 8.97
C ARG C 419 29.47 -24.95 9.64
N PRO C 420 28.21 -24.60 9.90
CA PRO C 420 27.30 -25.60 10.45
C PRO C 420 26.98 -26.67 9.42
N LYS C 421 26.51 -27.81 9.92
CA LYS C 421 26.07 -28.90 9.07
C LYS C 421 24.69 -29.37 9.54
N LEU C 422 23.88 -29.80 8.57
CA LEU C 422 22.55 -30.32 8.85
C LEU C 422 22.56 -31.83 8.63
N PHE C 423 22.03 -32.57 9.60
CA PHE C 423 22.00 -34.02 9.54
C PHE C 423 20.56 -34.50 9.61
N ALA C 424 20.23 -35.45 8.75
CA ALA C 424 18.92 -36.09 8.75
C ALA C 424 19.10 -37.51 9.25
N VAL C 425 18.32 -37.87 10.26
CA VAL C 425 18.38 -39.20 10.86
C VAL C 425 16.98 -39.77 10.91
N LYS C 426 16.79 -40.93 10.29
CA LYS C 426 15.52 -41.63 10.40
C LYS C 426 15.56 -42.52 11.63
N ILE C 427 14.47 -42.51 12.40
CA ILE C 427 14.40 -43.23 13.66
C ILE C 427 13.97 -44.66 13.37
N PRO C 428 14.76 -45.67 13.75
CA PRO C 428 14.47 -47.04 13.32
C PRO C 428 13.20 -47.58 13.95
N ALA C 429 12.57 -48.50 13.24
CA ALA C 429 11.39 -49.21 13.71
C ALA C 429 11.75 -50.49 14.44
N GLN C 430 12.78 -51.17 13.98
CA GLN C 430 13.26 -52.40 14.58
C GLN C 430 14.66 -52.18 15.17
N CYS C 431 14.92 -52.92 16.26
CA CYS C 431 16.13 -52.72 17.04
C CYS C 431 17.28 -53.62 16.61
N SER C 432 17.09 -54.49 15.63
CA SER C 432 18.15 -55.41 15.26
C SER C 432 18.92 -54.97 14.01
N SER D 1 48.62 -32.87 16.16
CA SER D 1 47.42 -33.17 16.94
C SER D 1 47.76 -34.08 18.12
N ILE D 2 48.08 -33.45 19.25
CA ILE D 2 48.67 -34.09 20.41
C ILE D 2 47.73 -33.93 21.59
N VAL D 3 47.82 -34.85 22.55
CA VAL D 3 47.41 -34.56 23.91
C VAL D 3 48.68 -34.19 24.66
N LEU D 4 48.78 -32.95 25.10
CA LEU D 4 50.02 -32.51 25.73
C LEU D 4 50.17 -33.17 27.09
N GLU D 5 51.37 -33.11 27.62
CA GLU D 5 51.59 -33.70 28.92
C GLU D 5 50.88 -32.89 30.00
N PRO D 6 50.22 -33.55 30.94
CA PRO D 6 49.50 -32.81 31.96
C PRO D 6 50.45 -31.95 32.76
N ILE D 7 49.98 -30.77 33.13
CA ILE D 7 50.75 -29.86 33.96
C ILE D 7 50.10 -29.92 35.33
N TYR D 8 50.87 -30.40 36.31
CA TYR D 8 50.35 -30.50 37.66
C TYR D 8 50.60 -29.20 38.38
N TRP D 9 49.52 -28.52 38.77
CA TRP D 9 49.67 -27.24 39.44
C TRP D 9 49.90 -27.47 40.92
N ASN D 10 51.05 -28.06 41.22
CA ASN D 10 51.50 -28.12 42.59
C ASN D 10 52.96 -27.69 42.68
N SER D 11 53.27 -27.27 43.90
CA SER D 11 54.55 -26.71 44.28
C SER D 11 55.74 -27.63 44.02
N SER D 12 55.54 -28.93 43.91
CA SER D 12 56.65 -29.83 43.66
C SER D 12 56.95 -30.02 42.18
N ASN D 13 56.23 -29.34 41.30
CA ASN D 13 56.48 -29.46 39.86
C ASN D 13 57.82 -28.81 39.51
N SER D 14 58.76 -29.61 39.01
CA SER D 14 60.09 -29.13 38.66
C SER D 14 60.13 -28.39 37.33
N LYS D 15 59.06 -28.46 36.53
CA LYS D 15 59.05 -27.83 35.22
C LYS D 15 58.74 -26.34 35.27
N PHE D 16 58.37 -25.81 36.44
CA PHE D 16 58.38 -24.36 36.64
C PHE D 16 59.83 -23.98 36.93
N LEU D 17 60.52 -23.44 35.94
CA LEU D 17 61.91 -23.07 36.14
C LEU D 17 62.00 -21.90 37.10
N PRO D 18 63.08 -21.82 37.87
CA PRO D 18 63.26 -20.68 38.77
C PRO D 18 63.19 -19.36 38.02
N GLY D 19 62.33 -18.46 38.49
CA GLY D 19 62.24 -17.12 37.93
C GLY D 19 61.55 -17.03 36.58
N GLN D 20 61.48 -18.14 35.84
CA GLN D 20 60.90 -18.15 34.51
C GLN D 20 59.60 -18.95 34.41
N GLY D 21 59.47 -20.01 35.19
CA GLY D 21 58.30 -20.87 35.10
C GLY D 21 58.36 -21.83 33.93
N LEU D 22 57.17 -22.24 33.50
CA LEU D 22 57.00 -23.25 32.47
C LEU D 22 56.61 -22.54 31.17
N VAL D 23 57.30 -22.87 30.07
CA VAL D 23 57.03 -22.26 28.78
C VAL D 23 56.58 -23.35 27.80
N LEU D 24 55.46 -23.08 27.13
CA LEU D 24 54.79 -24.05 26.28
C LEU D 24 54.65 -23.51 24.87
N TYR D 25 54.66 -24.43 23.91
CA TYR D 25 54.51 -24.09 22.49
C TYR D 25 53.41 -24.97 21.89
N PRO D 26 52.17 -24.83 22.36
CA PRO D 26 51.09 -25.65 21.83
C PRO D 26 50.65 -25.20 20.45
N GLN D 27 50.22 -26.17 19.66
CA GLN D 27 49.78 -25.96 18.28
C GLN D 27 48.26 -26.06 18.23
N ILE D 28 47.67 -25.45 17.20
CA ILE D 28 46.22 -25.49 17.08
C ILE D 28 45.77 -26.94 16.91
N GLY D 29 44.74 -27.32 17.68
CA GLY D 29 44.16 -28.65 17.64
C GLY D 29 44.57 -29.62 18.72
N ASP D 30 45.62 -29.34 19.49
CA ASP D 30 45.99 -30.25 20.58
C ASP D 30 45.25 -29.92 21.87
N LYS D 31 45.34 -30.84 22.84
CA LYS D 31 44.68 -30.71 24.14
C LYS D 31 45.71 -30.67 25.27
N LEU D 32 45.39 -29.93 26.32
CA LEU D 32 46.28 -29.75 27.47
C LEU D 32 45.47 -29.81 28.76
N ASP D 33 46.05 -30.44 29.78
CA ASP D 33 45.43 -30.58 31.09
C ASP D 33 46.24 -29.87 32.16
N ILE D 34 45.56 -29.10 33.00
CA ILE D 34 46.16 -28.51 34.20
C ILE D 34 45.40 -29.08 35.39
N ILE D 35 46.11 -29.82 36.25
CA ILE D 35 45.50 -30.64 37.31
C ILE D 35 45.98 -30.17 38.67
N CYS D 36 45.04 -30.04 39.61
CA CYS D 36 45.33 -29.83 41.02
C CYS D 36 45.13 -31.15 41.75
N PRO D 37 46.19 -31.91 42.04
CA PRO D 37 46.00 -33.30 42.47
C PRO D 37 45.43 -33.41 43.88
N LYS D 38 44.75 -34.53 44.12
CA LYS D 38 44.16 -34.84 45.41
C LYS D 38 45.22 -35.27 46.41
N VAL D 39 44.88 -35.13 47.69
CA VAL D 39 45.80 -35.37 48.79
C VAL D 39 45.30 -36.57 49.63
N ASP D 40 46.15 -37.01 50.57
CA ASP D 40 45.86 -38.20 51.37
C ASP D 40 44.80 -37.91 52.44
N SER D 41 44.19 -39.00 52.93
CA SER D 41 42.94 -38.93 53.71
C SER D 41 43.04 -37.87 54.78
N LYS D 42 44.13 -37.91 55.52
CA LYS D 42 44.40 -37.10 56.68
C LYS D 42 45.65 -36.28 56.60
N THR D 43 46.42 -36.57 55.68
CA THR D 43 47.40 -35.66 55.29
C THR D 43 46.75 -34.43 54.65
N VAL D 44 45.43 -34.21 54.73
CA VAL D 44 44.87 -32.89 54.47
C VAL D 44 45.54 -31.90 55.42
N GLY D 45 46.17 -30.87 54.85
CA GLY D 45 47.12 -30.04 55.57
C GLY D 45 48.42 -30.02 54.78
N GLN D 46 48.73 -31.18 54.18
CA GLN D 46 49.60 -31.29 53.00
C GLN D 46 49.10 -30.45 51.84
N TYR D 47 47.80 -30.16 51.81
CA TYR D 47 47.17 -29.67 50.59
C TYR D 47 47.55 -28.22 50.32
N GLU D 48 47.78 -27.91 49.05
CA GLU D 48 48.05 -26.55 48.60
C GLU D 48 46.83 -25.99 47.90
N TYR D 49 46.42 -24.80 48.32
CA TYR D 49 45.22 -24.15 47.81
C TYR D 49 45.62 -23.08 46.81
N TYR D 50 44.97 -23.08 45.65
CA TYR D 50 45.28 -22.09 44.63
C TYR D 50 44.01 -21.61 43.94
N LYS D 51 44.06 -20.37 43.48
CA LYS D 51 43.19 -19.86 42.43
C LYS D 51 44.11 -19.51 41.28
N VAL D 52 43.87 -20.11 40.12
CA VAL D 52 44.75 -19.97 38.97
C VAL D 52 44.01 -19.13 37.94
N TYR D 53 44.68 -18.10 37.44
CA TYR D 53 44.06 -17.10 36.58
C TYR D 53 44.87 -16.98 35.29
N MET D 54 44.18 -16.49 34.26
CA MET D 54 44.81 -16.12 33.01
C MET D 54 44.89 -14.60 32.97
N VAL D 55 46.09 -14.12 32.69
CA VAL D 55 46.42 -12.74 32.89
C VAL D 55 47.06 -12.22 31.61
N ASP D 56 47.28 -10.91 31.61
CA ASP D 56 48.19 -10.29 30.65
C ASP D 56 49.63 -10.32 31.13
N LYS D 57 50.52 -9.92 30.21
CA LYS D 57 51.97 -9.92 30.47
C LYS D 57 52.26 -9.06 31.66
N ASP D 58 51.45 -8.03 31.80
CA ASP D 58 51.72 -6.88 32.62
C ASP D 58 51.59 -7.29 34.08
N GLN D 59 50.59 -8.13 34.39
CA GLN D 59 50.37 -8.70 35.73
C GLN D 59 51.25 -9.90 36.05
N ALA D 60 51.62 -10.70 35.04
CA ALA D 60 52.47 -11.87 35.26
C ALA D 60 53.87 -11.46 35.69
N ASP D 61 54.35 -10.34 35.17
CA ASP D 61 55.65 -9.83 35.62
C ASP D 61 55.56 -9.33 37.04
N ARG D 62 54.41 -8.78 37.42
CA ARG D 62 54.22 -8.26 38.77
C ARG D 62 53.64 -9.29 39.71
N CYS D 63 53.09 -10.39 39.17
CA CYS D 63 52.40 -11.39 39.97
C CYS D 63 51.22 -10.74 40.69
N THR D 64 50.31 -10.18 39.90
CA THR D 64 49.20 -9.46 40.48
C THR D 64 47.98 -9.95 39.70
N ILE D 65 46.83 -10.16 40.35
CA ILE D 65 45.59 -10.43 39.62
C ILE D 65 44.52 -9.42 40.01
N LYS D 66 43.80 -8.91 39.01
CA LYS D 66 42.71 -7.96 39.27
C LYS D 66 41.59 -8.14 38.25
N ASN D 69 38.06 -10.89 37.65
CA ASN D 69 38.23 -12.14 36.91
C ASN D 69 37.65 -13.39 37.53
N THR D 70 37.47 -14.39 36.65
CA THR D 70 37.00 -15.73 36.93
C THR D 70 38.17 -16.68 36.82
N PRO D 71 38.43 -17.49 37.83
CA PRO D 71 39.59 -18.37 37.80
C PRO D 71 39.43 -19.44 36.72
N LEU D 72 40.56 -19.93 36.23
CA LEU D 72 40.54 -21.11 35.38
C LEU D 72 40.40 -22.37 36.22
N LEU D 73 41.03 -22.34 37.41
CA LEU D 73 41.03 -23.44 38.36
C LEU D 73 40.75 -22.88 39.74
N ASN D 74 40.00 -23.63 40.54
CA ASN D 74 39.72 -23.25 41.92
C ASN D 74 40.05 -24.47 42.77
N CYS D 75 41.31 -24.57 43.19
CA CYS D 75 41.80 -25.74 43.91
C CYS D 75 41.59 -25.51 45.40
N ALA D 76 40.40 -25.90 45.87
CA ALA D 76 40.04 -25.78 47.28
C ALA D 76 39.32 -27.03 47.76
N LYS D 77 39.64 -28.19 47.18
CA LYS D 77 39.02 -29.45 47.55
C LYS D 77 40.12 -30.49 47.74
N PRO D 78 40.62 -30.65 48.97
CA PRO D 78 41.68 -31.64 49.21
C PRO D 78 41.27 -33.06 48.87
N ASP D 79 39.98 -33.38 48.90
CA ASP D 79 39.52 -34.73 48.65
C ASP D 79 39.60 -35.12 47.18
N GLN D 80 39.42 -34.17 46.26
CA GLN D 80 39.15 -34.49 44.87
C GLN D 80 40.25 -34.01 43.94
N ASP D 81 40.29 -34.63 42.77
CA ASP D 81 41.10 -34.16 41.66
C ASP D 81 40.32 -33.07 40.93
N ILE D 82 40.93 -31.89 40.81
CA ILE D 82 40.34 -30.77 40.08
C ILE D 82 41.15 -30.55 38.82
N LYS D 83 40.47 -30.47 37.69
CA LYS D 83 41.11 -30.48 36.39
C LYS D 83 40.54 -29.39 35.52
N PHE D 84 41.40 -28.81 34.68
CA PHE D 84 40.98 -27.90 33.63
C PHE D 84 41.58 -28.40 32.32
N THR D 85 40.74 -28.63 31.33
CA THR D 85 41.20 -29.13 30.04
C THR D 85 41.00 -28.06 28.98
N ILE D 86 42.01 -27.87 28.15
CA ILE D 86 41.97 -26.92 27.05
C ILE D 86 42.16 -27.69 25.77
N LYS D 87 41.32 -27.40 24.78
CA LYS D 87 41.63 -27.74 23.39
C LYS D 87 41.81 -26.42 22.64
N PHE D 88 42.90 -26.31 21.90
CA PHE D 88 43.21 -25.06 21.22
C PHE D 88 42.45 -25.06 19.88
N GLN D 89 41.16 -24.73 19.99
CA GLN D 89 40.24 -24.77 18.87
C GLN D 89 39.30 -23.58 18.99
N GLU D 90 38.43 -23.41 17.99
CA GLU D 90 37.52 -22.27 17.98
C GLU D 90 36.33 -22.43 18.93
N PHE D 91 35.92 -23.67 19.21
CA PHE D 91 34.72 -23.94 20.00
C PHE D 91 35.09 -24.25 21.44
N SER D 92 34.18 -23.91 22.35
CA SER D 92 34.46 -23.99 23.78
C SER D 92 33.15 -23.98 24.56
N PRO D 93 33.14 -24.56 25.76
CA PRO D 93 32.04 -24.28 26.70
C PRO D 93 32.21 -22.99 27.48
N ASN D 94 33.26 -22.20 27.22
CA ASN D 94 33.45 -20.91 27.88
C ASN D 94 32.51 -19.88 27.27
N LEU D 95 31.69 -19.25 28.11
CA LEU D 95 30.70 -18.29 27.62
C LEU D 95 31.16 -16.84 27.66
N TRP D 96 32.28 -16.53 28.33
CA TRP D 96 32.76 -15.15 28.35
C TRP D 96 33.87 -14.91 27.33
N GLY D 97 34.13 -15.88 26.46
CA GLY D 97 34.98 -15.69 25.30
C GLY D 97 36.47 -15.88 25.45
N LEU D 98 36.87 -16.97 26.09
CA LEU D 98 38.27 -17.34 26.19
C LEU D 98 38.60 -18.34 25.08
N GLU D 99 39.39 -17.87 24.09
CA GLU D 99 39.99 -18.55 22.92
C GLU D 99 41.43 -18.15 22.69
N PHE D 100 42.23 -19.10 22.17
CA PHE D 100 43.68 -18.96 22.05
C PHE D 100 44.02 -18.93 20.58
N GLN D 101 44.56 -17.80 20.11
CA GLN D 101 44.80 -17.60 18.70
C GLN D 101 46.28 -17.76 18.39
N LYS D 102 46.57 -18.17 17.16
CA LYS D 102 47.94 -18.52 16.78
C LYS D 102 48.75 -17.23 16.62
N ASN D 103 50.02 -17.34 17.01
CA ASN D 103 51.01 -16.25 17.20
C ASN D 103 50.59 -15.23 18.28
N LYS D 104 49.94 -15.70 19.34
CA LYS D 104 49.68 -14.84 20.49
C LYS D 104 50.13 -15.51 21.78
N ASP D 105 50.39 -14.70 22.81
CA ASP D 105 51.00 -15.14 24.05
C ASP D 105 50.00 -15.03 25.20
N TYR D 106 49.89 -16.09 26.00
CA TYR D 106 48.94 -16.16 27.11
C TYR D 106 49.64 -16.56 28.39
N TYR D 107 49.24 -15.94 29.49
CA TYR D 107 49.91 -16.09 30.78
C TYR D 107 48.92 -16.66 31.78
N ILE D 108 49.33 -17.75 32.44
CA ILE D 108 48.55 -18.36 33.51
C ILE D 108 49.41 -18.32 34.77
N ILE D 109 48.92 -17.65 35.81
CA ILE D 109 49.65 -17.47 37.06
C ILE D 109 48.70 -17.73 38.23
N SER D 110 49.29 -17.83 39.42
CA SER D 110 48.52 -17.83 40.66
C SER D 110 49.24 -16.96 41.68
N THR D 111 48.49 -16.06 42.31
CA THR D 111 49.03 -15.18 43.34
C THR D 111 48.65 -15.63 44.75
N SER D 112 48.14 -16.85 44.91
CA SER D 112 47.82 -17.37 46.23
C SER D 112 49.11 -17.76 46.95
N ASN D 113 49.09 -17.70 48.27
CA ASN D 113 50.28 -18.10 49.01
C ASN D 113 50.30 -19.58 49.35
N GLY D 114 49.29 -20.33 48.94
CA GLY D 114 49.26 -21.77 49.09
C GLY D 114 48.43 -22.27 50.25
N SER D 115 48.07 -21.39 51.18
CA SER D 115 47.27 -21.74 52.34
C SER D 115 45.81 -21.40 52.08
N LEU D 116 44.92 -22.05 52.83
CA LEU D 116 43.50 -21.77 52.68
C LEU D 116 43.19 -20.31 52.98
N GLU D 117 43.98 -19.68 53.86
CA GLU D 117 43.74 -18.30 54.23
C GLU D 117 44.31 -17.32 53.20
N GLY D 118 45.21 -17.77 52.33
CA GLY D 118 45.74 -16.93 51.28
C GLY D 118 45.30 -17.36 49.90
N LEU D 119 44.13 -18.00 49.84
CA LEU D 119 43.63 -18.50 48.56
C LEU D 119 43.38 -17.35 47.59
N ASP D 120 42.92 -16.22 48.11
CA ASP D 120 42.50 -15.09 47.29
C ASP D 120 43.46 -13.91 47.36
N ASN D 121 44.70 -14.12 47.77
CA ASN D 121 45.67 -13.04 47.74
C ASN D 121 45.84 -12.58 46.30
N GLN D 122 45.92 -11.26 46.11
CA GLN D 122 45.88 -10.68 44.77
C GLN D 122 47.23 -10.14 44.32
N GLU D 123 48.28 -10.27 45.12
CA GLU D 123 49.62 -9.87 44.71
C GLU D 123 50.65 -10.83 45.28
N GLY D 124 51.74 -11.00 44.54
CA GLY D 124 52.87 -11.78 45.01
C GLY D 124 52.55 -13.25 45.15
N GLY D 125 52.66 -13.78 46.36
CA GLY D 125 52.26 -15.15 46.58
C GLY D 125 53.19 -16.13 45.87
N VAL D 126 52.58 -17.18 45.30
CA VAL D 126 53.35 -18.29 44.76
C VAL D 126 53.82 -18.05 43.33
N CYS D 127 53.30 -17.01 42.65
CA CYS D 127 53.87 -16.60 41.38
C CYS D 127 55.24 -15.98 41.58
N GLN D 128 55.39 -15.23 42.66
CA GLN D 128 56.63 -14.53 43.00
C GLN D 128 57.70 -15.49 43.52
N THR D 129 57.33 -16.47 44.33
CA THR D 129 58.29 -17.28 45.07
C THR D 129 58.65 -18.62 44.41
N ARG D 130 57.73 -19.23 43.67
CA ARG D 130 58.01 -20.52 43.04
C ARG D 130 58.10 -20.45 41.52
N ALA D 131 57.82 -19.27 40.94
CA ALA D 131 57.68 -19.12 39.50
C ALA D 131 56.62 -20.09 38.97
N MET D 132 55.50 -20.16 39.69
CA MET D 132 54.36 -20.97 39.25
C MET D 132 53.54 -20.11 38.30
N LYS D 133 54.02 -20.07 37.07
CA LYS D 133 53.41 -19.32 35.98
C LYS D 133 53.57 -20.16 34.73
N ILE D 134 52.60 -20.05 33.83
CA ILE D 134 52.65 -20.73 32.56
C ILE D 134 52.67 -19.67 31.47
N LEU D 135 53.54 -19.87 30.49
CA LEU D 135 53.64 -19.01 29.33
C LEU D 135 53.35 -19.85 28.10
N MET D 136 52.22 -19.59 27.45
CA MET D 136 51.82 -20.33 26.27
C MET D 136 51.97 -19.47 25.04
N LYS D 137 52.87 -19.86 24.16
CA LYS D 137 53.08 -19.21 22.87
C LYS D 137 52.35 -20.06 21.84
N VAL D 138 51.11 -19.70 21.53
CA VAL D 138 50.23 -20.62 20.80
C VAL D 138 50.61 -20.61 19.33
N GLY D 139 50.81 -21.81 18.78
CA GLY D 139 51.16 -21.97 17.37
C GLY D 139 52.54 -21.45 17.02
N GLN D 140 53.52 -21.65 17.90
CA GLN D 140 54.85 -21.12 17.70
C GLN D 140 55.87 -22.24 17.81
N ASP D 141 57.11 -21.92 17.42
CA ASP D 141 58.21 -22.86 17.47
C ASP D 141 59.29 -22.38 18.44
N ILE E 4 -12.92 20.57 -36.39
CA ILE E 4 -14.12 20.25 -35.62
C ILE E 4 -14.95 19.19 -36.35
N SER E 5 -15.33 18.16 -35.61
CA SER E 5 -16.31 17.17 -36.03
C SER E 5 -17.51 17.29 -35.10
N GLN E 6 -18.71 17.24 -35.67
CA GLN E 6 -19.95 17.30 -34.92
C GLN E 6 -20.68 15.96 -35.01
N GLY E 7 -21.54 15.71 -34.04
CA GLY E 7 -22.27 14.46 -34.02
C GLY E 7 -21.53 13.36 -33.30
N VAL E 8 -22.07 12.18 -33.43
CA VAL E 8 -21.53 11.00 -32.83
C VAL E 8 -20.54 10.28 -33.73
N SER E 9 -19.38 9.98 -33.23
CA SER E 9 -18.36 9.37 -33.99
C SER E 9 -17.52 8.44 -33.15
N ASP E 10 -16.68 7.63 -33.73
CA ASP E 10 -15.84 6.73 -32.99
C ASP E 10 -14.87 7.36 -32.03
N LEU E 11 -14.47 6.65 -31.00
CA LEU E 11 -13.57 7.22 -30.06
C LEU E 11 -12.18 7.13 -30.52
N VAL E 12 -11.74 8.08 -31.30
CA VAL E 12 -10.40 8.16 -31.80
C VAL E 12 -9.92 9.59 -31.79
N GLY E 13 -8.62 9.81 -31.85
CA GLY E 13 -8.07 11.15 -31.85
C GLY E 13 -7.54 11.64 -30.55
N LEU E 14 -7.97 12.82 -30.17
CA LEU E 14 -7.65 13.39 -28.89
C LEU E 14 -8.88 14.02 -28.40
N PRO E 15 -9.61 13.35 -27.52
CA PRO E 15 -10.91 13.75 -27.00
C PRO E 15 -10.70 14.75 -25.88
N ASN E 16 -11.78 15.32 -25.43
CA ASN E 16 -11.66 16.27 -24.32
C ASN E 16 -11.15 15.54 -23.09
N GLN E 17 -10.43 16.27 -22.24
CA GLN E 17 -9.87 15.58 -21.10
C GLN E 17 -10.98 15.13 -20.17
N ILE E 18 -10.69 14.08 -19.42
CA ILE E 18 -11.59 13.47 -18.46
C ILE E 18 -10.92 13.48 -17.09
N CYS E 19 -11.72 13.30 -16.05
CA CYS E 19 -11.17 13.33 -14.70
C CYS E 19 -10.37 12.06 -14.44
N LEU E 20 -9.16 12.20 -13.87
CA LEU E 20 -8.27 11.06 -13.74
C LEU E 20 -7.77 10.88 -12.30
N GLN E 21 -8.55 11.30 -11.32
CA GLN E 21 -8.20 11.05 -9.93
C GLN E 21 -9.41 10.56 -9.17
N LYS E 22 -9.14 9.81 -8.10
CA LYS E 22 -10.22 9.17 -7.36
C LYS E 22 -11.05 10.20 -6.60
N THR E 23 -12.36 10.09 -6.71
CA THR E 23 -13.27 10.95 -5.96
C THR E 23 -14.50 10.11 -5.60
N THR E 24 -14.87 10.15 -4.33
CA THR E 24 -16.09 9.53 -3.85
C THR E 24 -17.33 10.37 -4.13
N SER E 25 -17.16 11.61 -4.58
CA SER E 25 -18.32 12.42 -4.93
C SER E 25 -18.94 11.90 -6.22
N THR E 26 -20.25 12.15 -6.37
CA THR E 26 -21.00 11.67 -7.53
C THR E 26 -20.88 12.69 -8.66
N ILE E 27 -20.03 12.38 -9.64
CA ILE E 27 -19.83 13.23 -10.80
C ILE E 27 -20.33 12.60 -12.09
N LEU E 28 -20.93 11.42 -12.01
CA LEU E 28 -21.50 10.75 -13.17
C LEU E 28 -23.03 10.83 -13.08
N LYS E 29 -23.67 11.21 -14.19
CA LYS E 29 -25.12 11.33 -14.24
C LYS E 29 -25.63 10.42 -15.35
N PRO E 30 -26.05 9.21 -15.03
CA PRO E 30 -26.58 8.33 -16.07
C PRO E 30 -27.91 8.86 -16.57
N ARG E 31 -28.07 8.84 -17.89
CA ARG E 31 -29.31 9.28 -18.52
C ARG E 31 -29.91 8.09 -19.24
N LEU E 32 -31.19 7.85 -18.98
CA LEU E 32 -31.90 6.70 -19.54
C LEU E 32 -32.43 7.03 -20.94
N ILE E 33 -32.13 6.16 -21.91
CA ILE E 33 -32.60 6.35 -23.27
C ILE E 33 -33.80 5.44 -23.49
N SER E 34 -34.74 5.89 -24.33
CA SER E 34 -35.99 5.16 -24.55
C SER E 34 -35.79 3.89 -25.37
N GLU E 43 -46.95 -7.52 -19.26
CA GLU E 43 -47.49 -8.41 -20.28
C GLU E 43 -47.12 -9.87 -19.97
N GLY E 44 -46.34 -10.07 -18.92
CA GLY E 44 -45.86 -11.40 -18.56
C GLY E 44 -44.65 -11.86 -19.35
N VAL E 45 -44.05 -10.99 -20.16
CA VAL E 45 -42.91 -11.35 -21.01
C VAL E 45 -41.62 -11.03 -20.27
N CYS E 46 -40.56 -11.75 -20.62
CA CYS E 46 -39.21 -11.39 -20.24
C CYS E 46 -38.39 -11.27 -21.51
N ILE E 47 -37.74 -10.12 -21.69
CA ILE E 47 -36.87 -9.87 -22.84
C ILE E 47 -35.42 -10.04 -22.42
N THR E 48 -34.71 -10.92 -23.10
CA THR E 48 -33.42 -11.41 -22.67
C THR E 48 -32.50 -11.56 -23.89
N ASP E 49 -31.36 -12.22 -23.66
CA ASP E 49 -30.32 -12.43 -24.67
C ASP E 49 -29.98 -11.16 -25.45
N PRO E 50 -29.51 -10.11 -24.77
CA PRO E 50 -29.28 -8.84 -25.45
C PRO E 50 -27.92 -8.74 -26.13
N LEU E 51 -27.87 -7.87 -27.14
CA LEU E 51 -26.68 -7.54 -27.91
C LEU E 51 -26.70 -6.05 -28.20
N LEU E 52 -25.52 -5.43 -28.15
CA LEU E 52 -25.39 -4.03 -28.48
C LEU E 52 -24.02 -3.83 -29.10
N ALA E 53 -23.98 -3.06 -30.17
CA ALA E 53 -22.73 -2.67 -30.81
C ALA E 53 -22.89 -1.23 -31.27
N VAL E 54 -21.89 -0.39 -31.07
CA VAL E 54 -21.86 1.00 -31.53
C VAL E 54 -20.68 1.32 -32.38
N ASP E 55 -20.88 1.57 -33.64
CA ASP E 55 -19.81 1.85 -34.50
C ASP E 55 -20.14 2.96 -35.41
N ASN E 56 -19.30 3.95 -35.55
CA ASN E 56 -19.43 5.05 -36.50
C ASN E 56 -20.74 5.77 -36.55
N GLY E 57 -21.37 6.07 -35.46
CA GLY E 57 -22.66 6.70 -35.50
C GLY E 57 -23.84 5.82 -35.72
N PHE E 58 -23.64 4.52 -35.81
CA PHE E 58 -24.71 3.56 -35.95
C PHE E 58 -24.61 2.52 -34.86
N PHE E 59 -25.61 1.71 -34.70
CA PHE E 59 -25.59 0.66 -33.70
C PHE E 59 -26.26 -0.59 -34.24
N ALA E 60 -25.95 -1.71 -33.61
CA ALA E 60 -26.63 -2.97 -33.83
C ALA E 60 -27.28 -3.36 -32.50
N TYR E 61 -28.47 -3.94 -32.58
CA TYR E 61 -29.21 -4.30 -31.39
C TYR E 61 -29.84 -5.67 -31.59
N SER E 62 -29.94 -6.44 -30.51
CA SER E 62 -30.66 -7.68 -30.61
C SER E 62 -31.18 -8.08 -29.24
N HIS E 63 -32.30 -8.81 -29.24
CA HIS E 63 -32.82 -9.41 -28.03
C HIS E 63 -33.75 -10.54 -28.41
N LEU E 64 -34.08 -11.38 -27.43
CA LEU E 64 -35.04 -12.46 -27.62
C LEU E 64 -36.16 -12.30 -26.62
N GLU E 65 -37.40 -12.22 -27.12
CA GLU E 65 -38.55 -12.07 -26.26
C GLU E 65 -39.15 -13.43 -25.96
N LYS E 66 -39.30 -13.72 -24.66
CA LYS E 66 -39.78 -15.00 -24.18
C LYS E 66 -41.06 -14.78 -23.38
N ILE E 67 -41.94 -15.77 -23.42
CA ILE E 67 -43.15 -15.78 -22.61
C ILE E 67 -42.90 -16.70 -21.43
N GLY E 68 -42.85 -16.11 -20.23
CA GLY E 68 -42.56 -16.85 -19.02
C GLY E 68 -41.22 -16.48 -18.41
N SER E 69 -40.48 -17.48 -17.91
CA SER E 69 -39.19 -17.24 -17.29
C SER E 69 -38.14 -16.86 -18.33
N CYS E 70 -37.12 -16.12 -17.88
CA CYS E 70 -36.06 -15.70 -18.80
C CYS E 70 -35.14 -16.85 -19.21
N THR E 71 -35.07 -17.92 -18.40
CA THR E 71 -34.24 -19.06 -18.75
C THR E 71 -35.01 -20.12 -19.51
N ARG E 72 -36.22 -20.46 -19.08
CA ARG E 72 -36.95 -21.58 -19.66
C ARG E 72 -38.25 -21.16 -20.33
N GLY E 73 -38.45 -19.87 -20.58
CA GLY E 73 -39.65 -19.43 -21.24
C GLY E 73 -39.70 -19.82 -22.70
N ILE E 74 -40.88 -19.69 -23.27
CA ILE E 74 -41.11 -20.04 -24.67
C ILE E 74 -40.71 -18.86 -25.54
N ALA E 75 -39.78 -19.07 -26.45
CA ALA E 75 -39.29 -18.00 -27.31
C ALA E 75 -40.38 -17.54 -28.28
N LYS E 76 -40.70 -16.25 -28.24
CA LYS E 76 -41.75 -15.69 -29.09
C LYS E 76 -41.22 -14.84 -30.22
N GLN E 77 -40.21 -14.00 -29.98
CA GLN E 77 -39.71 -13.13 -31.04
C GLN E 77 -38.24 -12.80 -30.81
N ARG E 78 -37.47 -12.89 -31.88
CA ARG E 78 -36.08 -12.48 -31.92
C ARG E 78 -35.97 -11.25 -32.80
N ILE E 79 -35.34 -10.21 -32.27
CA ILE E 79 -35.13 -8.95 -32.97
C ILE E 79 -33.67 -8.84 -33.33
N ILE E 80 -33.39 -8.47 -34.57
CA ILE E 80 -32.05 -8.11 -35.01
C ILE E 80 -32.19 -6.76 -35.71
N GLY E 81 -31.67 -5.71 -35.09
CA GLY E 81 -31.89 -4.37 -35.58
C GLY E 81 -30.61 -3.56 -35.62
N VAL E 82 -30.62 -2.56 -36.50
CA VAL E 82 -29.57 -1.58 -36.61
C VAL E 82 -30.23 -0.21 -36.54
N GLY E 83 -29.41 0.81 -36.32
CA GLY E 83 -29.94 2.15 -36.26
C GLY E 83 -28.84 3.16 -36.26
N GLU E 84 -29.18 4.37 -35.81
CA GLU E 84 -28.20 5.45 -35.73
C GLU E 84 -28.19 6.01 -34.33
N VAL E 85 -27.01 6.46 -33.92
CA VAL E 85 -26.80 7.18 -32.66
C VAL E 85 -26.68 8.66 -33.00
N LEU E 86 -27.56 9.48 -32.45
CA LEU E 86 -27.62 10.88 -32.80
C LEU E 86 -27.61 11.77 -31.58
N ASP E 87 -27.26 13.04 -31.83
CA ASP E 87 -27.45 14.13 -30.90
C ASP E 87 -28.92 14.55 -30.93
N ARG E 88 -29.60 14.53 -29.77
CA ARG E 88 -30.99 14.99 -29.79
C ARG E 88 -31.10 16.50 -30.01
N GLY E 89 -30.00 17.24 -29.84
CA GLY E 89 -30.06 18.69 -29.82
C GLY E 89 -29.55 19.26 -28.50
N ASP E 90 -29.69 18.49 -27.42
CA ASP E 90 -29.16 18.87 -26.13
C ASP E 90 -27.76 18.34 -25.94
N LYS E 91 -27.15 17.83 -27.01
CA LYS E 91 -25.79 17.31 -27.00
C LYS E 91 -25.67 16.09 -26.10
N VAL E 92 -26.80 15.37 -25.98
CA VAL E 92 -26.94 14.11 -25.27
C VAL E 92 -27.21 13.04 -26.33
N PRO E 93 -26.55 11.89 -26.28
CA PRO E 93 -26.80 10.86 -27.30
C PRO E 93 -28.15 10.21 -27.13
N SER E 94 -28.75 9.81 -28.27
CA SER E 94 -29.94 8.96 -28.24
C SER E 94 -29.98 8.09 -29.49
N MET E 95 -30.74 6.99 -29.40
CA MET E 95 -30.73 5.92 -30.40
C MET E 95 -32.08 5.82 -31.12
N PHE E 96 -32.00 5.57 -32.43
CA PHE E 96 -33.19 5.49 -33.29
C PHE E 96 -33.04 4.29 -34.21
N MET E 97 -34.01 3.37 -34.14
CA MET E 97 -33.93 2.20 -35.00
C MET E 97 -34.29 2.59 -36.43
N THR E 98 -33.57 2.03 -37.39
CA THR E 98 -33.80 2.27 -38.81
C THR E 98 -34.13 1.02 -39.61
N ASN E 99 -33.75 -0.16 -39.13
CA ASN E 99 -33.88 -1.39 -39.90
C ASN E 99 -34.03 -2.54 -38.93
N VAL E 100 -35.18 -3.24 -38.96
CA VAL E 100 -35.48 -4.32 -38.03
C VAL E 100 -35.78 -5.57 -38.82
N TRP E 101 -35.27 -6.70 -38.33
CA TRP E 101 -35.53 -8.00 -38.91
C TRP E 101 -35.89 -8.97 -37.78
N THR E 102 -36.93 -9.76 -38.00
CA THR E 102 -37.39 -10.75 -37.03
C THR E 102 -37.36 -12.12 -37.69
N PRO E 103 -36.36 -12.94 -37.41
CA PRO E 103 -36.21 -14.19 -38.15
C PRO E 103 -37.32 -15.16 -37.83
N PRO E 104 -37.62 -16.08 -38.76
CA PRO E 104 -38.83 -16.93 -38.63
C PRO E 104 -38.90 -17.82 -37.39
N ASN E 105 -37.82 -18.45 -36.94
CA ASN E 105 -37.94 -19.43 -35.87
C ASN E 105 -37.10 -18.98 -34.68
N PRO E 106 -37.68 -18.18 -33.78
CA PRO E 106 -36.87 -17.51 -32.75
C PRO E 106 -36.12 -18.46 -31.82
N SER E 107 -36.62 -19.67 -31.62
CA SER E 107 -35.98 -20.59 -30.68
C SER E 107 -34.73 -21.26 -31.25
N THR E 108 -34.43 -21.07 -32.54
CA THR E 108 -33.30 -21.74 -33.16
C THR E 108 -32.09 -20.82 -33.36
N ILE E 109 -32.21 -19.54 -33.04
CA ILE E 109 -31.11 -18.58 -33.21
C ILE E 109 -30.42 -18.37 -31.86
N HIS E 110 -29.10 -18.58 -31.82
CA HIS E 110 -28.35 -18.41 -30.59
C HIS E 110 -27.05 -17.66 -30.86
N HIS E 111 -26.57 -16.96 -29.83
CA HIS E 111 -25.24 -16.34 -29.79
C HIS E 111 -24.94 -15.49 -31.04
N CYS E 112 -25.80 -14.49 -31.27
CA CYS E 112 -25.57 -13.57 -32.36
C CYS E 112 -24.44 -12.60 -32.04
N SER E 113 -23.77 -12.12 -33.09
CA SER E 113 -22.61 -11.24 -32.97
C SER E 113 -22.56 -10.32 -34.18
N SER E 114 -22.41 -9.02 -33.93
CA SER E 114 -22.54 -8.03 -34.99
C SER E 114 -21.25 -7.24 -35.15
N THR E 115 -20.82 -7.07 -36.40
CA THR E 115 -19.64 -6.29 -36.73
C THR E 115 -19.99 -5.34 -37.87
N TYR E 116 -19.70 -4.06 -37.71
CA TYR E 116 -19.98 -3.02 -38.68
C TYR E 116 -18.93 -2.78 -39.78
N HIS E 117 -19.37 -2.63 -40.99
CA HIS E 117 -18.57 -2.28 -42.15
C HIS E 117 -19.45 -1.47 -43.10
N GLU E 118 -18.82 -0.58 -43.88
CA GLU E 118 -19.34 0.74 -44.22
C GLU E 118 -20.85 0.95 -44.31
N ASP E 119 -21.57 0.15 -45.09
CA ASP E 119 -23.01 0.37 -45.24
C ASP E 119 -23.84 -0.55 -44.38
N PHE E 120 -23.25 -1.59 -43.81
CA PHE E 120 -24.00 -2.66 -43.21
C PHE E 120 -23.49 -2.99 -41.82
N TYR E 121 -24.34 -3.68 -41.08
CA TYR E 121 -23.91 -4.49 -39.95
C TYR E 121 -24.01 -5.93 -40.40
N TYR E 122 -22.97 -6.71 -40.15
CA TYR E 122 -22.98 -8.14 -40.44
C TYR E 122 -23.18 -8.86 -39.12
N THR E 123 -24.24 -9.66 -39.02
CA THR E 123 -24.56 -10.33 -37.77
C THR E 123 -24.49 -11.85 -37.95
N LEU E 124 -23.57 -12.47 -37.22
CA LEU E 124 -23.29 -13.89 -37.24
C LEU E 124 -24.03 -14.57 -36.09
N CYS E 125 -24.87 -15.55 -36.39
CA CYS E 125 -25.62 -16.27 -35.37
C CYS E 125 -25.38 -17.76 -35.52
N ALA E 126 -25.75 -18.52 -34.48
CA ALA E 126 -25.70 -19.97 -34.51
C ALA E 126 -27.12 -20.50 -34.63
N VAL E 127 -27.29 -21.54 -35.44
CA VAL E 127 -28.59 -22.16 -35.65
C VAL E 127 -28.55 -23.52 -34.99
N SER E 128 -29.55 -23.81 -34.16
CA SER E 128 -29.54 -25.02 -33.38
C SER E 128 -30.98 -25.49 -33.19
N HIS E 129 -31.18 -26.80 -33.30
CA HIS E 129 -32.45 -27.42 -32.96
C HIS E 129 -32.37 -28.22 -31.67
N VAL E 130 -31.26 -28.08 -30.93
CA VAL E 130 -31.05 -28.78 -29.67
C VAL E 130 -30.85 -27.82 -28.51
N GLY E 131 -31.15 -26.54 -28.71
CA GLY E 131 -30.96 -25.54 -27.67
C GLY E 131 -29.60 -24.87 -27.79
N ASP E 132 -29.22 -24.24 -26.68
CA ASP E 132 -27.92 -23.58 -26.56
C ASP E 132 -26.80 -24.58 -26.86
N PRO E 133 -26.00 -24.36 -27.91
CA PRO E 133 -24.92 -25.31 -28.21
C PRO E 133 -23.98 -25.56 -27.05
N ILE E 134 -23.78 -24.57 -26.17
CA ILE E 134 -22.87 -24.77 -25.05
C ILE E 134 -23.42 -25.80 -24.07
N LEU E 135 -24.74 -25.82 -23.89
CA LEU E 135 -25.33 -26.75 -22.93
C LEU E 135 -25.61 -28.13 -23.51
N ASN E 136 -25.50 -28.28 -24.84
CA ASN E 136 -25.74 -29.55 -25.52
C ASN E 136 -24.66 -29.77 -26.57
N SER E 137 -23.39 -29.60 -26.17
CA SER E 137 -22.29 -29.53 -27.14
C SER E 137 -22.29 -30.73 -28.08
N THR E 138 -22.40 -31.94 -27.53
CA THR E 138 -22.25 -33.14 -28.34
C THR E 138 -23.39 -33.35 -29.31
N SER E 139 -24.57 -32.78 -29.04
CA SER E 139 -25.71 -32.93 -29.94
C SER E 139 -25.84 -31.80 -30.96
N TRP E 140 -25.00 -30.78 -30.89
CA TRP E 140 -25.14 -29.62 -31.74
C TRP E 140 -24.47 -29.88 -33.08
N THR E 141 -25.22 -29.76 -34.15
CA THR E 141 -24.69 -29.81 -35.51
C THR E 141 -24.30 -28.39 -35.92
N GLU E 142 -23.02 -28.17 -36.15
CA GLU E 142 -22.56 -26.82 -36.44
C GLU E 142 -23.31 -26.26 -37.64
N SER E 143 -24.00 -25.14 -37.41
CA SER E 143 -24.66 -24.41 -38.46
C SER E 143 -24.60 -22.94 -38.12
N LEU E 144 -24.09 -22.12 -39.04
CA LEU E 144 -23.89 -20.71 -38.80
C LEU E 144 -24.72 -19.92 -39.80
N SER E 145 -25.20 -18.76 -39.36
CA SER E 145 -26.06 -17.93 -40.17
C SER E 145 -25.47 -16.52 -40.26
N LEU E 146 -25.62 -15.89 -41.42
CA LEU E 146 -25.14 -14.53 -41.62
C LEU E 146 -26.26 -13.71 -42.22
N ILE E 147 -26.67 -12.66 -41.50
CA ILE E 147 -27.68 -11.71 -41.98
C ILE E 147 -27.03 -10.33 -42.03
N ARG E 148 -27.23 -9.65 -43.16
CA ARG E 148 -26.66 -8.33 -43.39
C ARG E 148 -27.78 -7.30 -43.40
N LEU E 149 -27.60 -6.22 -42.64
CA LEU E 149 -28.62 -5.19 -42.49
C LEU E 149 -28.01 -3.84 -42.79
N ALA E 150 -28.67 -3.08 -43.67
CA ALA E 150 -28.19 -1.77 -44.03
C ALA E 150 -28.52 -0.80 -42.91
N VAL E 151 -27.52 0.00 -42.50
CA VAL E 151 -27.75 0.96 -41.42
C VAL E 151 -28.66 2.07 -41.91
N ARG E 152 -28.63 2.39 -43.21
CA ARG E 152 -29.55 3.36 -43.79
C ARG E 152 -30.28 2.75 -44.98
N PRO E 153 -31.47 2.20 -44.76
CA PRO E 153 -32.17 1.48 -45.82
C PRO E 153 -32.73 2.41 -46.89
N LYS E 154 -32.96 1.83 -48.06
CA LYS E 154 -33.51 2.52 -49.23
C LYS E 154 -34.74 1.79 -49.70
N SER E 155 -35.69 2.54 -50.27
CA SER E 155 -36.88 1.94 -50.88
C SER E 155 -36.54 1.32 -52.24
N ASP E 156 -37.21 0.21 -52.53
CA ASP E 156 -37.04 -0.53 -53.78
C ASP E 156 -35.57 -0.82 -54.08
N SER E 157 -34.90 -1.48 -53.13
CA SER E 157 -33.46 -1.71 -53.22
C SER E 157 -33.06 -3.18 -53.34
N GLY E 158 -33.98 -4.08 -53.60
CA GLY E 158 -33.60 -5.48 -53.71
C GLY E 158 -33.05 -6.01 -52.40
N ASP E 159 -31.88 -6.62 -52.46
CA ASP E 159 -31.23 -7.23 -51.31
C ASP E 159 -30.36 -6.25 -50.52
N TYR E 160 -30.50 -4.95 -50.75
CA TYR E 160 -29.63 -3.98 -50.06
C TYR E 160 -29.99 -3.85 -48.58
N ASN E 161 -31.28 -3.73 -48.26
CA ASN E 161 -31.68 -3.53 -46.87
C ASN E 161 -31.35 -4.74 -46.02
N GLN E 162 -31.83 -5.91 -46.42
CA GLN E 162 -31.67 -7.13 -45.64
C GLN E 162 -31.24 -8.23 -46.59
N LYS E 163 -30.23 -8.99 -46.18
CA LYS E 163 -29.69 -10.05 -47.03
C LYS E 163 -29.16 -11.18 -46.18
N TYR E 164 -29.54 -12.40 -46.52
CA TYR E 164 -28.79 -13.55 -46.04
C TYR E 164 -27.52 -13.68 -46.85
N ILE E 165 -26.47 -14.17 -46.21
CA ILE E 165 -25.22 -14.43 -46.90
C ILE E 165 -24.88 -15.88 -46.62
N ALA E 166 -24.71 -16.66 -47.69
CA ALA E 166 -24.50 -18.09 -47.58
C ALA E 166 -23.02 -18.34 -47.35
N ILE E 167 -22.70 -19.11 -46.32
CA ILE E 167 -21.32 -19.40 -45.94
C ILE E 167 -20.92 -20.69 -46.63
N THR E 168 -20.01 -20.55 -47.56
CA THR E 168 -19.56 -21.67 -48.33
C THR E 168 -18.65 -22.62 -47.58
N LYS E 169 -17.75 -22.14 -46.77
CA LYS E 169 -16.83 -22.98 -46.00
C LYS E 169 -16.50 -22.35 -44.65
N VAL E 170 -16.29 -23.21 -43.66
CA VAL E 170 -15.78 -22.81 -42.35
C VAL E 170 -14.45 -23.52 -42.14
N GLU E 171 -13.41 -22.75 -41.79
CA GLU E 171 -12.07 -23.29 -41.52
C GLU E 171 -11.82 -23.30 -40.03
N ARG E 172 -11.86 -24.48 -39.42
CA ARG E 172 -11.79 -24.61 -37.97
C ARG E 172 -10.52 -25.27 -37.45
N GLY E 173 -9.58 -25.64 -38.33
CA GLY E 173 -8.36 -26.28 -37.86
C GLY E 173 -8.63 -27.58 -37.12
N LYS E 174 -8.07 -27.69 -35.92
CA LYS E 174 -8.19 -28.89 -35.10
C LYS E 174 -9.50 -28.97 -34.31
N TYR E 175 -10.37 -27.98 -34.41
CA TYR E 175 -11.57 -27.94 -33.60
C TYR E 175 -12.72 -28.67 -34.27
N ASP E 176 -13.56 -29.29 -33.45
CA ASP E 176 -14.73 -30.00 -33.97
C ASP E 176 -15.74 -29.01 -34.54
N LYS E 177 -16.05 -27.97 -33.78
CA LYS E 177 -17.04 -26.96 -34.14
C LYS E 177 -16.54 -25.59 -33.71
N VAL E 178 -17.07 -24.56 -34.37
CA VAL E 178 -16.85 -23.18 -33.97
C VAL E 178 -18.19 -22.46 -34.04
N MET E 179 -18.30 -21.36 -33.31
CA MET E 179 -19.54 -20.59 -33.35
C MET E 179 -19.28 -19.20 -32.78
N PRO E 180 -20.14 -18.23 -33.08
CA PRO E 180 -19.94 -16.89 -32.50
C PRO E 180 -20.18 -16.92 -31.00
N TYR E 181 -19.39 -16.13 -30.28
CA TYR E 181 -19.52 -16.10 -28.82
C TYR E 181 -19.13 -14.71 -28.33
N GLY E 182 -20.09 -13.81 -28.30
CA GLY E 182 -19.83 -12.44 -27.90
C GLY E 182 -20.61 -11.43 -28.72
N PRO E 183 -20.81 -10.23 -28.17
CA PRO E 183 -21.76 -9.29 -28.81
C PRO E 183 -21.25 -8.66 -30.09
N SER E 184 -19.98 -8.25 -30.15
CA SER E 184 -19.57 -7.45 -31.29
C SER E 184 -18.10 -7.68 -31.60
N GLY E 185 -17.76 -7.44 -32.85
CA GLY E 185 -16.39 -7.56 -33.31
C GLY E 185 -15.93 -6.30 -33.99
N ILE E 186 -14.82 -6.37 -34.71
CA ILE E 186 -14.25 -5.19 -35.36
C ILE E 186 -14.03 -5.51 -36.83
N LYS E 187 -13.69 -4.46 -37.57
CA LYS E 187 -13.20 -4.57 -38.93
C LYS E 187 -11.76 -4.09 -38.95
N GLN E 188 -10.97 -4.68 -39.83
CA GLN E 188 -9.62 -4.19 -40.12
C GLN E 188 -9.49 -4.13 -41.63
N GLY E 189 -9.70 -2.94 -42.19
CA GLY E 189 -9.79 -2.80 -43.62
C GLY E 189 -11.09 -3.43 -44.09
N ASP E 190 -11.00 -4.45 -44.94
CA ASP E 190 -12.17 -5.15 -45.42
C ASP E 190 -12.30 -6.54 -44.80
N THR E 191 -11.66 -6.76 -43.66
CA THR E 191 -11.74 -8.03 -42.94
C THR E 191 -12.53 -7.82 -41.64
N LEU E 192 -13.51 -8.68 -41.40
CA LEU E 192 -14.34 -8.64 -40.20
C LEU E 192 -13.94 -9.75 -39.24
N TYR E 193 -13.96 -9.45 -37.95
CA TYR E 193 -13.63 -10.42 -36.91
C TYR E 193 -14.76 -10.49 -35.90
N PHE E 194 -15.22 -11.70 -35.60
CA PHE E 194 -16.25 -11.89 -34.60
C PHE E 194 -15.69 -12.64 -33.41
N PRO E 195 -16.06 -12.30 -32.18
CA PRO E 195 -15.66 -13.13 -31.05
C PRO E 195 -16.27 -14.51 -31.22
N ALA E 196 -15.46 -15.54 -31.00
CA ALA E 196 -15.88 -16.90 -31.30
C ALA E 196 -15.37 -17.83 -30.22
N VAL E 197 -15.81 -19.08 -30.30
CA VAL E 197 -15.36 -20.12 -29.39
C VAL E 197 -15.17 -21.38 -30.21
N GLY E 198 -14.20 -22.19 -29.82
CA GLY E 198 -13.93 -23.45 -30.49
C GLY E 198 -14.21 -24.60 -29.55
N PHE E 199 -14.75 -25.67 -30.10
CA PHE E 199 -15.02 -26.89 -29.35
C PHE E 199 -13.90 -27.87 -29.69
N LEU E 200 -13.07 -28.19 -28.69
CA LEU E 200 -12.01 -29.14 -28.91
C LEU E 200 -12.27 -30.37 -28.06
N PRO E 201 -12.17 -31.57 -28.62
CA PRO E 201 -12.39 -32.77 -27.80
C PRO E 201 -11.38 -32.78 -26.67
N ARG E 202 -11.84 -33.18 -25.49
CA ARG E 202 -10.99 -33.14 -24.31
C ARG E 202 -9.74 -34.00 -24.49
N THR E 203 -9.87 -35.11 -25.22
CA THR E 203 -8.75 -36.01 -25.45
C THR E 203 -7.68 -35.42 -26.38
N GLU E 204 -8.01 -34.36 -27.12
CA GLU E 204 -7.04 -33.75 -28.01
C GLU E 204 -6.49 -32.45 -27.45
N PHE E 205 -6.91 -32.05 -26.26
CA PHE E 205 -6.44 -30.81 -25.68
C PHE E 205 -5.06 -31.01 -25.06
N GLN E 206 -4.05 -30.29 -25.55
CA GLN E 206 -2.76 -30.27 -24.87
C GLN E 206 -2.47 -29.09 -24.01
N TYR E 207 -2.21 -29.45 -22.76
CA TYR E 207 -2.05 -28.59 -21.61
C TYR E 207 -1.17 -29.36 -20.62
N ASN E 208 -0.15 -28.70 -20.11
CA ASN E 208 0.77 -29.27 -19.12
C ASN E 208 0.30 -28.79 -17.74
N ASP E 209 -0.15 -29.73 -16.90
CA ASP E 209 -0.81 -29.39 -15.64
C ASP E 209 0.08 -28.62 -14.66
N SER E 210 1.38 -28.51 -14.92
CA SER E 210 2.22 -27.76 -13.99
C SER E 210 2.14 -26.26 -14.23
N ASN E 211 1.40 -25.83 -15.26
CA ASN E 211 1.11 -24.41 -15.44
C ASN E 211 -0.05 -23.92 -14.58
N CYS E 212 -0.78 -24.81 -13.92
CA CYS E 212 -1.86 -24.39 -13.04
C CYS E 212 -1.29 -23.81 -11.77
N PRO E 213 -1.55 -22.54 -11.47
CA PRO E 213 -0.94 -21.87 -10.31
C PRO E 213 -1.60 -22.19 -8.96
N ILE E 214 -1.27 -23.36 -8.40
CA ILE E 214 -1.86 -23.79 -7.15
C ILE E 214 -0.99 -23.46 -5.97
N ILE E 215 0.16 -22.82 -6.22
CA ILE E 215 0.98 -22.25 -5.17
C ILE E 215 0.18 -21.15 -4.49
N HIS E 216 0.20 -21.13 -3.16
CA HIS E 216 -0.65 -20.28 -2.32
C HIS E 216 -2.12 -20.67 -2.37
N CYS E 217 -2.46 -21.83 -2.92
CA CYS E 217 -3.83 -22.34 -2.92
C CYS E 217 -3.75 -23.78 -2.43
N LYS E 218 -3.79 -23.94 -1.11
CA LYS E 218 -3.47 -25.23 -0.52
C LYS E 218 -4.53 -26.30 -0.82
N TYR E 219 -5.76 -25.90 -1.09
CA TYR E 219 -6.77 -26.88 -1.44
C TYR E 219 -6.88 -27.14 -2.94
N SER E 220 -6.18 -26.37 -3.77
CA SER E 220 -6.28 -26.56 -5.20
C SER E 220 -5.35 -27.66 -5.67
N LYS E 221 -5.75 -28.31 -6.75
CA LYS E 221 -4.95 -29.38 -7.33
C LYS E 221 -4.51 -28.96 -8.72
N ALA E 222 -3.39 -29.54 -9.17
CA ALA E 222 -2.78 -29.12 -10.44
C ALA E 222 -3.70 -29.40 -11.63
N GLU E 223 -4.65 -30.32 -11.51
CA GLU E 223 -5.55 -30.64 -12.59
C GLU E 223 -6.68 -29.63 -12.75
N ASN E 224 -6.83 -28.69 -11.80
CA ASN E 224 -8.04 -27.87 -11.76
C ASN E 224 -8.15 -26.95 -12.98
N CYS E 225 -7.03 -26.42 -13.48
CA CYS E 225 -7.11 -25.56 -14.66
C CYS E 225 -7.61 -26.34 -15.87
N ARG E 226 -7.01 -27.51 -16.14
CA ARG E 226 -7.41 -28.32 -17.28
C ARG E 226 -8.86 -28.77 -17.14
N LEU E 227 -9.26 -29.14 -15.93
CA LEU E 227 -10.65 -29.55 -15.70
C LEU E 227 -11.62 -28.39 -15.85
N SER E 228 -11.17 -27.15 -15.68
CA SER E 228 -12.02 -25.98 -15.81
C SER E 228 -12.02 -25.39 -17.22
N MET E 229 -11.45 -26.07 -18.20
CA MET E 229 -11.52 -25.61 -19.57
C MET E 229 -12.76 -26.12 -20.27
N GLY E 230 -13.60 -26.88 -19.57
CA GLY E 230 -14.85 -27.34 -20.11
C GLY E 230 -15.98 -27.04 -19.15
N VAL E 231 -17.20 -27.26 -19.65
CA VAL E 231 -18.39 -26.87 -18.93
C VAL E 231 -18.57 -27.66 -17.64
N ASN E 232 -17.95 -28.83 -17.52
CA ASN E 232 -17.75 -29.51 -16.24
C ASN E 232 -16.59 -30.49 -16.42
N SER E 233 -16.09 -31.03 -15.30
CA SER E 233 -14.85 -31.80 -15.29
C SER E 233 -14.85 -32.98 -16.26
N LYS E 234 -16.02 -33.52 -16.61
CA LYS E 234 -16.07 -34.70 -17.47
C LYS E 234 -16.60 -34.37 -18.86
N SER E 235 -16.71 -33.09 -19.20
CA SER E 235 -17.24 -32.69 -20.50
C SER E 235 -16.46 -33.31 -21.64
N HIS E 236 -17.15 -33.63 -22.72
CA HIS E 236 -16.49 -34.14 -23.91
C HIS E 236 -15.59 -33.09 -24.54
N TYR E 237 -15.98 -31.82 -24.48
CA TYR E 237 -15.22 -30.75 -25.09
C TYR E 237 -14.58 -29.83 -24.05
N ILE E 238 -13.53 -29.14 -24.48
CA ILE E 238 -13.09 -27.91 -23.84
C ILE E 238 -13.43 -26.78 -24.77
N LEU E 239 -13.63 -25.59 -24.21
CA LEU E 239 -13.99 -24.41 -24.98
C LEU E 239 -12.81 -23.45 -24.98
N ARG E 240 -12.43 -22.99 -26.16
CA ARG E 240 -11.31 -22.08 -26.33
C ARG E 240 -11.80 -20.87 -27.10
N SER E 241 -11.65 -19.69 -26.50
CA SER E 241 -12.10 -18.45 -27.13
C SER E 241 -11.26 -18.15 -28.36
N GLY E 242 -11.79 -17.24 -29.19
CA GLY E 242 -11.05 -16.79 -30.36
C GLY E 242 -11.86 -15.84 -31.22
N LEU E 243 -11.52 -15.82 -32.51
CA LEU E 243 -12.18 -14.97 -33.49
C LEU E 243 -12.61 -15.77 -34.71
N LEU E 244 -13.70 -15.35 -35.32
CA LEU E 244 -14.12 -15.85 -36.62
C LEU E 244 -13.86 -14.75 -37.64
N LYS E 245 -13.08 -15.06 -38.66
CA LYS E 245 -12.56 -14.08 -39.62
C LYS E 245 -13.29 -14.21 -40.94
N TYR E 246 -13.80 -13.09 -41.44
CA TYR E 246 -14.55 -13.05 -42.70
C TYR E 246 -13.90 -11.97 -43.55
N ASN E 247 -13.14 -12.40 -44.56
CA ASN E 247 -12.39 -11.48 -45.41
C ASN E 247 -13.27 -11.14 -46.61
N LEU E 248 -13.77 -9.90 -46.64
CA LEU E 248 -14.67 -9.47 -47.70
C LEU E 248 -13.94 -9.31 -49.04
N SER E 249 -12.62 -9.08 -49.02
CA SER E 249 -11.89 -8.91 -50.27
C SER E 249 -11.91 -10.16 -51.14
N LEU E 250 -12.14 -11.33 -50.59
CA LEU E 250 -12.24 -12.54 -51.39
C LEU E 250 -13.69 -12.65 -51.67
N GLY E 251 -14.14 -12.12 -52.77
CA GLY E 251 -15.54 -12.16 -53.07
C GLY E 251 -16.01 -13.52 -53.46
N GLY E 252 -17.24 -13.83 -53.13
CA GLY E 252 -17.82 -15.06 -53.58
C GLY E 252 -17.51 -16.35 -52.91
N ASP E 253 -16.62 -16.33 -51.96
CA ASP E 253 -16.34 -17.53 -51.26
C ASP E 253 -16.48 -17.03 -49.94
N ILE E 254 -17.49 -17.48 -49.23
CA ILE E 254 -17.63 -16.96 -47.92
C ILE E 254 -17.00 -17.92 -47.03
N ILE E 255 -15.84 -17.59 -46.58
CA ILE E 255 -15.11 -18.44 -45.66
C ILE E 255 -15.08 -17.76 -44.30
N LEU E 256 -15.36 -18.53 -43.26
CA LEU E 256 -15.18 -18.09 -41.88
C LEU E 256 -14.02 -18.90 -41.33
N GLN E 257 -12.97 -18.23 -40.88
CA GLN E 257 -11.79 -18.88 -40.35
C GLN E 257 -11.68 -18.60 -38.86
N PHE E 258 -11.49 -19.66 -38.08
CA PHE E 258 -11.35 -19.53 -36.64
C PHE E 258 -9.90 -19.25 -36.28
N ILE E 259 -9.71 -18.33 -35.35
CA ILE E 259 -8.40 -17.94 -34.85
C ILE E 259 -8.44 -18.16 -33.35
N GLU E 260 -7.62 -19.06 -32.85
CA GLU E 260 -7.65 -19.37 -31.42
C GLU E 260 -6.91 -18.30 -30.63
N ILE E 261 -7.37 -18.08 -29.41
CA ILE E 261 -6.69 -17.13 -28.52
C ILE E 261 -5.44 -17.81 -27.96
N ALA E 262 -4.41 -17.01 -27.69
CA ALA E 262 -3.18 -17.55 -27.12
C ALA E 262 -3.43 -17.99 -25.68
N ASP E 263 -2.53 -18.83 -25.16
CA ASP E 263 -2.71 -19.45 -23.86
C ASP E 263 -2.13 -18.65 -22.71
N ASN E 264 -1.76 -17.39 -22.90
CA ASN E 264 -1.37 -16.58 -21.76
C ASN E 264 -2.60 -16.24 -20.93
N ARG E 265 -2.61 -16.66 -19.66
CA ARG E 265 -3.75 -16.50 -18.78
C ARG E 265 -5.00 -17.12 -19.40
N LEU E 266 -4.87 -18.39 -19.80
CA LEU E 266 -5.97 -19.09 -20.45
C LEU E 266 -7.07 -19.40 -19.44
N THR E 267 -8.32 -19.15 -19.83
CA THR E 267 -9.49 -19.59 -19.06
C THR E 267 -10.51 -20.12 -20.05
N ILE E 268 -11.59 -20.72 -19.51
CA ILE E 268 -12.58 -21.37 -20.36
C ILE E 268 -13.16 -20.37 -21.35
N GLY E 269 -13.47 -20.86 -22.55
CA GLY E 269 -14.08 -20.03 -23.55
C GLY E 269 -15.37 -19.43 -23.04
N SER E 270 -15.50 -18.12 -23.14
CA SER E 270 -16.63 -17.38 -22.59
C SER E 270 -16.99 -16.29 -23.60
N PRO E 271 -18.18 -15.70 -23.50
CA PRO E 271 -18.53 -14.64 -24.46
C PRO E 271 -17.50 -13.53 -24.35
N SER E 272 -17.17 -12.93 -25.47
CA SER E 272 -16.07 -12.01 -25.54
C SER E 272 -16.40 -10.86 -26.47
N LYS E 273 -15.52 -9.86 -26.47
CA LYS E 273 -15.72 -8.70 -27.31
C LYS E 273 -14.37 -8.19 -27.76
N ILE E 274 -14.29 -7.81 -29.03
CA ILE E 274 -13.13 -7.12 -29.56
C ILE E 274 -13.62 -5.80 -30.12
N TYR E 275 -12.99 -4.71 -29.70
CA TYR E 275 -13.42 -3.40 -30.10
C TYR E 275 -12.20 -2.54 -30.35
N ASN E 276 -12.42 -1.44 -31.07
CA ASN E 276 -11.38 -0.45 -31.29
C ASN E 276 -11.63 0.70 -30.33
N SER E 277 -10.58 1.11 -29.64
CA SER E 277 -10.64 2.33 -28.85
C SER E 277 -9.32 3.03 -29.09
N LEU E 278 -9.32 4.21 -29.68
CA LEU E 278 -8.13 4.99 -29.99
C LEU E 278 -7.05 4.42 -30.92
N GLY E 279 -7.48 3.76 -31.97
CA GLY E 279 -6.60 3.22 -32.95
C GLY E 279 -6.10 1.84 -32.77
N GLN E 280 -6.49 1.14 -31.73
CA GLN E 280 -5.89 -0.15 -31.48
C GLN E 280 -6.99 -1.11 -31.06
N PRO E 281 -6.85 -2.40 -31.34
CA PRO E 281 -7.86 -3.36 -30.88
C PRO E 281 -7.72 -3.63 -29.38
N VAL E 282 -8.87 -3.73 -28.72
CA VAL E 282 -8.94 -4.12 -27.32
C VAL E 282 -9.81 -5.37 -27.25
N PHE E 283 -9.52 -6.23 -26.28
CA PHE E 283 -10.25 -7.48 -26.13
C PHE E 283 -10.77 -7.61 -24.71
N TYR E 284 -12.02 -8.04 -24.57
CA TYR E 284 -12.60 -8.37 -23.28
C TYR E 284 -13.12 -9.79 -23.33
N GLN E 285 -12.80 -10.57 -22.29
CA GLN E 285 -13.31 -11.92 -22.13
C GLN E 285 -14.02 -12.04 -20.79
N ALA E 286 -15.22 -12.60 -20.80
CA ALA E 286 -15.97 -12.79 -19.57
C ALA E 286 -15.28 -13.84 -18.68
N SER E 287 -15.43 -13.67 -17.38
CA SER E 287 -14.78 -14.55 -16.40
C SER E 287 -15.81 -15.59 -15.97
N TYR E 288 -15.75 -16.77 -16.58
CA TYR E 288 -16.71 -17.84 -16.35
C TYR E 288 -16.16 -18.98 -15.49
N SER E 289 -14.94 -18.85 -14.96
CA SER E 289 -14.34 -19.88 -14.11
C SER E 289 -13.58 -19.28 -12.92
N TRP E 290 -12.59 -20.00 -12.43
CA TRP E 290 -11.92 -19.65 -11.19
C TRP E 290 -11.18 -18.31 -11.23
N ASP E 291 -10.65 -17.91 -12.38
CA ASP E 291 -9.93 -16.63 -12.47
C ASP E 291 -10.97 -15.52 -12.63
N THR E 292 -11.39 -14.91 -11.52
CA THR E 292 -12.55 -14.03 -11.53
C THR E 292 -12.22 -12.54 -11.61
N MET E 293 -10.96 -12.14 -11.61
CA MET E 293 -10.65 -10.74 -11.87
C MET E 293 -10.82 -10.45 -13.35
N ILE E 294 -11.22 -9.21 -13.66
CA ILE E 294 -11.65 -8.88 -15.02
C ILE E 294 -10.51 -9.12 -16.00
N LYS E 295 -10.86 -9.63 -17.19
CA LYS E 295 -9.90 -9.97 -18.24
C LYS E 295 -10.13 -9.07 -19.45
N LEU E 296 -9.29 -8.04 -19.58
CA LEU E 296 -9.31 -7.21 -20.77
C LEU E 296 -7.89 -6.68 -21.01
N GLY E 297 -7.65 -6.25 -22.24
CA GLY E 297 -6.37 -5.66 -22.56
C GLY E 297 -6.25 -5.37 -24.04
N ASP E 298 -5.15 -4.72 -24.39
CA ASP E 298 -4.87 -4.42 -25.78
C ASP E 298 -4.45 -5.67 -26.51
N VAL E 299 -4.76 -5.71 -27.79
CA VAL E 299 -4.42 -6.84 -28.65
C VAL E 299 -3.02 -6.62 -29.18
N ASP E 300 -2.10 -7.53 -28.86
CA ASP E 300 -0.76 -7.50 -29.46
C ASP E 300 -0.84 -7.87 -30.93
N THR E 301 -1.46 -9.01 -31.21
CA THR E 301 -1.62 -9.57 -32.53
C THR E 301 -3.05 -10.06 -32.66
N VAL E 302 -3.70 -9.81 -33.80
CA VAL E 302 -5.03 -10.37 -33.99
C VAL E 302 -4.97 -11.79 -34.54
N ASP E 303 -4.01 -12.09 -35.42
CA ASP E 303 -3.82 -13.44 -35.94
C ASP E 303 -2.36 -13.83 -35.84
N PRO E 304 -1.99 -14.79 -34.98
CA PRO E 304 -2.86 -15.41 -33.97
C PRO E 304 -3.28 -14.42 -32.88
N LEU E 305 -4.44 -14.66 -32.26
CA LEU E 305 -5.00 -13.70 -31.32
C LEU E 305 -4.22 -13.77 -30.02
N ARG E 306 -3.63 -12.65 -29.62
CA ARG E 306 -2.90 -12.58 -28.37
C ARG E 306 -3.21 -11.26 -27.68
N VAL E 307 -3.57 -11.34 -26.40
CA VAL E 307 -4.02 -10.20 -25.62
C VAL E 307 -3.02 -9.95 -24.51
N GLN E 308 -2.71 -8.68 -24.26
CA GLN E 308 -1.84 -8.32 -23.16
C GLN E 308 -2.75 -7.93 -22.00
N TRP E 309 -3.24 -8.96 -21.30
CA TRP E 309 -4.23 -8.78 -20.25
C TRP E 309 -3.73 -7.83 -19.16
N ARG E 310 -4.59 -6.93 -18.73
CA ARG E 310 -4.24 -6.07 -17.60
C ARG E 310 -4.18 -6.89 -16.31
N ASN E 311 -3.35 -6.44 -15.38
CA ASN E 311 -3.32 -7.01 -14.04
C ASN E 311 -4.22 -6.17 -13.16
N ASN E 312 -5.53 -6.44 -13.26
CA ASN E 312 -6.55 -5.64 -12.61
C ASN E 312 -6.97 -6.31 -11.31
N SER E 313 -6.98 -5.52 -10.23
CA SER E 313 -7.24 -6.04 -8.88
C SER E 313 -8.46 -5.41 -8.23
N VAL E 314 -9.26 -4.66 -8.97
CA VAL E 314 -10.42 -3.99 -8.39
C VAL E 314 -11.76 -4.45 -8.97
N ILE E 315 -11.80 -4.97 -10.20
CA ILE E 315 -13.06 -5.34 -10.83
C ILE E 315 -13.14 -6.85 -10.97
N SER E 316 -14.26 -7.41 -10.52
CA SER E 316 -14.54 -8.83 -10.70
C SER E 316 -16.03 -8.97 -10.99
N ARG E 317 -16.56 -10.18 -10.85
CA ARG E 317 -17.94 -10.49 -11.19
C ARG E 317 -18.49 -11.45 -10.16
N PRO E 318 -19.81 -11.45 -9.95
CA PRO E 318 -20.42 -12.41 -9.03
C PRO E 318 -20.29 -13.83 -9.54
N GLY E 319 -20.23 -14.79 -8.60
CA GLY E 319 -20.14 -16.19 -8.93
C GLY E 319 -21.12 -17.01 -8.11
N GLN E 320 -20.70 -18.24 -7.81
CA GLN E 320 -21.45 -19.12 -6.90
C GLN E 320 -20.48 -19.56 -5.81
N SER E 321 -20.83 -20.62 -5.05
CA SER E 321 -20.04 -20.98 -3.87
C SER E 321 -18.58 -21.28 -4.24
N GLN E 322 -18.35 -22.02 -5.33
CA GLN E 322 -16.99 -22.48 -5.61
C GLN E 322 -16.10 -21.37 -6.15
N CYS E 323 -16.63 -20.50 -7.00
CA CYS E 323 -15.84 -19.40 -7.56
C CYS E 323 -16.64 -18.11 -7.46
N PRO E 324 -16.79 -17.58 -6.25
CA PRO E 324 -17.50 -16.31 -6.07
C PRO E 324 -16.59 -15.13 -6.41
N ARG E 325 -17.15 -13.94 -6.29
CA ARG E 325 -16.40 -12.72 -6.60
C ARG E 325 -15.12 -12.66 -5.78
N PHE E 326 -14.03 -12.25 -6.43
CA PHE E 326 -12.69 -12.07 -5.87
C PHE E 326 -11.96 -13.40 -5.66
N ASN E 327 -12.48 -14.51 -6.14
CA ASN E 327 -11.73 -15.75 -6.13
C ASN E 327 -10.57 -15.68 -7.11
N VAL E 328 -9.40 -16.17 -6.69
CA VAL E 328 -8.21 -16.20 -7.54
C VAL E 328 -7.55 -17.57 -7.57
N CYS E 329 -8.05 -18.55 -6.82
CA CYS E 329 -7.43 -19.86 -6.73
C CYS E 329 -8.13 -20.86 -7.65
N PRO E 330 -7.35 -21.70 -8.33
CA PRO E 330 -7.92 -22.65 -9.29
C PRO E 330 -8.91 -23.61 -8.64
N GLU E 331 -10.14 -23.56 -9.13
CA GLU E 331 -11.17 -24.52 -8.75
C GLU E 331 -11.77 -25.06 -10.03
N VAL E 332 -12.54 -26.14 -9.92
CA VAL E 332 -13.25 -26.67 -11.06
C VAL E 332 -14.65 -26.06 -11.02
N CYS E 333 -14.87 -25.03 -11.83
CA CYS E 333 -16.12 -24.28 -11.77
C CYS E 333 -16.42 -23.75 -13.16
N TRP E 334 -17.72 -23.53 -13.40
CA TRP E 334 -18.21 -22.85 -14.59
C TRP E 334 -19.37 -21.96 -14.13
N GLU E 335 -19.06 -20.69 -13.84
CA GLU E 335 -20.08 -19.74 -13.41
C GLU E 335 -19.53 -18.34 -13.54
N GLY E 336 -20.45 -17.37 -13.62
CA GLY E 336 -20.08 -15.98 -13.71
C GLY E 336 -21.05 -15.23 -14.59
N THR E 337 -20.73 -13.96 -14.87
CA THR E 337 -21.54 -13.11 -15.70
C THR E 337 -20.67 -12.37 -16.70
N TYR E 338 -21.31 -11.83 -17.74
CA TYR E 338 -20.65 -11.00 -18.73
C TYR E 338 -20.89 -9.54 -18.34
N ASN E 339 -19.80 -8.82 -18.02
CA ASN E 339 -19.86 -7.39 -17.71
C ASN E 339 -18.63 -6.70 -18.30
N ASP E 340 -18.75 -6.21 -19.54
CA ASP E 340 -17.56 -5.76 -20.23
C ASP E 340 -17.18 -4.35 -19.80
N ALA E 341 -15.98 -3.94 -20.22
CA ALA E 341 -15.52 -2.58 -19.98
C ALA E 341 -14.87 -2.05 -21.26
N PHE E 342 -14.87 -0.73 -21.41
CA PHE E 342 -14.45 -0.07 -22.64
C PHE E 342 -13.32 0.90 -22.33
N LEU E 343 -12.18 0.70 -22.98
CA LEU E 343 -11.03 1.58 -22.83
C LEU E 343 -11.35 2.97 -23.38
N ILE E 344 -11.10 4.01 -22.57
CA ILE E 344 -11.33 5.38 -23.00
C ILE E 344 -10.07 6.24 -22.95
N ASP E 345 -8.99 5.77 -22.32
CA ASP E 345 -7.74 6.53 -22.24
C ASP E 345 -6.61 5.51 -22.13
N ARG E 346 -5.87 5.30 -23.23
CA ARG E 346 -4.80 4.31 -23.18
C ARG E 346 -3.55 4.84 -22.47
N LEU E 347 -3.32 6.16 -22.48
CA LEU E 347 -2.12 6.69 -21.87
C LEU E 347 -2.09 6.46 -20.37
N ASN E 348 -3.27 6.37 -19.74
CA ASN E 348 -3.39 6.02 -18.33
C ASN E 348 -4.12 4.70 -18.12
N TRP E 349 -4.49 4.00 -19.21
CA TRP E 349 -5.28 2.76 -19.22
C TRP E 349 -6.49 2.84 -18.28
N VAL E 350 -7.39 3.74 -18.68
CA VAL E 350 -8.64 3.98 -17.99
C VAL E 350 -9.77 3.34 -18.79
N SER E 351 -10.64 2.60 -18.10
CA SER E 351 -11.77 1.95 -18.74
C SER E 351 -13.05 2.32 -18.02
N ALA E 352 -14.17 2.19 -18.75
CA ALA E 352 -15.50 2.42 -18.23
C ALA E 352 -16.36 1.18 -18.44
N GLY E 353 -17.23 0.90 -17.47
CA GLY E 353 -18.16 -0.21 -17.64
C GLY E 353 -19.10 -0.31 -16.46
N VAL E 354 -20.01 -1.26 -16.54
CA VAL E 354 -20.93 -1.57 -15.46
C VAL E 354 -20.52 -2.90 -14.85
N TYR E 355 -20.48 -2.97 -13.53
CA TYR E 355 -20.21 -4.22 -12.83
C TYR E 355 -21.32 -4.48 -11.82
N LEU E 356 -21.46 -5.75 -11.45
CA LEU E 356 -22.48 -6.18 -10.49
C LEU E 356 -21.83 -6.22 -9.11
N ASN E 357 -22.28 -5.36 -8.21
CA ASN E 357 -21.66 -5.22 -6.90
C ASN E 357 -22.27 -6.22 -5.91
N SER E 358 -22.03 -7.50 -6.21
CA SER E 358 -22.53 -8.57 -5.36
C SER E 358 -21.61 -9.77 -5.49
N ASN E 359 -21.47 -10.51 -4.40
CA ASN E 359 -20.49 -11.60 -4.35
C ASN E 359 -20.96 -12.82 -5.11
N GLN E 360 -22.22 -13.23 -4.91
CA GLN E 360 -22.75 -14.42 -5.55
C GLN E 360 -24.11 -14.19 -6.20
N THR E 361 -24.62 -12.98 -6.16
CA THR E 361 -25.96 -12.68 -6.67
C THR E 361 -25.86 -11.70 -7.83
N ALA E 362 -26.78 -11.82 -8.78
CA ALA E 362 -26.84 -10.92 -9.92
C ALA E 362 -27.67 -9.69 -9.56
N GLU E 363 -27.04 -8.76 -8.86
CA GLU E 363 -27.75 -7.55 -8.48
C GLU E 363 -26.77 -6.42 -8.22
N ASN E 364 -27.33 -5.21 -8.07
CA ASN E 364 -26.64 -3.96 -7.76
C ASN E 364 -25.71 -3.50 -8.87
N PRO E 365 -26.23 -3.15 -10.06
CA PRO E 365 -25.36 -2.68 -11.13
C PRO E 365 -24.76 -1.32 -10.82
N VAL E 366 -23.46 -1.17 -11.11
CA VAL E 366 -22.73 0.06 -10.83
C VAL E 366 -21.91 0.42 -12.07
N PHE E 367 -22.04 1.67 -12.53
CA PHE E 367 -21.19 2.18 -13.59
C PHE E 367 -19.95 2.80 -12.97
N ALA E 368 -18.78 2.39 -13.46
CA ALA E 368 -17.51 2.77 -12.85
C ALA E 368 -16.49 3.15 -13.92
N VAL E 369 -15.66 4.12 -13.58
CA VAL E 369 -14.48 4.49 -14.37
C VAL E 369 -13.26 4.09 -13.54
N PHE E 370 -12.37 3.30 -14.12
CA PHE E 370 -11.37 2.64 -13.29
C PHE E 370 -10.06 2.44 -14.04
N LYS E 371 -8.99 2.33 -13.25
CA LYS E 371 -7.66 1.98 -13.69
C LYS E 371 -7.36 0.55 -13.21
N ASP E 372 -6.18 0.06 -13.55
CA ASP E 372 -5.81 -1.31 -13.19
C ASP E 372 -6.00 -1.58 -11.70
N ASN E 373 -5.60 -0.65 -10.84
CA ASN E 373 -5.57 -0.90 -9.40
C ASN E 373 -6.43 0.06 -8.60
N GLU E 374 -7.29 0.85 -9.24
CA GLU E 374 -8.09 1.80 -8.49
C GLU E 374 -9.36 2.11 -9.28
N ILE E 375 -10.49 2.21 -8.57
CA ILE E 375 -11.73 2.73 -9.14
C ILE E 375 -11.71 4.24 -8.92
N LEU E 376 -11.75 5.01 -10.00
CA LEU E 376 -11.63 6.46 -9.88
C LEU E 376 -12.94 7.08 -9.38
N TYR E 377 -14.03 6.84 -10.10
CA TYR E 377 -15.34 7.30 -9.66
C TYR E 377 -16.39 6.35 -10.22
N GLN E 378 -17.53 6.30 -9.54
CA GLN E 378 -18.58 5.35 -9.91
C GLN E 378 -19.92 5.89 -9.47
N VAL E 379 -20.98 5.25 -9.95
CA VAL E 379 -22.32 5.66 -9.58
C VAL E 379 -23.24 4.46 -9.67
N PRO E 380 -24.10 4.21 -8.68
CA PRO E 380 -25.11 3.16 -8.83
C PRO E 380 -26.08 3.53 -9.94
N LEU E 381 -26.54 2.51 -10.66
CA LEU E 381 -27.52 2.72 -11.72
C LEU E 381 -28.95 2.58 -11.22
N ALA E 382 -29.14 1.98 -10.06
CA ALA E 382 -30.45 1.65 -9.50
C ALA E 382 -30.25 1.47 -8.00
N GLU E 383 -31.17 0.78 -7.34
CA GLU E 383 -30.98 0.50 -5.93
C GLU E 383 -30.08 -0.72 -5.75
N ASP E 384 -29.64 -0.96 -4.52
CA ASP E 384 -28.64 -2.01 -4.29
C ASP E 384 -29.22 -3.41 -4.44
N ASP E 385 -30.53 -3.58 -4.20
CA ASP E 385 -31.17 -4.87 -4.38
C ASP E 385 -31.84 -4.98 -5.75
N THR E 386 -31.50 -4.08 -6.68
CA THR E 386 -31.99 -4.19 -8.05
C THR E 386 -31.31 -5.35 -8.76
N ASN E 387 -32.11 -6.17 -9.45
CA ASN E 387 -31.57 -7.33 -10.16
C ASN E 387 -30.98 -6.91 -11.48
N ALA E 388 -29.76 -7.37 -11.77
CA ALA E 388 -29.13 -7.04 -13.04
C ALA E 388 -28.16 -8.16 -13.43
N GLN E 389 -28.02 -8.39 -14.73
CA GLN E 389 -27.12 -9.47 -15.12
C GLN E 389 -26.08 -9.12 -16.17
N LYS E 390 -26.48 -9.04 -17.44
CA LYS E 390 -25.51 -8.83 -18.51
C LYS E 390 -25.44 -7.35 -18.83
N THR E 391 -24.22 -6.84 -18.97
CA THR E 391 -24.01 -5.46 -19.31
C THR E 391 -23.01 -5.37 -20.44
N ILE E 392 -23.33 -4.55 -21.44
CA ILE E 392 -22.49 -4.32 -22.61
C ILE E 392 -22.30 -2.81 -22.71
N THR E 393 -21.04 -2.36 -22.70
CA THR E 393 -20.73 -0.93 -22.72
C THR E 393 -19.91 -0.56 -23.95
N ASP E 394 -20.32 0.50 -24.64
CA ASP E 394 -19.56 1.07 -25.74
C ASP E 394 -19.42 2.57 -25.55
N CYS E 395 -18.21 3.08 -25.71
CA CYS E 395 -17.98 4.51 -25.58
C CYS E 395 -17.54 5.10 -26.92
N PHE E 396 -17.87 6.37 -27.11
CA PHE E 396 -17.72 7.06 -28.38
C PHE E 396 -17.61 8.55 -28.09
N LEU E 397 -17.50 9.36 -29.12
CA LEU E 397 -17.45 10.78 -28.97
C LEU E 397 -18.68 11.52 -29.48
N LEU E 398 -19.10 12.53 -28.77
CA LEU E 398 -20.18 13.43 -29.17
C LEU E 398 -19.61 14.84 -29.14
N GLU E 399 -19.26 15.36 -30.32
CA GLU E 399 -18.52 16.61 -30.45
C GLU E 399 -17.34 16.64 -29.49
N ASN E 400 -16.52 15.60 -29.58
CA ASN E 400 -15.24 15.42 -28.91
C ASN E 400 -15.35 15.15 -27.41
N VAL E 401 -16.55 14.88 -26.88
CA VAL E 401 -16.72 14.50 -25.48
C VAL E 401 -16.93 13.00 -25.43
N ILE E 402 -16.24 12.32 -24.52
CA ILE E 402 -16.40 10.88 -24.40
C ILE E 402 -17.75 10.58 -23.74
N TRP E 403 -18.58 9.81 -24.43
CA TRP E 403 -19.85 9.33 -23.92
C TRP E 403 -19.83 7.81 -23.95
N CYS E 404 -20.54 7.19 -23.02
CA CYS E 404 -20.71 5.74 -23.03
C CYS E 404 -22.19 5.40 -23.03
N ILE E 405 -22.54 4.34 -23.76
CA ILE E 405 -23.87 3.76 -23.73
C ILE E 405 -23.74 2.34 -23.21
N SER E 406 -24.57 1.98 -22.24
CA SER E 406 -24.54 0.66 -21.64
C SER E 406 -25.91 0.01 -21.78
N LEU E 407 -25.92 -1.20 -22.34
CA LEU E 407 -27.10 -2.05 -22.33
C LEU E 407 -27.00 -2.90 -21.06
N VAL E 408 -28.03 -2.86 -20.24
CA VAL E 408 -28.01 -3.52 -18.94
C VAL E 408 -29.26 -4.37 -18.81
N GLU E 409 -29.08 -5.67 -18.54
CA GLU E 409 -30.19 -6.52 -18.17
C GLU E 409 -30.56 -6.19 -16.73
N ILE E 410 -31.78 -5.72 -16.50
CA ILE E 410 -32.15 -5.11 -15.23
C ILE E 410 -33.64 -5.27 -14.98
N TYR E 411 -34.01 -5.39 -13.71
CA TYR E 411 -35.41 -5.32 -13.30
C TYR E 411 -35.48 -5.30 -11.77
N ASP E 412 -36.54 -4.68 -11.27
CA ASP E 412 -36.83 -4.60 -9.85
C ASP E 412 -37.87 -5.66 -9.50
N THR E 413 -37.73 -6.26 -8.32
CA THR E 413 -38.65 -7.32 -7.92
C THR E 413 -40.09 -6.80 -7.97
N GLY E 414 -40.95 -7.52 -8.67
CA GLY E 414 -42.32 -7.09 -8.88
C GLY E 414 -42.60 -6.44 -10.22
N ASP E 415 -41.59 -6.19 -11.05
CA ASP E 415 -41.82 -5.58 -12.35
C ASP E 415 -42.66 -6.51 -13.22
N SER E 416 -43.54 -5.93 -14.06
CA SER E 416 -44.42 -6.77 -14.85
C SER E 416 -43.72 -7.33 -16.09
N VAL E 417 -42.78 -6.59 -16.66
CA VAL E 417 -42.00 -7.05 -17.81
C VAL E 417 -40.53 -6.84 -17.50
N ILE E 418 -39.72 -7.83 -17.83
CA ILE E 418 -38.27 -7.74 -17.71
C ILE E 418 -37.72 -7.38 -19.08
N ARG E 419 -37.01 -6.26 -19.15
CA ARG E 419 -36.47 -5.79 -20.41
C ARG E 419 -35.15 -5.09 -20.12
N PRO E 420 -34.22 -5.09 -21.07
CA PRO E 420 -32.98 -4.34 -20.87
C PRO E 420 -33.24 -2.84 -20.92
N LYS E 421 -32.29 -2.10 -20.38
CA LYS E 421 -32.33 -0.64 -20.39
C LYS E 421 -31.03 -0.11 -20.95
N LEU E 422 -31.12 1.02 -21.65
CA LEU E 422 -29.96 1.71 -22.22
C LEU E 422 -29.66 2.93 -21.37
N PHE E 423 -28.41 3.08 -20.97
CA PHE E 423 -27.98 4.20 -20.14
C PHE E 423 -26.91 4.97 -20.88
N ALA E 424 -27.03 6.29 -20.86
CA ALA E 424 -26.02 7.18 -21.44
C ALA E 424 -25.31 7.90 -20.31
N VAL E 425 -23.99 7.82 -20.30
CA VAL E 425 -23.15 8.42 -19.27
C VAL E 425 -22.08 9.26 -19.95
N LYS E 426 -22.04 10.55 -19.65
CA LYS E 426 -20.97 11.41 -20.13
C LYS E 426 -19.82 11.35 -19.15
N ILE E 427 -18.60 11.22 -19.66
CA ILE E 427 -17.41 11.12 -18.82
C ILE E 427 -16.97 12.55 -18.48
N PRO E 428 -17.02 12.94 -17.20
CA PRO E 428 -16.80 14.35 -16.85
C PRO E 428 -15.35 14.77 -17.03
N ALA E 429 -15.16 16.07 -17.26
CA ALA E 429 -13.86 16.68 -17.46
C ALA E 429 -13.20 17.12 -16.15
N GLN E 430 -13.99 17.59 -15.19
CA GLN E 430 -13.47 18.04 -13.91
C GLN E 430 -13.89 17.06 -12.81
N CYS E 431 -13.03 16.96 -11.79
CA CYS E 431 -13.16 15.92 -10.77
C CYS E 431 -14.10 16.32 -9.65
N SER E 432 -14.67 17.51 -9.71
CA SER E 432 -15.68 17.96 -8.75
C SER E 432 -17.05 17.91 -9.41
N SER F 1 -39.58 -8.93 0.15
CA SER F 1 -38.13 -8.76 0.03
C SER F 1 -37.39 -8.83 1.36
N ILE F 2 -36.97 -10.04 1.75
CA ILE F 2 -36.33 -10.27 3.04
C ILE F 2 -34.97 -10.94 2.80
N VAL F 3 -34.05 -10.76 3.74
CA VAL F 3 -32.90 -11.64 3.89
C VAL F 3 -33.27 -12.68 4.94
N LEU F 4 -33.34 -13.93 4.54
CA LEU F 4 -33.77 -15.00 5.42
C LEU F 4 -32.69 -15.35 6.44
N GLU F 5 -33.10 -16.11 7.45
CA GLU F 5 -32.14 -16.57 8.45
C GLU F 5 -31.18 -17.55 7.78
N PRO F 6 -29.87 -17.42 8.01
CA PRO F 6 -28.93 -18.31 7.34
C PRO F 6 -29.13 -19.75 7.79
N ILE F 7 -28.90 -20.68 6.87
CA ILE F 7 -29.02 -22.11 7.16
C ILE F 7 -27.63 -22.69 7.27
N TYR F 8 -27.30 -23.23 8.45
CA TYR F 8 -26.01 -23.87 8.66
C TYR F 8 -26.11 -25.34 8.31
N TRP F 9 -25.34 -25.77 7.31
CA TRP F 9 -25.36 -27.15 6.83
C TRP F 9 -24.41 -28.01 7.65
N ASN F 10 -24.79 -28.22 8.91
CA ASN F 10 -24.14 -29.21 9.74
C ASN F 10 -25.20 -30.08 10.40
N SER F 11 -24.82 -31.33 10.74
CA SER F 11 -25.76 -32.31 11.24
C SER F 11 -26.39 -31.92 12.58
N SER F 12 -25.73 -31.06 13.35
CA SER F 12 -26.31 -30.72 14.66
C SER F 12 -27.33 -29.59 14.55
N ASN F 13 -27.60 -29.09 13.36
CA ASN F 13 -28.63 -28.08 13.18
C ASN F 13 -29.99 -28.70 13.43
N SER F 14 -30.70 -28.19 14.44
CA SER F 14 -31.98 -28.75 14.82
C SER F 14 -33.13 -28.36 13.90
N LYS F 15 -32.95 -27.44 12.95
CA LYS F 15 -34.08 -27.18 12.08
C LYS F 15 -34.25 -28.26 11.02
N PHE F 16 -33.28 -29.16 10.88
CA PHE F 16 -33.48 -30.38 10.11
C PHE F 16 -34.19 -31.37 11.02
N LEU F 17 -35.50 -31.47 10.89
CA LEU F 17 -36.27 -32.39 11.71
C LEU F 17 -36.04 -33.82 11.25
N PRO F 18 -36.14 -34.79 12.17
CA PRO F 18 -36.00 -36.20 11.77
C PRO F 18 -37.01 -36.57 10.69
N GLY F 19 -36.51 -37.16 9.61
CA GLY F 19 -37.36 -37.65 8.55
C GLY F 19 -37.96 -36.59 7.65
N GLN F 20 -38.00 -35.34 8.11
CA GLN F 20 -38.61 -34.26 7.35
C GLN F 20 -37.65 -33.22 6.83
N GLY F 21 -36.58 -32.91 7.57
CA GLY F 21 -35.68 -31.87 7.14
C GLY F 21 -36.24 -30.48 7.38
N LEU F 22 -35.78 -29.52 6.58
CA LEU F 22 -36.14 -28.12 6.71
C LEU F 22 -37.08 -27.69 5.58
N VAL F 23 -38.16 -26.99 5.95
CA VAL F 23 -39.14 -26.43 5.02
C VAL F 23 -39.13 -24.92 5.20
N LEU F 24 -39.12 -24.17 4.08
CA LEU F 24 -38.73 -22.76 4.15
C LEU F 24 -39.81 -21.75 3.79
N TYR F 25 -40.46 -21.87 2.63
CA TYR F 25 -41.41 -20.89 2.11
C TYR F 25 -40.77 -19.53 1.80
N PRO F 26 -39.74 -19.47 0.96
CA PRO F 26 -39.16 -18.16 0.61
C PRO F 26 -39.98 -17.47 -0.46
N GLN F 27 -39.96 -16.14 -0.43
CA GLN F 27 -40.73 -15.35 -1.37
C GLN F 27 -39.84 -14.83 -2.48
N ILE F 28 -40.45 -14.54 -3.64
CA ILE F 28 -39.68 -14.04 -4.77
C ILE F 28 -39.01 -12.75 -4.35
N GLY F 29 -37.72 -12.65 -4.60
CA GLY F 29 -36.95 -11.51 -4.17
C GLY F 29 -36.18 -11.72 -2.89
N ASP F 30 -36.42 -12.82 -2.18
CA ASP F 30 -35.72 -13.05 -0.93
C ASP F 30 -34.31 -13.55 -1.23
N LYS F 31 -33.46 -13.48 -0.20
CA LYS F 31 -32.11 -13.99 -0.28
C LYS F 31 -31.90 -15.01 0.83
N LEU F 32 -31.09 -16.02 0.53
CA LEU F 32 -30.84 -17.10 1.48
C LEU F 32 -29.37 -17.48 1.43
N ASP F 33 -28.81 -17.80 2.60
CA ASP F 33 -27.44 -18.26 2.70
C ASP F 33 -27.44 -19.69 3.25
N ILE F 34 -26.68 -20.56 2.59
CA ILE F 34 -26.42 -21.91 3.08
C ILE F 34 -24.93 -21.99 3.34
N ILE F 35 -24.56 -22.22 4.59
CA ILE F 35 -23.18 -22.11 5.04
C ILE F 35 -22.71 -23.47 5.52
N CYS F 36 -21.51 -23.86 5.11
CA CYS F 36 -20.84 -25.04 5.63
C CYS F 36 -19.80 -24.56 6.62
N PRO F 37 -20.07 -24.60 7.92
CA PRO F 37 -19.20 -23.88 8.86
C PRO F 37 -17.84 -24.53 8.98
N LYS F 38 -16.84 -23.69 9.27
CA LYS F 38 -15.47 -24.13 9.46
C LYS F 38 -15.28 -24.74 10.85
N VAL F 39 -14.15 -25.41 11.02
CA VAL F 39 -13.86 -26.17 12.24
C VAL F 39 -12.80 -25.45 13.07
N GLN F 46 -14.65 -31.83 15.03
CA GLN F 46 -14.20 -32.51 13.82
C GLN F 46 -15.13 -32.19 12.63
N TYR F 47 -14.53 -32.01 11.47
CA TYR F 47 -15.23 -31.47 10.32
C TYR F 47 -16.15 -32.49 9.66
N GLU F 48 -17.29 -32.01 9.18
CA GLU F 48 -18.22 -32.80 8.39
C GLU F 48 -18.08 -32.40 6.94
N TYR F 49 -17.95 -33.39 6.06
CA TYR F 49 -17.75 -33.17 4.63
C TYR F 49 -19.05 -33.42 3.89
N TYR F 50 -19.42 -32.49 3.00
CA TYR F 50 -20.64 -32.64 2.23
C TYR F 50 -20.46 -32.14 0.80
N LYS F 51 -21.23 -32.76 -0.10
CA LYS F 51 -21.56 -32.19 -1.39
C LYS F 51 -23.07 -32.03 -1.41
N VAL F 52 -23.54 -30.82 -1.64
CA VAL F 52 -24.97 -30.49 -1.54
C VAL F 52 -25.50 -30.22 -2.93
N TYR F 53 -26.63 -30.85 -3.27
CA TYR F 53 -27.17 -30.79 -4.62
C TYR F 53 -28.62 -30.34 -4.60
N MET F 54 -29.04 -29.77 -5.72
CA MET F 54 -30.44 -29.46 -5.96
C MET F 54 -30.99 -30.49 -6.92
N VAL F 55 -32.04 -31.16 -6.50
CA VAL F 55 -32.59 -32.29 -7.22
C VAL F 55 -34.07 -32.03 -7.29
N ASP F 56 -34.71 -32.78 -8.15
CA ASP F 56 -36.15 -32.77 -8.24
C ASP F 56 -36.79 -33.82 -7.33
N LYS F 57 -38.13 -33.79 -7.21
CA LYS F 57 -38.81 -34.39 -6.07
C LYS F 57 -38.52 -35.88 -5.88
N ASP F 58 -38.45 -36.64 -6.97
CA ASP F 58 -38.24 -38.06 -6.77
C ASP F 58 -36.82 -38.39 -6.37
N GLN F 59 -35.84 -37.56 -6.73
CA GLN F 59 -34.50 -37.82 -6.23
C GLN F 59 -34.40 -37.50 -4.75
N ALA F 60 -35.15 -36.49 -4.28
CA ALA F 60 -35.18 -36.18 -2.85
C ALA F 60 -35.92 -37.24 -2.05
N ASP F 61 -36.99 -37.80 -2.63
CA ASP F 61 -37.76 -38.83 -1.93
C ASP F 61 -36.98 -40.13 -1.84
N ARG F 62 -36.21 -40.46 -2.86
CA ARG F 62 -35.41 -41.68 -2.86
C ARG F 62 -34.00 -41.51 -2.30
N CYS F 63 -33.57 -40.27 -2.03
CA CYS F 63 -32.25 -39.95 -1.48
C CYS F 63 -31.15 -40.39 -2.43
N THR F 64 -31.19 -39.88 -3.67
CA THR F 64 -30.25 -40.25 -4.71
C THR F 64 -29.87 -39.01 -5.50
N ILE F 65 -28.60 -38.93 -5.93
CA ILE F 65 -28.16 -37.94 -6.91
C ILE F 65 -27.69 -38.70 -8.14
N LYS F 66 -27.64 -38.01 -9.28
CA LYS F 66 -27.55 -38.70 -10.58
C LYS F 66 -26.53 -38.14 -11.59
N ASN F 69 -24.29 -33.78 -12.77
CA ASN F 69 -25.00 -32.95 -11.81
C ASN F 69 -23.95 -32.00 -11.32
N THR F 70 -24.26 -30.76 -10.97
CA THR F 70 -23.20 -29.99 -10.34
C THR F 70 -23.63 -29.47 -8.98
N PRO F 71 -22.83 -29.70 -7.93
CA PRO F 71 -23.24 -29.30 -6.57
C PRO F 71 -23.35 -27.79 -6.40
N LEU F 72 -24.24 -27.40 -5.49
CA LEU F 72 -24.30 -26.01 -5.04
C LEU F 72 -23.23 -25.73 -4.00
N LEU F 73 -22.90 -26.72 -3.15
CA LEU F 73 -21.89 -26.57 -2.13
C LEU F 73 -20.96 -27.78 -2.19
N ASN F 74 -19.68 -27.52 -2.02
CA ASN F 74 -18.66 -28.57 -1.96
C ASN F 74 -17.83 -28.24 -0.74
N CYS F 75 -18.31 -28.71 0.41
CA CYS F 75 -17.74 -28.39 1.72
C CYS F 75 -16.69 -29.42 2.05
N ALA F 76 -15.46 -29.15 1.61
CA ALA F 76 -14.30 -30.00 1.83
C ALA F 76 -13.11 -29.17 2.26
N LYS F 77 -13.38 -28.07 2.97
CA LYS F 77 -12.32 -27.17 3.42
C LYS F 77 -12.53 -26.95 4.92
N PRO F 78 -11.91 -27.77 5.75
CA PRO F 78 -12.05 -27.58 7.21
C PRO F 78 -11.60 -26.21 7.67
N ASP F 79 -10.69 -25.58 6.93
CA ASP F 79 -10.17 -24.28 7.34
C ASP F 79 -11.15 -23.13 7.11
N GLN F 80 -11.98 -23.19 6.07
CA GLN F 80 -12.68 -22.01 5.60
C GLN F 80 -14.19 -22.10 5.71
N ASP F 81 -14.81 -20.93 5.73
CA ASP F 81 -16.25 -20.82 5.61
C ASP F 81 -16.60 -20.86 4.13
N ILE F 82 -17.42 -21.82 3.76
CA ILE F 82 -17.90 -21.95 2.39
C ILE F 82 -19.38 -21.59 2.43
N LYS F 83 -19.79 -20.73 1.52
CA LYS F 83 -21.11 -20.13 1.55
C LYS F 83 -21.73 -20.21 0.17
N PHE F 84 -23.04 -20.42 0.14
CA PHE F 84 -23.81 -20.35 -1.09
C PHE F 84 -24.97 -19.41 -0.83
N THR F 85 -25.10 -18.40 -1.67
CA THR F 85 -26.17 -17.41 -1.52
C THR F 85 -27.13 -17.53 -2.70
N ILE F 86 -28.43 -17.52 -2.39
CA ILE F 86 -29.49 -17.60 -3.38
C ILE F 86 -30.31 -16.33 -3.27
N LYS F 87 -30.62 -15.73 -4.42
CA LYS F 87 -31.71 -14.78 -4.50
C LYS F 87 -32.78 -15.36 -5.41
N PHE F 88 -34.02 -15.35 -4.93
CA PHE F 88 -35.12 -15.95 -5.66
C PHE F 88 -35.64 -14.90 -6.65
N GLN F 89 -34.93 -14.79 -7.77
CA GLN F 89 -35.14 -13.77 -8.78
C GLN F 89 -34.94 -14.42 -10.14
N GLU F 90 -35.09 -13.66 -11.22
CA GLU F 90 -34.90 -14.26 -12.53
C GLU F 90 -33.43 -14.42 -12.91
N PHE F 91 -32.55 -13.58 -12.38
CA PHE F 91 -31.14 -13.53 -12.78
C PHE F 91 -30.23 -14.24 -11.80
N SER F 92 -29.10 -14.72 -12.32
CA SER F 92 -28.19 -15.57 -11.54
C SER F 92 -26.83 -15.55 -12.22
N PRO F 93 -25.75 -15.75 -11.47
CA PRO F 93 -24.47 -16.07 -12.09
C PRO F 93 -24.32 -17.54 -12.47
N ASN F 94 -25.34 -18.35 -12.23
CA ASN F 94 -25.32 -19.76 -12.62
C ASN F 94 -25.55 -19.88 -14.12
N LEU F 95 -24.68 -20.62 -14.79
CA LEU F 95 -24.75 -20.72 -16.24
C LEU F 95 -25.63 -21.86 -16.72
N TRP F 96 -26.15 -22.69 -15.82
CA TRP F 96 -27.01 -23.81 -16.19
C TRP F 96 -28.50 -23.51 -16.09
N GLY F 97 -28.88 -22.29 -15.71
CA GLY F 97 -30.29 -22.00 -15.73
C GLY F 97 -30.99 -22.42 -14.45
N LEU F 98 -30.41 -22.00 -13.31
CA LEU F 98 -30.99 -22.16 -11.99
C LEU F 98 -31.96 -21.04 -11.69
N GLU F 99 -33.25 -21.25 -11.82
CA GLU F 99 -34.14 -20.22 -11.30
C GLU F 99 -35.40 -20.78 -10.68
N PHE F 100 -35.99 -19.98 -9.82
CA PHE F 100 -37.10 -20.36 -8.94
C PHE F 100 -38.33 -19.53 -9.26
N GLN F 101 -39.43 -20.21 -9.58
CA GLN F 101 -40.67 -19.55 -9.95
C GLN F 101 -41.67 -19.68 -8.80
N LYS F 102 -42.59 -18.73 -8.71
CA LYS F 102 -43.50 -18.74 -7.58
C LYS F 102 -44.50 -19.87 -7.75
N ASN F 103 -44.92 -20.45 -6.63
CA ASN F 103 -45.77 -21.64 -6.59
C ASN F 103 -45.11 -22.86 -7.24
N LYS F 104 -43.78 -22.99 -7.13
CA LYS F 104 -43.09 -24.22 -7.50
C LYS F 104 -42.17 -24.65 -6.35
N ASP F 105 -41.88 -25.94 -6.30
CA ASP F 105 -41.21 -26.56 -5.16
C ASP F 105 -39.80 -26.99 -5.54
N TYR F 106 -38.81 -26.65 -4.69
CA TYR F 106 -37.41 -26.94 -4.95
C TYR F 106 -36.79 -27.69 -3.78
N TYR F 107 -35.93 -28.66 -4.11
CA TYR F 107 -35.38 -29.60 -3.16
C TYR F 107 -33.85 -29.55 -3.18
N ILE F 108 -33.26 -29.41 -1.99
CA ILE F 108 -31.82 -29.43 -1.80
C ILE F 108 -31.51 -30.58 -0.83
N ILE F 109 -30.66 -31.52 -1.25
CA ILE F 109 -30.33 -32.69 -0.45
C ILE F 109 -28.81 -32.92 -0.47
N SER F 110 -28.37 -33.84 0.39
CA SER F 110 -27.02 -34.36 0.37
C SER F 110 -27.04 -35.87 0.55
N THR F 111 -26.29 -36.59 -0.29
CA THR F 111 -26.12 -38.03 -0.15
C THR F 111 -24.75 -38.39 0.42
N SER F 112 -24.02 -37.41 0.93
CA SER F 112 -22.75 -37.68 1.59
C SER F 112 -23.04 -38.32 2.95
N ASN F 113 -22.11 -39.12 3.46
CA ASN F 113 -22.32 -39.63 4.82
C ASN F 113 -21.61 -38.81 5.89
N GLY F 114 -20.91 -37.74 5.51
CA GLY F 114 -20.27 -36.86 6.46
C GLY F 114 -18.79 -37.07 6.60
N SER F 115 -18.26 -38.18 6.07
CA SER F 115 -16.85 -38.48 6.14
C SER F 115 -16.15 -38.04 4.85
N LEU F 116 -14.85 -37.81 4.96
CA LEU F 116 -14.09 -37.45 3.76
C LEU F 116 -14.11 -38.60 2.76
N GLU F 117 -14.24 -39.83 3.23
CA GLU F 117 -14.27 -40.98 2.34
C GLU F 117 -15.64 -41.17 1.69
N GLY F 118 -16.69 -40.60 2.26
CA GLY F 118 -18.02 -40.71 1.70
C GLY F 118 -18.55 -39.43 1.11
N LEU F 119 -17.64 -38.59 0.62
CA LEU F 119 -18.02 -37.33 0.02
C LEU F 119 -18.84 -37.52 -1.25
N ASP F 120 -18.49 -38.52 -2.07
CA ASP F 120 -19.04 -38.67 -3.40
C ASP F 120 -20.05 -39.80 -3.52
N ASN F 121 -20.58 -40.28 -2.40
CA ASN F 121 -21.64 -41.28 -2.46
C ASN F 121 -22.87 -40.69 -3.13
N GLN F 122 -23.52 -41.50 -3.97
CA GLN F 122 -24.62 -41.04 -4.80
C GLN F 122 -25.97 -41.58 -4.34
N GLU F 123 -26.01 -42.33 -3.24
CA GLU F 123 -27.28 -42.85 -2.72
C GLU F 123 -27.28 -42.78 -1.20
N GLY F 124 -28.48 -42.57 -0.64
CA GLY F 124 -28.65 -42.61 0.79
C GLY F 124 -27.94 -41.47 1.49
N GLY F 125 -26.97 -41.83 2.32
CA GLY F 125 -26.18 -40.81 3.00
C GLY F 125 -26.98 -40.06 4.03
N VAL F 126 -26.68 -38.75 4.16
CA VAL F 126 -27.19 -38.03 5.35
C VAL F 126 -28.62 -37.55 5.07
N CYS F 127 -29.06 -37.65 3.80
CA CYS F 127 -30.46 -37.39 3.43
C CYS F 127 -31.38 -38.46 4.01
N GLN F 128 -30.92 -39.70 3.97
CA GLN F 128 -31.70 -40.84 4.42
C GLN F 128 -31.73 -40.97 5.93
N THR F 129 -30.57 -40.85 6.60
CA THR F 129 -30.45 -41.19 8.01
C THR F 129 -30.58 -39.99 8.94
N ARG F 130 -30.21 -38.78 8.50
CA ARG F 130 -30.33 -37.59 9.33
C ARG F 130 -31.36 -36.60 8.81
N ALA F 131 -31.94 -36.85 7.62
CA ALA F 131 -32.86 -35.91 6.97
C ALA F 131 -32.23 -34.52 6.80
N MET F 132 -31.01 -34.50 6.27
CA MET F 132 -30.38 -33.23 5.91
C MET F 132 -30.83 -32.87 4.50
N LYS F 133 -32.04 -32.32 4.42
CA LYS F 133 -32.63 -31.90 3.16
C LYS F 133 -33.40 -30.62 3.40
N ILE F 134 -33.45 -29.78 2.37
CA ILE F 134 -34.22 -28.54 2.41
C ILE F 134 -35.34 -28.65 1.38
N LEU F 135 -36.53 -28.23 1.78
CA LEU F 135 -37.70 -28.17 0.90
C LEU F 135 -38.14 -26.71 0.89
N MET F 136 -38.00 -26.05 -0.26
CA MET F 136 -38.33 -24.64 -0.40
C MET F 136 -39.63 -24.50 -1.19
N LYS F 137 -40.65 -23.95 -0.54
CA LYS F 137 -41.95 -23.72 -1.19
C LYS F 137 -42.01 -22.25 -1.60
N VAL F 138 -41.62 -22.00 -2.83
CA VAL F 138 -41.32 -20.64 -3.27
C VAL F 138 -42.62 -19.90 -3.57
N GLY F 139 -42.79 -18.73 -2.95
CA GLY F 139 -43.97 -17.91 -3.17
C GLY F 139 -45.25 -18.51 -2.65
N GLN F 140 -45.21 -19.20 -1.51
CA GLN F 140 -46.40 -19.87 -1.00
C GLN F 140 -46.69 -19.43 0.44
N ASP F 141 -47.91 -19.74 0.88
CA ASP F 141 -48.42 -19.38 2.21
C ASP F 141 -48.44 -17.87 2.41
N GLY G 7 28.54 49.55 -38.81
CA GLY G 7 28.08 48.18 -38.98
C GLY G 7 28.87 47.15 -38.19
N VAL G 8 28.51 45.87 -38.40
CA VAL G 8 29.13 44.72 -37.75
C VAL G 8 30.14 44.06 -38.68
N SER G 9 31.30 43.69 -38.14
CA SER G 9 32.30 42.97 -38.93
C SER G 9 33.11 42.07 -38.01
N ASP G 10 33.89 41.19 -38.62
CA ASP G 10 34.58 40.12 -37.91
C ASP G 10 35.58 40.65 -36.90
N LEU G 11 35.91 39.78 -35.93
CA LEU G 11 36.92 40.10 -34.93
C LEU G 11 38.28 39.97 -35.61
N VAL G 12 38.69 41.05 -36.25
CA VAL G 12 39.93 41.08 -37.01
C VAL G 12 40.49 42.49 -36.92
N GLY G 13 41.75 42.63 -37.26
CA GLY G 13 42.41 43.92 -37.13
C GLY G 13 42.86 44.11 -35.71
N LEU G 14 42.64 45.31 -35.18
CA LEU G 14 43.05 45.64 -33.81
C LEU G 14 41.96 46.41 -33.06
N PRO G 15 41.20 45.75 -32.18
CA PRO G 15 40.07 46.38 -31.49
C PRO G 15 40.49 47.24 -30.30
N ASN G 16 39.51 47.90 -29.69
CA ASN G 16 39.63 48.69 -28.45
C ASN G 16 39.96 47.77 -27.27
N GLN G 17 40.53 48.29 -26.18
CA GLN G 17 41.08 47.27 -25.30
C GLN G 17 39.90 46.64 -24.59
N ILE G 18 40.15 45.46 -24.07
CA ILE G 18 39.17 44.78 -23.26
C ILE G 18 39.82 44.65 -21.91
N CYS G 19 39.01 44.56 -20.88
CA CYS G 19 39.55 44.57 -19.53
C CYS G 19 40.25 43.25 -19.25
N LEU G 20 41.48 43.28 -18.71
CA LEU G 20 42.31 42.06 -18.68
C LEU G 20 42.84 41.75 -17.28
N GLN G 21 42.04 42.06 -16.29
CA GLN G 21 42.35 42.01 -14.88
C GLN G 21 41.21 41.37 -14.10
N LYS G 22 41.53 40.65 -13.02
CA LYS G 22 40.49 39.88 -12.33
C LYS G 22 39.55 40.81 -11.58
N THR G 23 38.25 40.55 -11.69
CA THR G 23 37.30 41.42 -11.04
C THR G 23 36.11 40.64 -10.52
N THR G 24 35.85 40.85 -9.23
CA THR G 24 34.61 40.52 -8.54
C THR G 24 33.48 41.51 -8.79
N SER G 25 33.76 42.65 -9.40
CA SER G 25 32.67 43.54 -9.77
C SER G 25 31.91 42.99 -10.99
N THR G 26 30.65 43.38 -11.09
CA THR G 26 29.84 43.02 -12.27
C THR G 26 30.00 44.14 -13.29
N ILE G 27 30.84 43.92 -14.28
CA ILE G 27 31.08 44.89 -15.34
C ILE G 27 30.53 44.43 -16.67
N LEU G 28 29.95 43.24 -16.72
CA LEU G 28 29.29 42.74 -17.92
C LEU G 28 27.79 42.86 -17.70
N LYS G 29 27.09 43.47 -18.68
CA LYS G 29 25.60 43.48 -18.69
C LYS G 29 25.11 42.77 -19.94
N PRO G 30 24.71 41.50 -19.83
CA PRO G 30 24.13 40.80 -20.98
C PRO G 30 22.80 41.42 -21.37
N ARG G 31 22.55 41.50 -22.69
CA ARG G 31 21.30 42.05 -23.18
C ARG G 31 20.53 41.04 -24.01
N LEU G 32 19.22 40.97 -23.76
CA LEU G 32 18.37 40.00 -24.42
C LEU G 32 18.00 40.50 -25.81
N ILE G 33 18.29 39.69 -26.82
CA ILE G 33 17.99 39.98 -28.22
C ILE G 33 16.78 39.17 -28.61
N SER G 34 16.06 39.63 -29.62
CA SER G 34 14.89 38.91 -30.10
C SER G 34 15.23 38.24 -31.43
N GLU G 43 1.99 27.26 -26.73
CA GLU G 43 1.98 25.86 -27.12
C GLU G 43 2.35 24.93 -25.95
N GLY G 44 2.96 23.80 -26.32
CA GLY G 44 3.38 22.73 -25.43
C GLY G 44 4.69 22.15 -25.93
N VAL G 45 5.35 22.93 -26.81
CA VAL G 45 6.50 22.49 -27.57
C VAL G 45 7.81 22.73 -26.81
N CYS G 46 8.82 21.98 -27.21
CA CYS G 46 10.20 22.19 -26.82
C CYS G 46 11.00 22.46 -28.07
N ILE G 47 11.72 23.58 -28.10
CA ILE G 47 12.58 23.94 -29.23
C ILE G 47 14.02 23.69 -28.82
N THR G 48 14.70 22.80 -29.55
CA THR G 48 16.01 22.30 -29.14
C THR G 48 16.89 22.13 -30.37
N ASP G 49 18.03 21.47 -30.17
CA ASP G 49 19.05 21.30 -31.21
C ASP G 49 19.39 22.60 -31.94
N PRO G 50 19.87 23.61 -31.21
CA PRO G 50 20.10 24.92 -31.83
C PRO G 50 21.47 24.99 -32.52
N LEU G 51 21.57 25.95 -33.45
CA LEU G 51 22.78 26.24 -34.18
C LEU G 51 22.93 27.74 -34.30
N LEU G 52 24.15 28.24 -34.19
CA LEU G 52 24.38 29.66 -34.39
C LEU G 52 25.76 29.86 -35.00
N ALA G 53 25.83 30.72 -36.02
CA ALA G 53 27.09 31.14 -36.63
C ALA G 53 26.96 32.61 -37.01
N VAL G 54 27.99 33.40 -36.71
CA VAL G 54 27.98 34.82 -37.04
C VAL G 54 29.24 35.13 -37.86
N ASP G 55 29.06 35.52 -39.12
CA ASP G 55 30.19 35.90 -39.96
C ASP G 55 29.84 37.12 -40.80
N ASN G 56 30.85 37.95 -41.06
CA ASN G 56 30.78 39.09 -41.99
C ASN G 56 29.51 39.92 -41.80
N GLY G 57 29.03 40.02 -40.56
CA GLY G 57 27.83 40.78 -40.27
C GLY G 57 26.55 40.05 -40.62
N PHE G 58 26.62 38.74 -40.80
CA PHE G 58 25.47 37.90 -41.10
C PHE G 58 25.43 36.78 -40.08
N PHE G 59 24.36 35.98 -40.11
CA PHE G 59 24.30 34.86 -39.20
C PHE G 59 23.56 33.69 -39.83
N ALA G 60 23.81 32.51 -39.27
CA ALA G 60 23.05 31.31 -39.57
C ALA G 60 22.41 30.83 -38.27
N TYR G 61 21.19 30.31 -38.36
CA TYR G 61 20.44 29.86 -37.21
C TYR G 61 19.70 28.58 -37.56
N SER G 62 19.56 27.70 -36.57
CA SER G 62 18.75 26.51 -36.78
C SER G 62 18.21 26.06 -35.44
N HIS G 63 17.06 25.39 -35.50
CA HIS G 63 16.52 24.72 -34.33
C HIS G 63 15.53 23.67 -34.79
N LEU G 64 15.17 22.78 -33.87
CA LEU G 64 14.18 21.75 -34.12
C LEU G 64 13.07 21.88 -33.09
N GLU G 65 11.84 21.99 -33.56
CA GLU G 65 10.68 22.12 -32.70
C GLU G 65 10.04 20.76 -32.46
N LYS G 66 9.89 20.40 -31.19
CA LYS G 66 9.32 19.12 -30.81
C LYS G 66 8.07 19.34 -29.97
N ILE G 67 7.12 18.42 -30.11
CA ILE G 67 5.92 18.41 -29.28
C ILE G 67 6.14 17.36 -28.20
N GLY G 68 6.26 17.80 -26.95
CA GLY G 68 6.53 16.85 -25.91
C GLY G 68 7.93 16.99 -25.34
N SER G 69 8.60 15.86 -25.14
CA SER G 69 9.93 15.87 -24.55
C SER G 69 10.96 16.48 -25.50
N CYS G 70 12.00 17.07 -24.91
CA CYS G 70 13.09 17.56 -25.73
C CYS G 70 13.93 16.42 -26.28
N THR G 71 13.86 15.26 -25.63
CA THR G 71 14.58 14.05 -26.01
C THR G 71 13.77 13.13 -26.92
N ARG G 72 12.53 12.84 -26.54
CA ARG G 72 11.73 11.85 -27.27
C ARG G 72 10.45 12.43 -27.86
N GLY G 73 10.32 13.75 -27.91
CA GLY G 73 9.14 14.32 -28.51
C GLY G 73 9.11 14.11 -30.01
N ILE G 74 7.94 14.36 -30.58
CA ILE G 74 7.76 14.18 -32.02
C ILE G 74 8.28 15.42 -32.74
N ALA G 75 9.22 15.21 -33.66
CA ALA G 75 9.81 16.32 -34.40
C ALA G 75 8.74 16.97 -35.27
N LYS G 76 8.54 18.27 -35.09
CA LYS G 76 7.50 19.02 -35.78
C LYS G 76 8.03 19.92 -36.88
N GLN G 77 9.10 20.67 -36.62
CA GLN G 77 9.61 21.58 -37.63
C GLN G 77 11.07 21.89 -37.38
N ARG G 78 11.88 21.83 -38.43
CA ARG G 78 13.25 22.32 -38.41
C ARG G 78 13.34 23.53 -39.31
N ILE G 79 13.85 24.65 -38.78
CA ILE G 79 14.09 25.83 -39.59
C ILE G 79 15.59 26.05 -39.68
N ILE G 80 16.04 26.38 -40.89
CA ILE G 80 17.42 26.72 -41.18
C ILE G 80 17.35 28.09 -41.81
N GLY G 81 17.85 29.11 -41.11
CA GLY G 81 17.67 30.48 -41.54
C GLY G 81 18.95 31.28 -41.44
N VAL G 82 19.01 32.33 -42.25
CA VAL G 82 20.12 33.27 -42.24
C VAL G 82 19.56 34.68 -42.06
N GLY G 83 20.45 35.60 -41.74
CA GLY G 83 20.05 36.97 -41.56
C GLY G 83 21.27 37.85 -41.42
N GLU G 84 21.06 39.06 -40.89
CA GLU G 84 22.14 39.99 -40.70
C GLU G 84 22.16 40.48 -39.26
N VAL G 85 23.36 40.81 -38.79
CA VAL G 85 23.55 41.44 -37.48
C VAL G 85 23.77 42.93 -37.71
N LEU G 86 22.89 43.76 -37.15
CA LEU G 86 22.90 45.20 -37.38
C LEU G 86 22.81 45.95 -36.06
N ASP G 87 23.17 47.23 -36.12
CA ASP G 87 22.94 48.21 -35.06
C ASP G 87 21.48 48.64 -35.10
N ARG G 88 20.81 48.58 -33.96
CA ARG G 88 19.41 49.02 -34.05
C ARG G 88 19.30 50.56 -34.25
N GLY G 89 20.44 51.25 -34.14
CA GLY G 89 20.52 52.70 -34.06
C GLY G 89 21.14 53.23 -32.77
N ASP G 90 20.95 52.53 -31.66
CA ASP G 90 21.58 52.92 -30.42
C ASP G 90 22.89 52.17 -30.20
N LYS G 91 23.37 51.48 -31.24
CA LYS G 91 24.69 50.87 -31.23
C LYS G 91 24.78 49.67 -30.26
N VAL G 92 23.67 48.93 -30.22
CA VAL G 92 23.46 47.61 -29.60
C VAL G 92 23.24 46.65 -30.77
N PRO G 93 23.84 45.46 -30.77
CA PRO G 93 23.60 44.53 -31.87
C PRO G 93 22.19 44.00 -31.86
N SER G 94 21.72 43.64 -33.04
CA SER G 94 20.42 43.02 -33.17
C SER G 94 20.48 42.02 -34.30
N MET G 95 19.63 41.01 -34.24
CA MET G 95 19.62 39.95 -35.22
C MET G 95 18.28 40.00 -35.93
N PHE G 96 18.32 39.92 -37.26
CA PHE G 96 17.14 40.14 -38.08
C PHE G 96 17.18 39.15 -39.25
N MET G 97 16.17 38.29 -39.33
CA MET G 97 16.14 37.20 -40.31
C MET G 97 15.76 37.70 -41.71
N THR G 98 16.44 37.16 -42.73
CA THR G 98 16.16 37.49 -44.13
C THR G 98 15.77 36.31 -45.01
N ASN G 99 16.16 35.09 -44.68
CA ASN G 99 15.93 33.96 -45.57
C ASN G 99 15.83 32.69 -44.72
N VAL G 100 14.65 32.06 -44.71
CA VAL G 100 14.39 30.89 -43.88
C VAL G 100 13.88 29.74 -44.75
N TRP G 101 14.34 28.53 -44.44
CA TRP G 101 13.94 27.31 -45.14
C TRP G 101 13.60 26.23 -44.12
N THR G 102 12.56 25.44 -44.41
CA THR G 102 12.12 24.36 -43.52
C THR G 102 12.12 23.03 -44.25
N PRO G 103 13.07 22.12 -43.96
CA PRO G 103 13.16 20.89 -44.76
C PRO G 103 11.94 20.00 -44.56
N PRO G 104 11.63 19.14 -45.54
CA PRO G 104 10.33 18.43 -45.50
C PRO G 104 10.13 17.53 -44.30
N ASN G 105 11.18 16.81 -43.88
CA ASN G 105 11.12 15.72 -42.88
C ASN G 105 12.05 15.96 -41.70
N PRO G 106 11.60 16.70 -40.68
CA PRO G 106 12.50 17.22 -39.63
C PRO G 106 13.18 16.14 -38.85
N SER G 107 12.55 14.96 -38.72
CA SER G 107 13.12 13.88 -37.95
C SER G 107 14.26 13.21 -38.70
N THR G 108 14.48 13.57 -39.95
CA THR G 108 15.52 12.98 -40.79
C THR G 108 16.76 13.85 -40.88
N ILE G 109 16.71 15.06 -40.33
CA ILE G 109 17.80 16.04 -40.41
C ILE G 109 18.58 15.99 -39.11
N HIS G 110 19.89 15.73 -39.21
CA HIS G 110 20.71 15.64 -38.01
C HIS G 110 22.02 16.39 -38.20
N HIS G 111 22.50 16.96 -37.10
CA HIS G 111 23.85 17.53 -37.00
C HIS G 111 24.17 18.48 -38.15
N CYS G 112 23.34 19.50 -38.33
CA CYS G 112 23.63 20.52 -39.32
C CYS G 112 24.78 21.40 -38.88
N SER G 113 25.47 21.97 -39.86
CA SER G 113 26.67 22.76 -39.65
C SER G 113 26.72 23.85 -40.72
N SER G 114 27.02 25.08 -40.34
CA SER G 114 26.95 26.22 -41.25
C SER G 114 28.32 26.85 -41.43
N THR G 115 28.68 27.12 -42.69
CA THR G 115 29.89 27.86 -43.06
C THR G 115 29.52 28.91 -44.10
N TYR G 116 30.02 30.10 -43.89
CA TYR G 116 29.80 31.24 -44.75
C TYR G 116 30.88 31.45 -45.80
N HIS G 117 30.44 31.76 -46.99
CA HIS G 117 31.32 32.13 -48.07
C HIS G 117 30.61 33.12 -48.98
N GLU G 118 31.15 34.31 -49.14
CA GLU G 118 30.57 35.31 -50.03
C GLU G 118 29.12 35.73 -49.73
N ASP G 119 28.22 35.35 -50.60
CA ASP G 119 26.84 35.70 -50.51
C ASP G 119 25.92 34.79 -49.78
N PHE G 120 26.39 33.60 -49.46
CA PHE G 120 25.59 32.59 -48.83
C PHE G 120 26.14 31.85 -47.64
N TYR G 121 25.26 31.18 -46.89
CA TYR G 121 25.68 30.21 -45.90
C TYR G 121 25.47 28.82 -46.49
N TYR G 122 26.47 27.96 -46.34
CA TYR G 122 26.35 26.57 -46.73
C TYR G 122 26.13 25.77 -45.47
N THR G 123 25.02 25.05 -45.40
CA THR G 123 24.67 24.30 -44.20
C THR G 123 24.66 22.82 -44.54
N LEU G 124 25.56 22.08 -43.92
CA LEU G 124 25.76 20.66 -44.15
C LEU G 124 25.01 19.90 -43.07
N CYS G 125 24.11 19.00 -43.47
CA CYS G 125 23.32 18.22 -42.56
C CYS G 125 23.51 16.73 -42.83
N ALA G 126 23.10 15.91 -41.87
CA ALA G 126 23.08 14.46 -42.02
C ALA G 126 21.64 13.96 -42.15
N VAL G 127 21.42 13.00 -43.04
CA VAL G 127 20.09 12.44 -43.26
C VAL G 127 20.08 11.00 -42.78
N SER G 128 19.07 10.65 -41.98
CA SER G 128 19.03 9.36 -41.32
C SER G 128 17.57 8.89 -41.19
N HIS G 129 17.36 7.59 -41.38
CA HIS G 129 16.09 6.94 -41.05
C HIS G 129 16.21 6.02 -39.84
N VAL G 130 17.32 6.09 -39.10
CA VAL G 130 17.52 5.28 -37.92
C VAL G 130 17.75 6.13 -36.68
N GLY G 131 17.46 7.43 -36.76
CA GLY G 131 17.70 8.32 -35.65
C GLY G 131 19.07 8.96 -35.73
N ASP G 132 19.52 9.47 -34.58
CA ASP G 132 20.86 10.05 -34.49
C ASP G 132 21.89 9.01 -34.90
N PRO G 133 22.68 9.25 -35.96
CA PRO G 133 23.69 8.26 -36.34
C PRO G 133 24.64 7.90 -35.22
N ILE G 134 24.85 8.80 -34.25
CA ILE G 134 25.74 8.49 -33.15
C ILE G 134 25.19 7.36 -32.29
N LEU G 135 23.87 7.36 -32.06
CA LEU G 135 23.25 6.35 -31.20
C LEU G 135 22.84 5.08 -31.94
N ASN G 136 22.91 5.08 -33.26
CA ASN G 136 22.58 3.92 -34.10
C ASN G 136 23.65 3.76 -35.17
N SER G 137 24.90 3.75 -34.72
CA SER G 137 26.05 3.87 -35.61
C SER G 137 26.03 2.84 -36.72
N THR G 138 25.86 1.56 -36.36
CA THR G 138 26.02 0.49 -37.34
C THR G 138 24.91 0.47 -38.38
N SER G 139 23.73 1.00 -38.08
CA SER G 139 22.60 0.96 -38.99
C SER G 139 22.49 2.19 -39.88
N TRP G 140 23.37 3.17 -39.73
CA TRP G 140 23.27 4.40 -40.49
C TRP G 140 23.93 4.23 -41.84
N THR G 141 23.19 4.49 -42.90
CA THR G 141 23.77 4.55 -44.24
C THR G 141 24.19 6.00 -44.46
N GLU G 142 25.49 6.23 -44.60
CA GLU G 142 25.99 7.60 -44.69
C GLU G 142 25.33 8.32 -45.86
N SER G 143 24.63 9.41 -45.54
CA SER G 143 24.05 10.27 -46.55
C SER G 143 24.07 11.68 -46.02
N LEU G 144 24.60 12.60 -46.81
CA LEU G 144 24.78 13.99 -46.42
C LEU G 144 24.01 14.89 -47.36
N SER G 145 23.55 16.01 -46.83
CA SER G 145 22.79 16.99 -47.58
C SER G 145 23.41 18.36 -47.39
N LEU G 146 23.34 19.19 -48.44
CA LEU G 146 23.83 20.55 -48.36
C LEU G 146 22.76 21.50 -48.88
N ILE G 147 22.40 22.49 -48.08
CA ILE G 147 21.47 23.54 -48.48
C ILE G 147 22.20 24.87 -48.39
N ARG G 148 22.10 25.66 -49.47
CA ARG G 148 22.73 26.97 -49.55
C ARG G 148 21.67 28.06 -49.58
N LEU G 149 21.85 29.10 -48.75
CA LEU G 149 20.89 30.19 -48.65
C LEU G 149 21.59 31.53 -48.74
N ALA G 150 21.07 32.42 -49.58
CA ALA G 150 21.63 33.76 -49.74
C ALA G 150 21.24 34.65 -48.56
N VAL G 151 22.22 35.37 -48.01
CA VAL G 151 21.96 36.20 -46.84
C VAL G 151 21.10 37.41 -47.19
N ARG G 152 21.20 37.93 -48.42
CA ARG G 152 20.36 39.02 -48.90
C ARG G 152 19.67 38.57 -50.18
N PRO G 153 18.44 38.05 -50.08
CA PRO G 153 17.78 37.47 -51.24
C PRO G 153 17.30 38.51 -52.24
N LYS G 154 17.04 37.98 -53.43
CA LYS G 154 16.84 38.62 -54.72
C LYS G 154 15.44 38.24 -55.22
N SER G 155 14.73 39.14 -55.91
CA SER G 155 13.46 38.76 -56.56
C SER G 155 13.76 38.06 -57.89
N ASP G 156 12.97 37.03 -58.26
CA ASP G 156 13.29 36.23 -59.48
C ASP G 156 14.75 35.83 -59.59
N SER G 157 15.21 35.07 -58.63
CA SER G 157 16.61 34.70 -58.66
C SER G 157 16.79 33.22 -58.96
N GLY G 158 15.73 32.53 -59.35
CA GLY G 158 15.87 31.12 -59.62
C GLY G 158 16.30 30.43 -58.35
N ASP G 159 17.40 29.68 -58.44
CA ASP G 159 17.95 28.94 -57.33
C ASP G 159 18.96 29.73 -56.51
N TYR G 160 19.02 31.05 -56.69
CA TYR G 160 20.00 31.85 -55.97
C TYR G 160 19.67 31.91 -54.49
N ASN G 161 18.39 32.10 -54.16
CA ASN G 161 18.00 32.26 -52.76
C ASN G 161 18.24 30.98 -51.97
N GLN G 162 17.73 29.85 -52.47
CA GLN G 162 17.84 28.58 -51.76
C GLN G 162 18.22 27.49 -52.75
N LYS G 163 19.18 26.64 -52.37
CA LYS G 163 19.64 25.61 -53.29
C LYS G 163 20.07 24.36 -52.54
N TYR G 164 19.53 23.22 -52.95
CA TYR G 164 20.11 21.93 -52.60
C TYR G 164 21.31 21.68 -53.49
N ILE G 165 22.29 20.98 -52.95
CA ILE G 165 23.48 20.61 -53.70
C ILE G 165 23.71 19.12 -53.55
N ALA G 166 23.90 18.45 -54.68
CA ALA G 166 24.07 17.00 -54.64
C ALA G 166 25.50 16.66 -54.27
N ILE G 167 25.69 15.81 -53.27
CA ILE G 167 27.04 15.44 -52.87
C ILE G 167 27.37 14.15 -53.58
N THR G 168 28.27 14.24 -54.56
CA THR G 168 28.56 13.11 -55.42
C THR G 168 29.31 12.02 -54.68
N LYS G 169 30.44 12.38 -54.08
CA LYS G 169 31.27 11.39 -53.43
C LYS G 169 31.92 12.02 -52.20
N VAL G 170 32.14 11.19 -51.20
CA VAL G 170 32.87 11.56 -50.00
C VAL G 170 34.14 10.71 -49.91
N GLU G 171 35.28 11.37 -49.66
CA GLU G 171 36.57 10.69 -49.51
C GLU G 171 36.81 10.53 -48.01
N ARG G 172 36.75 9.29 -47.54
CA ARG G 172 36.69 8.98 -46.11
C ARG G 172 37.96 8.36 -45.54
N GLY G 173 39.02 8.24 -46.31
CA GLY G 173 40.22 7.61 -45.75
C GLY G 173 39.93 6.20 -45.28
N LYS G 174 40.34 5.86 -44.05
CA LYS G 174 40.07 4.54 -43.52
C LYS G 174 38.71 4.43 -42.91
N TYR G 175 38.00 5.54 -42.85
CA TYR G 175 36.82 5.63 -42.03
C TYR G 175 35.63 5.11 -42.79
N ASP G 176 34.75 4.42 -42.06
CA ASP G 176 33.56 3.83 -42.67
C ASP G 176 32.58 4.90 -43.12
N LYS G 177 32.28 5.86 -42.24
CA LYS G 177 31.28 6.89 -42.49
C LYS G 177 31.82 8.22 -41.99
N VAL G 178 31.28 9.32 -42.52
CA VAL G 178 31.70 10.62 -42.02
C VAL G 178 30.41 11.40 -41.85
N MET G 179 30.44 12.44 -41.03
CA MET G 179 29.27 13.29 -40.91
C MET G 179 29.67 14.60 -40.23
N PRO G 180 28.89 15.66 -40.40
CA PRO G 180 29.18 16.91 -39.69
C PRO G 180 28.91 16.76 -38.20
N TYR G 181 29.72 17.46 -37.40
CA TYR G 181 29.55 17.37 -35.94
C TYR G 181 29.97 18.72 -35.35
N GLY G 182 29.03 19.66 -35.28
CA GLY G 182 29.32 20.98 -34.75
C GLY G 182 28.61 22.11 -35.46
N PRO G 183 28.44 23.24 -34.76
CA PRO G 183 27.57 24.30 -35.30
C PRO G 183 28.14 25.05 -36.50
N SER G 184 29.43 25.37 -36.52
CA SER G 184 29.92 26.27 -37.55
C SER G 184 31.34 25.93 -37.95
N GLY G 185 31.67 26.26 -39.21
CA GLY G 185 33.00 26.08 -39.75
C GLY G 185 33.52 27.36 -40.36
N ILE G 186 34.64 27.29 -41.08
CA ILE G 186 35.25 28.49 -41.67
C ILE G 186 35.50 28.27 -43.15
N LYS G 187 35.89 29.37 -43.79
CA LYS G 187 36.38 29.38 -45.15
C LYS G 187 37.86 29.76 -45.14
N GLN G 188 38.63 29.18 -46.05
CA GLN G 188 40.00 29.61 -46.29
C GLN G 188 40.10 29.78 -47.80
N GLY G 189 39.94 31.02 -48.25
CA GLY G 189 39.79 31.31 -49.66
C GLY G 189 38.43 30.86 -50.15
N ASP G 190 38.42 29.93 -51.10
CA ASP G 190 37.19 29.33 -51.60
C ASP G 190 37.04 27.89 -51.14
N THR G 191 37.70 27.52 -50.05
CA THR G 191 37.59 26.19 -49.47
C THR G 191 36.84 26.30 -48.14
N LEU G 192 35.82 25.45 -47.97
CA LEU G 192 35.03 25.42 -46.75
C LEU G 192 35.40 24.22 -45.93
N TYR G 193 35.44 24.41 -44.60
CA TYR G 193 35.76 23.34 -43.65
C TYR G 193 34.65 23.24 -42.63
N PHE G 194 34.12 22.04 -42.45
CA PHE G 194 33.06 21.82 -41.48
C PHE G 194 33.56 20.94 -40.35
N PRO G 195 33.19 21.22 -39.11
CA PRO G 195 33.52 20.28 -38.03
C PRO G 195 32.83 18.95 -38.32
N ALA G 196 33.57 17.86 -38.17
CA ALA G 196 33.08 16.57 -38.60
C ALA G 196 33.53 15.50 -37.61
N VAL G 197 33.06 14.28 -37.83
CA VAL G 197 33.46 13.12 -37.05
C VAL G 197 33.58 11.95 -38.00
N GLY G 198 34.48 11.04 -37.67
CA GLY G 198 34.69 9.83 -38.45
C GLY G 198 34.35 8.61 -37.62
N PHE G 199 33.77 7.60 -38.28
CA PHE G 199 33.45 6.33 -37.65
C PHE G 199 34.52 5.34 -38.10
N LEU G 200 35.38 4.92 -37.17
CA LEU G 200 36.40 3.94 -37.50
C LEU G 200 36.13 2.67 -36.70
N PRO G 201 36.14 1.50 -37.33
CA PRO G 201 35.90 0.26 -36.57
C PRO G 201 36.92 0.12 -35.45
N ARG G 202 36.44 -0.36 -34.30
CA ARG G 202 37.30 -0.48 -33.14
C ARG G 202 38.47 -1.42 -33.42
N THR G 203 38.26 -2.43 -34.26
CA THR G 203 39.31 -3.38 -34.61
C THR G 203 40.41 -2.74 -35.45
N GLU G 204 40.17 -1.59 -36.07
CA GLU G 204 41.17 -0.93 -36.91
C GLU G 204 41.81 0.28 -36.25
N PHE G 205 41.43 0.61 -35.03
CA PHE G 205 41.96 1.76 -34.31
C PHE G 205 43.32 1.43 -33.71
N GLN G 206 44.33 2.23 -34.03
CA GLN G 206 45.66 2.01 -33.46
C GLN G 206 45.93 2.92 -32.33
N TYR G 207 46.24 2.33 -31.18
CA TYR G 207 46.37 3.07 -29.93
C TYR G 207 47.32 2.28 -29.05
N ASN G 208 48.30 2.99 -28.53
CA ASN G 208 49.28 2.45 -27.60
C ASN G 208 48.78 2.80 -26.22
N ASP G 209 48.41 1.78 -25.44
CA ASP G 209 47.75 2.00 -24.16
C ASP G 209 48.59 2.78 -23.16
N SER G 210 49.88 2.95 -23.39
CA SER G 210 50.74 3.69 -22.48
C SER G 210 50.73 5.19 -22.73
N ASN G 211 50.04 5.66 -23.77
CA ASN G 211 49.81 7.09 -23.92
C ASN G 211 48.66 7.57 -23.05
N CYS G 212 47.95 6.65 -22.41
CA CYS G 212 46.89 7.00 -21.48
C CYS G 212 47.49 7.52 -20.18
N PRO G 213 47.25 8.78 -19.81
CA PRO G 213 47.90 9.40 -18.63
C PRO G 213 47.28 9.02 -17.29
N ILE G 214 47.66 7.84 -16.78
CA ILE G 214 47.08 7.31 -15.55
C ILE G 214 47.95 7.56 -14.32
N ILE G 215 49.10 8.23 -14.46
CA ILE G 215 49.91 8.54 -13.29
C ILE G 215 49.15 9.51 -12.39
N HIS G 216 49.20 9.25 -11.08
CA HIS G 216 48.49 10.02 -10.05
C HIS G 216 46.98 9.87 -10.13
N CYS G 217 46.52 8.82 -10.80
CA CYS G 217 45.11 8.44 -10.86
C CYS G 217 45.11 6.96 -10.50
N LYS G 218 45.10 6.65 -9.21
CA LYS G 218 45.36 5.29 -8.77
C LYS G 218 44.25 4.30 -9.13
N TYR G 219 43.04 4.77 -9.37
CA TYR G 219 41.94 3.88 -9.75
C TYR G 219 41.77 3.72 -11.26
N SER G 220 42.56 4.42 -12.07
CA SER G 220 42.44 4.34 -13.53
C SER G 220 43.24 3.16 -14.08
N LYS G 221 42.84 2.69 -15.25
CA LYS G 221 43.53 1.61 -15.96
C LYS G 221 44.06 2.16 -17.28
N ALA G 222 45.15 1.55 -17.77
CA ALA G 222 45.77 2.06 -18.99
C ALA G 222 44.85 1.94 -20.20
N GLU G 223 43.88 1.02 -20.14
CA GLU G 223 42.94 0.80 -21.22
C GLU G 223 41.83 1.84 -21.28
N ASN G 224 41.73 2.70 -20.26
CA ASN G 224 40.56 3.55 -20.12
C ASN G 224 40.45 4.54 -21.27
N CYS G 225 41.58 5.06 -21.76
CA CYS G 225 41.53 6.00 -22.87
C CYS G 225 40.96 5.33 -24.11
N ARG G 226 41.48 4.15 -24.47
CA ARG G 226 41.03 3.47 -25.67
C ARG G 226 39.56 3.09 -25.57
N LEU G 227 39.13 2.58 -24.42
CA LEU G 227 37.75 2.15 -24.27
C LEU G 227 36.76 3.31 -24.33
N SER G 228 37.19 4.52 -23.96
CA SER G 228 36.31 5.68 -24.01
C SER G 228 36.45 6.47 -25.30
N MET G 229 37.01 5.86 -26.35
CA MET G 229 37.01 6.46 -27.68
C MET G 229 35.76 6.11 -28.46
N GLY G 230 34.85 5.34 -27.85
CA GLY G 230 33.56 5.05 -28.43
C GLY G 230 32.47 5.30 -27.41
N VAL G 231 31.21 5.28 -27.88
CA VAL G 231 30.08 5.65 -27.02
C VAL G 231 29.90 4.69 -25.86
N ASN G 232 30.50 3.50 -25.93
CA ASN G 232 30.63 2.63 -24.77
C ASN G 232 31.82 1.71 -25.00
N SER G 233 32.25 1.04 -23.92
CA SER G 233 33.50 0.29 -23.93
C SER G 233 33.52 -0.79 -25.02
N LYS G 234 32.36 -1.29 -25.43
CA LYS G 234 32.28 -2.36 -26.42
C LYS G 234 31.68 -1.89 -27.74
N SER G 235 31.61 -0.58 -27.97
CA SER G 235 31.07 -0.05 -29.22
C SER G 235 31.81 -0.61 -30.42
N HIS G 236 31.07 -0.80 -31.52
CA HIS G 236 31.67 -1.25 -32.77
C HIS G 236 32.61 -0.20 -33.34
N TYR G 237 32.29 1.08 -33.16
CA TYR G 237 33.08 2.18 -33.69
C TYR G 237 33.78 2.92 -32.56
N ILE G 238 34.85 3.63 -32.93
CA ILE G 238 35.35 4.75 -32.16
C ILE G 238 35.06 5.99 -32.99
N LEU G 239 34.89 7.12 -32.31
CA LEU G 239 34.53 8.37 -32.96
C LEU G 239 35.72 9.31 -32.91
N ARG G 240 36.08 9.88 -34.05
CA ARG G 240 37.22 10.78 -34.13
C ARG G 240 36.82 12.08 -34.80
N SER G 241 37.06 13.20 -34.11
CA SER G 241 36.75 14.52 -34.64
C SER G 241 37.61 14.84 -35.85
N GLY G 242 37.18 15.87 -36.59
CA GLY G 242 37.96 16.35 -37.72
C GLY G 242 37.21 17.42 -38.49
N LEU G 243 37.56 17.53 -39.78
CA LEU G 243 36.95 18.50 -40.66
C LEU G 243 36.47 17.82 -41.94
N LEU G 244 35.39 18.35 -42.51
CA LEU G 244 34.94 17.97 -43.85
C LEU G 244 35.23 19.13 -44.78
N LYS G 245 35.98 18.85 -45.85
CA LYS G 245 36.55 19.88 -46.70
C LYS G 245 35.77 20.00 -48.01
N TYR G 246 35.37 21.22 -48.34
CA TYR G 246 34.57 21.52 -49.53
C TYR G 246 35.25 22.67 -50.25
N ASN G 247 35.93 22.38 -51.33
CA ASN G 247 36.67 23.37 -52.10
C ASN G 247 35.76 23.86 -53.23
N LEU G 248 35.32 25.13 -53.14
CA LEU G 248 34.33 25.67 -54.07
C LEU G 248 34.90 25.94 -55.46
N SER G 249 36.10 26.43 -55.56
CA SER G 249 36.57 26.57 -56.93
C SER G 249 37.17 25.21 -57.48
N LEU G 250 36.79 24.06 -56.90
CA LEU G 250 37.00 22.82 -57.65
C LEU G 250 35.91 22.73 -58.70
N GLY G 251 35.86 21.61 -59.42
CA GLY G 251 35.04 21.57 -60.62
C GLY G 251 33.54 21.36 -60.49
N GLY G 252 32.96 20.59 -61.43
CA GLY G 252 31.52 20.45 -61.47
C GLY G 252 30.93 19.74 -60.27
N ASP G 253 31.49 18.59 -59.92
CA ASP G 253 30.93 17.77 -58.85
C ASP G 253 31.63 17.99 -57.50
N ILE G 254 30.79 18.31 -56.52
CA ILE G 254 31.05 18.47 -55.09
C ILE G 254 31.54 17.21 -54.41
N ILE G 255 32.77 17.28 -53.94
CA ILE G 255 33.46 16.19 -53.29
C ILE G 255 33.72 16.66 -51.85
N LEU G 256 33.44 15.81 -50.87
CA LEU G 256 33.76 16.13 -49.50
C LEU G 256 34.85 15.19 -49.01
N GLN G 257 35.94 15.76 -48.53
CA GLN G 257 37.06 14.99 -48.01
C GLN G 257 37.17 15.24 -46.51
N PHE G 258 37.28 14.15 -45.75
CA PHE G 258 37.42 14.20 -44.31
C PHE G 258 38.87 14.33 -43.91
N ILE G 259 39.14 15.19 -42.94
CA ILE G 259 40.48 15.43 -42.41
C ILE G 259 40.44 15.15 -40.91
N GLU G 260 41.19 14.14 -40.48
CA GLU G 260 41.17 13.75 -39.08
C GLU G 260 41.99 14.72 -38.24
N ILE G 261 41.58 14.88 -36.99
CA ILE G 261 42.33 15.69 -36.03
C ILE G 261 43.53 14.91 -35.52
N ALA G 262 44.59 15.62 -35.16
CA ALA G 262 45.78 14.96 -34.62
C ALA G 262 45.49 14.41 -33.23
N ASP G 263 46.30 13.44 -32.82
CA ASP G 263 46.09 12.69 -31.58
C ASP G 263 46.76 13.32 -30.36
N ASN G 264 47.19 14.57 -30.44
CA ASN G 264 47.64 15.27 -29.24
C ASN G 264 46.42 15.60 -28.39
N ARG G 265 46.39 15.05 -27.16
CA ARG G 265 45.22 15.16 -26.28
C ARG G 265 43.99 14.61 -26.98
N LEU G 266 44.09 13.37 -27.46
CA LEU G 266 42.99 12.76 -28.18
C LEU G 266 41.86 12.45 -27.21
N THR G 267 40.64 12.81 -27.59
CA THR G 267 39.44 12.42 -26.87
C THR G 267 38.40 11.99 -27.90
N ILE G 268 37.31 11.39 -27.40
CA ILE G 268 36.29 10.87 -28.28
C ILE G 268 35.73 11.98 -29.17
N GLY G 269 35.38 11.63 -30.40
CA GLY G 269 34.79 12.58 -31.31
C GLY G 269 33.54 13.18 -30.72
N SER G 270 33.46 14.49 -30.70
CA SER G 270 32.36 15.21 -30.09
C SER G 270 32.08 16.45 -30.95
N PRO G 271 30.91 17.08 -30.80
CA PRO G 271 30.63 18.27 -31.59
C PRO G 271 31.68 19.34 -31.34
N SER G 272 32.05 20.05 -32.41
CA SER G 272 33.18 20.97 -32.35
C SER G 272 32.89 22.16 -33.25
N LYS G 273 33.76 23.15 -33.16
CA LYS G 273 33.58 24.37 -33.94
C LYS G 273 34.96 24.89 -34.30
N ILE G 274 35.11 25.36 -35.54
CA ILE G 274 36.33 26.02 -35.98
C ILE G 274 35.96 27.41 -36.48
N TYR G 275 36.65 28.41 -35.97
CA TYR G 275 36.34 29.80 -36.27
C TYR G 275 37.63 30.59 -36.39
N ASN G 276 37.52 31.77 -36.98
CA ASN G 276 38.65 32.69 -37.13
C ASN G 276 38.55 33.81 -36.10
N SER G 277 39.66 34.11 -35.44
CA SER G 277 39.74 35.30 -34.61
C SER G 277 41.11 35.95 -34.77
N LEU G 278 41.11 37.24 -35.09
CA LEU G 278 42.33 38.03 -35.27
C LEU G 278 43.33 37.34 -36.20
N GLY G 279 42.81 36.88 -37.34
CA GLY G 279 43.64 36.41 -38.44
C GLY G 279 43.99 34.95 -38.40
N GLN G 280 43.62 34.23 -37.33
CA GLN G 280 44.02 32.85 -37.16
C GLN G 280 42.84 31.95 -36.84
N PRO G 281 42.89 30.70 -37.27
CA PRO G 281 41.85 29.72 -36.91
C PRO G 281 41.98 29.20 -35.48
N VAL G 282 40.83 29.05 -34.83
CA VAL G 282 40.72 28.47 -33.48
C VAL G 282 39.82 27.26 -33.55
N PHE G 283 40.03 26.32 -32.63
CA PHE G 283 39.23 25.10 -32.55
C PHE G 283 38.69 24.94 -31.15
N TYR G 284 37.43 24.52 -31.03
CA TYR G 284 36.83 24.13 -29.77
C TYR G 284 36.27 22.73 -29.95
N GLN G 285 36.58 21.82 -29.03
CA GLN G 285 36.00 20.48 -29.04
C GLN G 285 35.31 20.23 -27.72
N ALA G 286 34.06 19.78 -27.77
CA ALA G 286 33.31 19.48 -26.56
C ALA G 286 33.93 18.30 -25.83
N SER G 287 33.80 18.33 -24.51
CA SER G 287 34.38 17.28 -23.66
C SER G 287 33.28 16.30 -23.31
N TYR G 288 33.22 15.19 -24.03
CA TYR G 288 32.19 14.17 -23.86
C TYR G 288 32.71 12.96 -23.10
N SER G 289 33.94 13.01 -22.58
CA SER G 289 34.51 11.91 -21.80
C SER G 289 35.28 12.42 -20.58
N TRP G 290 36.24 11.60 -20.12
CA TRP G 290 36.90 11.82 -18.84
C TRP G 290 37.69 13.13 -18.76
N ASP G 291 38.27 13.59 -19.86
CA ASP G 291 39.07 14.82 -19.85
C ASP G 291 38.13 16.01 -19.94
N THR G 292 37.74 16.55 -18.77
CA THR G 292 36.62 17.49 -18.72
C THR G 292 37.01 18.96 -18.67
N MET G 293 38.30 19.29 -18.63
CA MET G 293 38.66 20.69 -18.76
C MET G 293 38.51 21.12 -20.23
N ILE G 294 38.17 22.40 -20.43
CA ILE G 294 37.77 22.86 -21.76
C ILE G 294 38.89 22.65 -22.77
N LYS G 295 38.51 22.23 -23.97
CA LYS G 295 39.45 21.91 -25.05
C LYS G 295 39.28 22.94 -26.17
N LEU G 296 40.19 23.91 -26.20
CA LEU G 296 40.22 24.88 -27.27
C LEU G 296 41.68 25.28 -27.49
N GLY G 297 41.95 25.84 -28.66
CA GLY G 297 43.27 26.34 -28.94
C GLY G 297 43.39 26.76 -30.39
N ASP G 298 44.53 27.35 -30.70
CA ASP G 298 44.81 27.74 -32.08
C ASP G 298 45.18 26.51 -32.90
N VAL G 299 44.84 26.54 -34.18
CA VAL G 299 45.12 25.44 -35.09
C VAL G 299 46.53 25.62 -35.64
N ASP G 300 47.37 24.60 -35.45
CA ASP G 300 48.70 24.63 -36.06
C ASP G 300 48.60 24.53 -37.56
N THR G 301 47.98 23.46 -38.04
CA THR G 301 47.77 23.18 -39.44
C THR G 301 46.33 22.71 -39.59
N VAL G 302 45.64 23.21 -40.62
CA VAL G 302 44.26 22.79 -40.80
C VAL G 302 44.19 21.46 -41.54
N ASP G 303 45.06 21.24 -42.51
CA ASP G 303 45.15 19.96 -43.21
C ASP G 303 46.61 19.53 -43.29
N PRO G 304 47.02 18.45 -42.59
CA PRO G 304 46.26 17.69 -41.60
C PRO G 304 45.95 18.49 -40.34
N LEU G 305 44.87 18.14 -39.65
CA LEU G 305 44.34 18.93 -38.56
C LEU G 305 45.18 18.78 -37.28
N ARG G 306 45.68 19.90 -36.75
CA ARG G 306 46.40 19.89 -35.48
C ARG G 306 46.02 21.12 -34.66
N VAL G 307 45.66 20.90 -33.39
CA VAL G 307 45.17 21.94 -32.50
C VAL G 307 46.18 22.10 -31.39
N GLN G 308 46.54 23.32 -31.00
CA GLN G 308 47.42 23.27 -29.86
C GLN G 308 46.66 23.76 -28.65
N TRP G 309 46.06 22.75 -28.02
CA TRP G 309 45.11 22.88 -26.93
C TRP G 309 45.69 23.66 -25.77
N ARG G 310 44.88 24.57 -25.23
CA ARG G 310 45.26 25.32 -24.05
C ARG G 310 45.31 24.40 -22.83
N ASN G 311 46.20 24.74 -21.91
CA ASN G 311 46.23 24.08 -20.61
C ASN G 311 45.39 24.93 -19.66
N ASN G 312 44.08 24.75 -19.79
CA ASN G 312 43.09 25.55 -19.07
C ASN G 312 42.63 24.77 -17.85
N SER G 313 42.65 25.42 -16.68
CA SER G 313 42.37 24.75 -15.43
C SER G 313 41.18 25.33 -14.67
N VAL G 314 40.40 26.23 -15.29
CA VAL G 314 39.31 26.89 -14.58
C VAL G 314 37.94 26.62 -15.19
N ILE G 315 37.85 26.26 -16.47
CA ILE G 315 36.58 26.06 -17.15
C ILE G 315 36.42 24.57 -17.40
N SER G 316 35.28 24.02 -17.01
CA SER G 316 34.98 22.62 -17.29
C SER G 316 33.50 22.54 -17.66
N ARG G 317 32.93 21.34 -17.63
CA ARG G 317 31.54 21.16 -18.05
C ARG G 317 30.89 20.13 -17.15
N PRO G 318 29.57 20.19 -16.99
CA PRO G 318 28.89 19.18 -16.17
C PRO G 318 28.94 17.81 -16.81
N GLY G 319 28.93 16.78 -15.96
CA GLY G 319 28.96 15.41 -16.39
C GLY G 319 27.93 14.59 -15.63
N GLN G 320 28.27 13.33 -15.41
CA GLN G 320 27.47 12.43 -14.59
C GLN G 320 28.42 11.90 -13.52
N SER G 321 28.00 10.82 -12.83
CA SER G 321 28.76 10.31 -11.71
C SER G 321 30.19 9.92 -12.09
N GLN G 322 30.38 9.24 -13.22
CA GLN G 322 31.72 8.72 -13.47
C GLN G 322 32.70 9.80 -13.89
N CYS G 323 32.27 10.79 -14.66
CA CYS G 323 33.14 11.90 -15.07
C CYS G 323 32.46 13.26 -14.87
N PRO G 324 32.29 13.69 -13.63
CA PRO G 324 31.65 14.99 -13.37
C PRO G 324 32.62 16.13 -13.62
N ARG G 325 32.14 17.35 -13.41
CA ARG G 325 32.94 18.53 -13.64
C ARG G 325 34.25 18.45 -12.85
N PHE G 326 35.34 18.87 -13.50
CA PHE G 326 36.72 18.94 -12.98
C PHE G 326 37.40 17.59 -12.93
N ASN G 327 36.78 16.54 -13.45
CA ASN G 327 37.47 15.25 -13.54
C ASN G 327 38.62 15.32 -14.53
N VAL G 328 39.76 14.73 -14.15
CA VAL G 328 40.92 14.61 -15.03
C VAL G 328 41.44 13.18 -15.07
N CYS G 329 40.84 12.26 -14.35
CA CYS G 329 41.49 10.98 -14.46
C CYS G 329 40.78 10.10 -15.49
N PRO G 330 41.54 9.37 -16.30
CA PRO G 330 40.92 8.58 -17.37
C PRO G 330 39.95 7.54 -16.84
N GLU G 331 38.69 7.68 -17.25
CA GLU G 331 37.63 6.73 -16.96
C GLU G 331 36.99 6.33 -18.28
N VAL G 332 36.17 5.29 -18.24
CA VAL G 332 35.40 4.88 -19.41
C VAL G 332 34.03 5.52 -19.26
N CYS G 333 33.82 6.62 -19.98
CA CYS G 333 32.59 7.40 -19.82
C CYS G 333 32.31 8.12 -21.13
N TRP G 334 31.03 8.42 -21.37
CA TRP G 334 30.58 9.24 -22.48
C TRP G 334 29.44 10.11 -21.98
N GLU G 335 29.76 11.36 -21.61
CA GLU G 335 28.75 12.28 -21.11
C GLU G 335 29.33 13.70 -21.13
N GLY G 336 28.45 14.68 -21.11
CA GLY G 336 28.89 16.07 -21.05
C GLY G 336 27.95 16.98 -21.82
N THR G 337 28.37 18.23 -21.94
CA THR G 337 27.62 19.27 -22.64
C THR G 337 28.56 19.99 -23.59
N TYR G 338 27.96 20.67 -24.56
CA TYR G 338 28.69 21.54 -25.49
C TYR G 338 28.54 22.97 -24.99
N ASN G 339 29.66 23.58 -24.58
CA ASN G 339 29.67 24.98 -24.15
C ASN G 339 30.96 25.62 -24.67
N ASP G 340 30.87 26.23 -25.86
CA ASP G 340 32.06 26.73 -26.53
C ASP G 340 32.49 28.07 -25.96
N ALA G 341 33.69 28.48 -26.35
CA ALA G 341 34.25 29.79 -25.99
C ALA G 341 34.91 30.40 -27.21
N PHE G 342 35.00 31.73 -27.21
CA PHE G 342 35.46 32.50 -28.37
C PHE G 342 36.63 33.37 -27.96
N LEU G 343 37.77 33.16 -28.63
CA LEU G 343 38.98 33.95 -28.38
C LEU G 343 38.79 35.39 -28.84
N ILE G 344 39.08 36.34 -27.96
CA ILE G 344 38.94 37.76 -28.29
C ILE G 344 40.26 38.53 -28.20
N ASP G 345 41.30 37.96 -27.62
CA ASP G 345 42.60 38.63 -27.49
C ASP G 345 43.67 37.55 -27.46
N ARG G 346 44.43 37.41 -28.55
CA ARG G 346 45.47 36.39 -28.58
C ARG G 346 46.70 36.78 -27.78
N LEU G 347 46.94 38.08 -27.57
CA LEU G 347 48.15 38.49 -26.88
C LEU G 347 48.16 38.00 -25.45
N ASN G 348 46.98 37.85 -24.84
CA ASN G 348 46.85 37.30 -23.50
C ASN G 348 46.05 36.01 -23.49
N TRP G 349 45.66 35.49 -24.66
CA TRP G 349 44.80 34.32 -24.82
C TRP G 349 43.59 34.39 -23.89
N VAL G 350 42.79 35.41 -24.13
CA VAL G 350 41.56 35.66 -23.38
C VAL G 350 40.39 35.23 -24.26
N SER G 351 39.49 34.45 -23.69
CA SER G 351 38.33 33.97 -24.41
C SER G 351 37.07 34.31 -23.62
N ALA G 352 35.96 34.36 -24.33
CA ALA G 352 34.65 34.58 -23.75
C ALA G 352 33.73 33.42 -24.10
N GLY G 353 32.88 33.04 -23.15
CA GLY G 353 31.90 32.00 -23.42
C GLY G 353 30.99 31.83 -22.23
N VAL G 354 30.01 30.95 -22.41
CA VAL G 354 29.06 30.61 -21.36
C VAL G 354 29.39 29.20 -20.88
N TYR G 355 29.41 29.02 -19.57
CA TYR G 355 29.59 27.70 -18.99
C TYR G 355 28.45 27.41 -18.03
N LEU G 356 28.21 26.13 -17.80
CA LEU G 356 27.16 25.70 -16.89
C LEU G 356 27.80 25.50 -15.53
N ASN G 357 27.39 26.31 -14.56
CA ASN G 357 28.02 26.30 -13.24
C ASN G 357 27.34 25.27 -12.34
N SER G 358 27.53 24.00 -12.72
CA SER G 358 27.01 22.88 -11.95
C SER G 358 27.88 21.67 -12.24
N ASN G 359 28.01 20.80 -11.23
CA ASN G 359 28.91 19.67 -11.34
C ASN G 359 28.34 18.55 -12.20
N GLN G 360 27.07 18.21 -11.99
CA GLN G 360 26.44 17.10 -12.71
C GLN G 360 25.08 17.47 -13.29
N THR G 361 24.65 18.71 -13.17
CA THR G 361 23.35 19.13 -13.64
C THR G 361 23.51 20.14 -14.77
N ALA G 362 22.58 20.11 -15.72
CA ALA G 362 22.56 21.07 -16.82
C ALA G 362 21.78 22.29 -16.35
N GLU G 363 22.42 23.13 -15.55
CA GLU G 363 21.78 24.34 -15.07
C GLU G 363 22.86 25.36 -14.72
N ASN G 364 22.38 26.58 -14.38
CA ASN G 364 23.18 27.72 -13.93
C ASN G 364 24.13 28.29 -14.99
N PRO G 365 23.61 28.85 -16.08
CA PRO G 365 24.50 29.44 -17.09
C PRO G 365 25.16 30.71 -16.60
N VAL G 366 26.45 30.84 -16.89
CA VAL G 366 27.26 31.98 -16.49
C VAL G 366 28.08 32.42 -17.70
N PHE G 367 28.02 33.71 -18.03
CA PHE G 367 28.87 34.27 -19.07
C PHE G 367 30.18 34.73 -18.45
N ALA G 368 31.30 34.26 -19.00
CA ALA G 368 32.61 34.48 -18.39
C ALA G 368 33.66 34.83 -19.43
N VAL G 369 34.57 35.73 -19.03
CA VAL G 369 35.77 36.07 -19.79
C VAL G 369 36.95 35.53 -18.99
N PHE G 370 37.80 34.72 -19.62
CA PHE G 370 38.74 33.93 -18.84
C PHE G 370 40.04 33.71 -19.58
N LYS G 371 41.09 33.48 -18.79
CA LYS G 371 42.42 33.08 -19.26
C LYS G 371 42.63 31.61 -18.91
N ASP G 372 43.82 31.11 -19.29
CA ASP G 372 44.13 29.70 -19.05
C ASP G 372 43.93 29.32 -17.59
N ASN G 373 44.41 30.17 -16.67
CA ASN G 373 44.43 29.79 -15.25
C ASN G 373 43.65 30.73 -14.34
N GLU G 374 42.83 31.63 -14.89
CA GLU G 374 42.03 32.50 -14.04
C GLU G 374 40.81 32.99 -14.80
N ILE G 375 39.68 33.08 -14.10
CA ILE G 375 38.48 33.72 -14.63
C ILE G 375 38.55 35.20 -14.28
N LEU G 376 38.55 36.06 -15.30
CA LEU G 376 38.73 37.49 -15.04
C LEU G 376 37.46 38.11 -14.47
N TYR G 377 36.36 38.05 -15.23
CA TYR G 377 35.09 38.58 -14.74
C TYR G 377 33.96 37.80 -15.39
N GLN G 378 32.81 37.76 -14.72
CA GLN G 378 31.71 36.95 -15.20
C GLN G 378 30.39 37.53 -14.70
N VAL G 379 29.31 36.98 -15.25
CA VAL G 379 27.96 37.35 -14.86
C VAL G 379 27.05 36.16 -15.12
N PRO G 380 26.20 35.80 -14.18
CA PRO G 380 25.15 34.82 -14.49
C PRO G 380 24.18 35.39 -15.49
N LEU G 381 23.65 34.52 -16.35
CA LEU G 381 22.65 34.94 -17.30
C LEU G 381 21.24 34.79 -16.75
N ALA G 382 21.07 34.08 -15.65
CA ALA G 382 19.75 33.76 -15.10
C ALA G 382 19.92 33.45 -13.61
N GLU G 383 18.95 32.75 -13.03
CA GLU G 383 18.99 32.35 -11.63
C GLU G 383 19.80 31.07 -11.43
N ASP G 384 19.97 30.71 -10.15
CA ASP G 384 20.81 29.57 -9.77
C ASP G 384 20.25 28.27 -10.32
N ASP G 385 18.98 28.01 -10.06
CA ASP G 385 18.26 26.83 -10.54
C ASP G 385 17.76 26.94 -11.97
N THR G 386 18.20 27.94 -12.74
CA THR G 386 17.77 28.01 -14.13
C THR G 386 18.40 26.88 -14.92
N ASN G 387 17.58 26.19 -15.71
CA ASN G 387 18.04 25.07 -16.50
C ASN G 387 18.74 25.56 -17.75
N ALA G 388 19.92 25.03 -18.05
CA ALA G 388 20.62 25.43 -19.25
C ALA G 388 21.45 24.27 -19.79
N GLN G 389 21.63 24.29 -21.10
CA GLN G 389 22.31 23.24 -21.84
C GLN G 389 23.25 23.89 -22.86
N LYS G 390 23.29 23.35 -24.07
CA LYS G 390 24.21 23.82 -25.10
C LYS G 390 24.23 25.34 -25.19
N THR G 391 25.43 25.89 -25.31
CA THR G 391 25.65 27.32 -25.50
C THR G 391 26.63 27.49 -26.65
N ILE G 392 26.31 28.39 -27.58
CA ILE G 392 27.18 28.70 -28.70
C ILE G 392 27.43 30.20 -28.69
N THR G 393 28.70 30.60 -28.63
CA THR G 393 29.10 31.99 -28.54
C THR G 393 29.90 32.37 -29.78
N ASP G 394 29.56 33.51 -30.37
CA ASP G 394 30.32 34.11 -31.45
C ASP G 394 30.54 35.57 -31.12
N CYS G 395 31.80 36.02 -31.22
CA CYS G 395 32.15 37.40 -30.93
C CYS G 395 32.63 38.09 -32.20
N PHE G 396 32.34 39.39 -32.28
CA PHE G 396 32.57 40.17 -33.49
C PHE G 396 32.78 41.62 -33.08
N LEU G 397 32.92 42.49 -34.07
CA LEU G 397 33.16 43.91 -33.82
C LEU G 397 31.95 44.73 -34.27
N LEU G 398 31.61 45.72 -33.46
CA LEU G 398 30.55 46.68 -33.80
C LEU G 398 31.23 48.05 -33.76
N GLU G 399 31.62 48.53 -34.94
CA GLU G 399 32.45 49.73 -35.09
C GLU G 399 33.63 49.72 -34.11
N ASN G 400 34.42 48.66 -34.22
CA ASN G 400 35.70 48.36 -33.56
C ASN G 400 35.56 48.02 -32.09
N VAL G 401 34.35 47.77 -31.61
CA VAL G 401 34.10 47.32 -30.25
C VAL G 401 33.82 45.82 -30.26
N ILE G 402 34.44 45.09 -29.35
CA ILE G 402 34.22 43.65 -29.28
C ILE G 402 32.87 43.37 -28.63
N TRP G 403 31.99 42.68 -29.36
CA TRP G 403 30.70 42.21 -28.87
C TRP G 403 30.62 40.71 -29.02
N CYS G 404 29.89 40.08 -28.11
CA CYS G 404 29.62 38.65 -28.19
C CYS G 404 28.12 38.40 -28.22
N ILE G 405 27.71 37.44 -29.05
CA ILE G 405 26.35 36.93 -29.04
C ILE G 405 26.41 35.46 -28.67
N SER G 406 25.60 35.06 -27.69
CA SER G 406 25.57 33.68 -27.22
C SER G 406 24.16 33.13 -27.37
N LEU G 407 24.05 31.97 -28.00
CA LEU G 407 22.81 31.22 -28.05
C LEU G 407 22.80 30.24 -26.89
N VAL G 408 21.77 30.31 -26.05
CA VAL G 408 21.72 29.52 -24.83
C VAL G 408 20.40 28.76 -24.78
N GLU G 409 20.47 27.44 -24.67
CA GLU G 409 19.30 26.64 -24.37
C GLU G 409 18.97 26.84 -22.90
N ILE G 410 17.78 27.37 -22.61
CA ILE G 410 17.50 27.88 -21.28
C ILE G 410 16.00 27.79 -21.02
N TYR G 411 15.64 27.52 -19.75
CA TYR G 411 14.26 27.61 -19.28
C TYR G 411 14.21 27.42 -17.77
N ASP G 412 13.19 28.00 -17.16
CA ASP G 412 12.92 27.84 -15.74
C ASP G 412 11.82 26.79 -15.58
N THR G 413 11.96 25.95 -14.55
CA THR G 413 11.00 24.88 -14.33
C THR G 413 9.59 25.46 -14.20
N GLY G 414 8.65 24.85 -14.92
CA GLY G 414 7.29 25.35 -14.99
C GLY G 414 6.97 26.18 -16.22
N ASP G 415 7.96 26.49 -17.06
CA ASP G 415 7.71 27.22 -18.29
C ASP G 415 6.89 26.34 -19.24
N SER G 416 6.00 26.97 -20.01
CA SER G 416 5.15 26.23 -20.93
C SER G 416 5.84 25.91 -22.25
N VAL G 417 6.78 26.74 -22.67
CA VAL G 417 7.53 26.49 -23.90
C VAL G 417 9.00 26.59 -23.57
N ILE G 418 9.79 25.63 -24.03
CA ILE G 418 11.24 25.70 -23.93
C ILE G 418 11.76 26.18 -25.28
N ARG G 419 12.50 27.27 -25.25
CA ARG G 419 12.98 27.84 -26.46
C ARG G 419 14.33 28.46 -26.15
N PRO G 420 15.29 28.50 -27.09
CA PRO G 420 16.57 29.15 -26.84
C PRO G 420 16.45 30.66 -26.73
N LYS G 421 17.47 31.26 -26.14
CA LYS G 421 17.57 32.71 -26.04
C LYS G 421 18.93 33.14 -26.54
N LEU G 422 18.96 34.30 -27.19
CA LEU G 422 20.21 34.89 -27.67
C LEU G 422 20.54 36.09 -26.78
N PHE G 423 21.79 36.15 -26.33
CA PHE G 423 22.24 37.20 -25.43
C PHE G 423 23.35 37.98 -26.11
N ALA G 424 23.29 39.30 -25.97
CA ALA G 424 24.33 40.20 -26.46
C ALA G 424 25.09 40.73 -25.26
N VAL G 425 26.41 40.56 -25.30
CA VAL G 425 27.29 40.98 -24.21
C VAL G 425 28.41 41.82 -24.80
N LYS G 426 28.52 43.08 -24.37
CA LYS G 426 29.67 43.87 -24.79
C LYS G 426 30.77 43.72 -23.75
N ILE G 427 31.99 43.53 -24.23
CA ILE G 427 33.14 43.25 -23.38
C ILE G 427 33.65 44.59 -22.88
N PRO G 428 33.67 44.83 -21.58
CA PRO G 428 33.95 46.19 -21.09
C PRO G 428 35.36 46.64 -21.36
N ALA G 429 35.51 47.94 -21.47
CA ALA G 429 36.83 48.51 -21.68
C ALA G 429 37.49 48.79 -20.33
N GLN G 430 36.70 49.26 -19.38
CA GLN G 430 37.25 49.63 -18.08
C GLN G 430 36.86 48.54 -17.08
N CYS G 431 37.84 48.08 -16.30
CA CYS G 431 37.55 46.98 -15.39
C CYS G 431 36.72 47.54 -14.27
N SER G 432 36.36 48.81 -14.42
CA SER G 432 35.60 49.60 -13.51
C SER G 432 34.16 49.59 -13.96
N SER H 1 9.44 22.18 -6.24
CA SER H 1 10.79 22.02 -6.77
C SER H 1 11.84 22.26 -5.67
N ILE H 2 12.19 21.18 -4.98
CA ILE H 2 13.01 21.16 -3.79
C ILE H 2 14.24 20.31 -4.07
N VAL H 3 15.27 20.46 -3.23
CA VAL H 3 16.38 19.51 -3.20
C VAL H 3 16.05 18.40 -2.20
N LEU H 4 15.93 17.18 -2.70
CA LEU H 4 15.51 16.02 -1.92
C LEU H 4 16.61 15.54 -0.97
N GLU H 5 16.19 14.67 -0.06
CA GLU H 5 17.10 14.05 0.89
C GLU H 5 18.04 13.10 0.16
N PRO H 6 19.35 13.15 0.43
CA PRO H 6 20.28 12.26 -0.27
C PRO H 6 20.02 10.81 0.12
N ILE H 7 20.22 9.93 -0.85
CA ILE H 7 20.09 8.49 -0.63
C ILE H 7 21.49 7.90 -0.59
N TYR H 8 21.86 7.32 0.55
CA TYR H 8 23.16 6.69 0.71
C TYR H 8 23.05 5.24 0.28
N TRP H 9 23.79 4.88 -0.77
CA TRP H 9 23.76 3.53 -1.30
C TRP H 9 24.74 2.67 -0.51
N ASN H 10 24.40 2.47 0.78
CA ASN H 10 25.07 1.50 1.63
C ASN H 10 24.02 0.62 2.32
N SER H 11 24.43 -0.59 2.68
CA SER H 11 23.50 -1.58 3.21
C SER H 11 22.91 -1.17 4.55
N SER H 12 23.55 -0.27 5.28
CA SER H 12 22.98 0.11 6.57
C SER H 12 21.88 1.14 6.41
N ASN H 13 21.53 1.48 5.18
CA ASN H 13 20.46 2.44 4.91
C ASN H 13 19.12 1.84 5.31
N SER H 14 18.47 2.50 6.27
CA SER H 14 17.19 2.06 6.80
C SER H 14 16.01 2.37 5.89
N LYS H 15 16.20 3.20 4.86
CA LYS H 15 15.10 3.55 3.97
C LYS H 15 14.85 2.53 2.88
N PHE H 16 15.75 1.56 2.68
CA PHE H 16 15.43 0.39 1.87
C PHE H 16 14.68 -0.57 2.79
N LEU H 17 13.35 -0.59 2.67
CA LEU H 17 12.55 -1.47 3.50
C LEU H 17 12.74 -2.92 3.05
N PRO H 18 12.65 -3.87 3.97
CA PRO H 18 12.75 -5.28 3.58
C PRO H 18 11.71 -5.63 2.52
N GLY H 19 12.19 -6.23 1.42
CA GLY H 19 11.34 -6.72 0.35
C GLY H 19 10.77 -5.68 -0.58
N GLN H 20 10.70 -4.42 -0.16
CA GLN H 20 10.16 -3.36 -1.00
C GLN H 20 11.20 -2.34 -1.42
N GLY H 21 12.19 -2.07 -0.58
CA GLY H 21 13.17 -1.05 -0.90
C GLY H 21 12.62 0.35 -0.63
N LEU H 22 13.16 1.32 -1.38
CA LEU H 22 12.85 2.73 -1.20
C LEU H 22 11.91 3.19 -2.31
N VAL H 23 10.83 3.87 -1.93
CA VAL H 23 9.87 4.40 -2.87
C VAL H 23 9.87 5.92 -2.78
N LEU H 24 10.05 6.57 -3.92
CA LEU H 24 10.23 8.00 -4.00
C LEU H 24 9.15 8.60 -4.89
N TYR H 25 8.75 9.83 -4.56
CA TYR H 25 7.75 10.58 -5.33
C TYR H 25 8.38 11.91 -5.70
N PRO H 26 9.42 11.89 -6.53
CA PRO H 26 10.06 13.15 -6.90
C PRO H 26 9.19 13.91 -7.89
N GLN H 27 9.18 15.22 -7.76
CA GLN H 27 8.37 16.07 -8.59
C GLN H 27 9.25 16.78 -9.61
N ILE H 28 8.65 17.19 -10.73
CA ILE H 28 9.41 17.84 -11.79
C ILE H 28 10.06 19.09 -11.22
N GLY H 29 11.34 19.26 -11.50
CA GLY H 29 12.11 20.35 -10.94
C GLY H 29 12.93 19.98 -9.71
N ASP H 30 12.73 18.78 -9.16
CA ASP H 30 13.44 18.38 -7.96
C ASP H 30 14.86 17.93 -8.28
N LYS H 31 15.69 17.92 -7.26
CA LYS H 31 17.07 17.44 -7.34
C LYS H 31 17.28 16.33 -6.33
N LEU H 32 18.08 15.34 -6.70
CA LEU H 32 18.34 14.19 -5.84
C LEU H 32 19.80 13.77 -5.95
N ASP H 33 20.37 13.35 -4.83
CA ASP H 33 21.73 12.82 -4.79
C ASP H 33 21.69 11.36 -4.35
N ILE H 34 22.40 10.51 -5.07
CA ILE H 34 22.64 9.13 -4.68
C ILE H 34 24.14 8.99 -4.49
N ILE H 35 24.57 8.67 -3.28
CA ILE H 35 25.97 8.75 -2.90
C ILE H 35 26.46 7.38 -2.50
N CYS H 36 27.64 6.99 -3.02
CA CYS H 36 28.31 5.79 -2.58
C CYS H 36 29.39 6.24 -1.62
N PRO H 37 29.15 6.18 -0.32
CA PRO H 37 30.00 6.91 0.64
C PRO H 37 31.39 6.32 0.81
N LYS H 38 32.24 7.21 1.31
CA LYS H 38 33.65 6.99 1.61
C LYS H 38 33.83 6.12 2.85
N VAL H 39 34.95 5.42 2.91
CA VAL H 39 35.28 4.54 4.03
C VAL H 39 36.59 5.00 4.66
N ASP H 40 36.74 4.79 5.97
CA ASP H 40 38.01 5.04 6.61
C ASP H 40 39.05 4.01 6.13
N SER H 41 40.32 4.42 6.15
CA SER H 41 41.36 3.68 5.46
C SER H 41 41.81 2.47 6.28
N LYS H 42 41.92 2.61 7.59
CA LYS H 42 42.05 1.42 8.44
C LYS H 42 41.12 0.35 8.00
N THR H 43 39.89 0.74 7.77
CA THR H 43 38.78 -0.14 7.57
C THR H 43 38.39 -0.19 6.09
N VAL H 44 39.36 -0.55 5.23
CA VAL H 44 39.02 -0.63 3.81
C VAL H 44 38.17 -1.87 3.53
N GLY H 45 38.40 -2.94 4.28
CA GLY H 45 37.56 -4.10 4.19
C GLY H 45 36.12 -3.88 4.59
N GLN H 46 35.78 -2.69 5.06
CA GLN H 46 34.36 -2.41 5.27
C GLN H 46 33.67 -1.78 4.06
N TYR H 47 34.39 -1.55 2.98
CA TYR H 47 33.77 -0.90 1.83
C TYR H 47 32.85 -1.87 1.12
N GLU H 48 31.73 -1.36 0.64
CA GLU H 48 30.80 -2.13 -0.17
C GLU H 48 30.92 -1.70 -1.63
N TYR H 49 31.07 -2.67 -2.52
CA TYR H 49 31.28 -2.41 -3.94
C TYR H 49 29.96 -2.61 -4.67
N TYR H 50 29.57 -1.64 -5.48
CA TYR H 50 28.33 -1.75 -6.22
C TYR H 50 28.47 -1.17 -7.61
N LYS H 51 27.69 -1.75 -8.52
CA LYS H 51 27.32 -1.11 -9.77
C LYS H 51 25.81 -0.98 -9.74
N VAL H 52 25.32 0.25 -9.93
CA VAL H 52 23.91 0.59 -9.80
C VAL H 52 23.37 0.89 -11.20
N TYR H 53 22.24 0.28 -11.53
CA TYR H 53 21.70 0.35 -12.88
C TYR H 53 20.25 0.83 -12.86
N MET H 54 19.83 1.37 -13.99
CA MET H 54 18.43 1.74 -14.22
C MET H 54 17.81 0.68 -15.11
N VAL H 55 16.74 0.06 -14.64
CA VAL H 55 16.18 -1.14 -15.25
C VAL H 55 14.67 -0.96 -15.40
N ASP H 56 14.06 -1.89 -16.13
CA ASP H 56 12.61 -1.86 -16.24
C ASP H 56 11.99 -2.66 -15.09
N LYS H 57 10.66 -2.60 -15.02
CA LYS H 57 9.97 -3.21 -13.89
C LYS H 57 10.30 -4.69 -13.76
N ASP H 58 10.39 -5.39 -14.89
CA ASP H 58 10.57 -6.83 -14.85
C ASP H 58 11.98 -7.25 -14.41
N GLN H 59 13.00 -6.43 -14.67
CA GLN H 59 14.33 -6.75 -14.19
C GLN H 59 14.46 -6.50 -12.69
N ALA H 60 13.76 -5.48 -12.18
CA ALA H 60 13.77 -5.25 -10.74
C ALA H 60 13.02 -6.34 -9.99
N ASP H 61 11.96 -6.88 -10.59
CA ASP H 61 11.20 -7.93 -9.91
C ASP H 61 11.99 -9.22 -9.82
N ARG H 62 12.77 -9.52 -10.85
CA ARG H 62 13.61 -10.69 -10.92
C ARG H 62 15.00 -10.43 -10.35
N CYS H 63 15.37 -9.17 -10.15
CA CYS H 63 16.70 -8.77 -9.71
C CYS H 63 17.76 -9.24 -10.73
N THR H 64 17.63 -8.72 -11.95
CA THR H 64 18.49 -9.07 -13.08
C THR H 64 18.87 -7.81 -13.83
N ILE H 65 20.10 -7.77 -14.34
CA ILE H 65 20.54 -6.71 -15.24
C ILE H 65 20.99 -7.33 -16.56
N LYS H 66 21.50 -6.48 -17.47
CA LYS H 66 21.91 -6.92 -18.80
C LYS H 66 23.22 -6.24 -19.20
N ASN H 69 23.16 -2.22 -20.34
CA ASN H 69 23.09 -0.86 -19.78
C ASN H 69 24.45 -0.34 -19.30
N THR H 70 24.50 0.98 -19.11
CA THR H 70 25.65 1.70 -18.58
C THR H 70 25.32 2.09 -17.15
N PRO H 71 26.22 1.85 -16.20
CA PRO H 71 25.85 2.09 -14.80
C PRO H 71 25.54 3.55 -14.56
N LEU H 72 24.65 3.80 -13.60
CA LEU H 72 24.44 5.14 -13.09
C LEU H 72 25.51 5.49 -12.08
N LEU H 73 25.96 4.50 -11.31
CA LEU H 73 26.98 4.64 -10.29
C LEU H 73 27.97 3.49 -10.42
N ASN H 74 29.24 3.77 -10.19
CA ASN H 74 30.29 2.76 -10.23
C ASN H 74 31.09 2.87 -8.93
N CYS H 75 30.62 2.18 -7.90
CA CYS H 75 31.20 2.32 -6.56
C CYS H 75 32.33 1.30 -6.42
N ALA H 76 33.52 1.71 -6.85
CA ALA H 76 34.72 0.89 -6.76
C ALA H 76 35.91 1.70 -6.31
N LYS H 77 35.68 2.74 -5.50
CA LYS H 77 36.74 3.61 -5.00
C LYS H 77 36.56 3.83 -3.51
N PRO H 78 37.21 3.02 -2.68
CA PRO H 78 37.06 3.19 -1.22
C PRO H 78 37.49 4.56 -0.67
N ASP H 79 38.43 5.27 -1.31
CA ASP H 79 38.78 6.56 -0.75
C ASP H 79 37.72 7.62 -1.05
N GLN H 80 37.05 7.52 -2.17
CA GLN H 80 36.36 8.72 -2.62
C GLN H 80 34.88 8.62 -2.40
N ASP H 81 34.29 9.80 -2.32
CA ASP H 81 32.86 9.98 -2.34
C ASP H 81 32.43 9.91 -3.79
N ILE H 82 31.56 8.95 -4.11
CA ILE H 82 31.03 8.85 -5.45
C ILE H 82 29.56 9.24 -5.39
N LYS H 83 29.17 10.14 -6.27
CA LYS H 83 27.86 10.75 -6.23
C LYS H 83 27.25 10.78 -7.62
N PHE H 84 25.94 10.60 -7.68
CA PHE H 84 25.18 10.81 -8.91
C PHE H 84 24.07 11.79 -8.56
N THR H 85 24.00 12.90 -9.29
CA THR H 85 22.99 13.90 -9.04
C THR H 85 22.02 13.93 -10.21
N ILE H 86 20.73 13.97 -9.88
CA ILE H 86 19.66 14.05 -10.86
C ILE H 86 18.87 15.33 -10.58
N LYS H 87 18.59 16.08 -11.63
CA LYS H 87 17.55 17.09 -11.61
C LYS H 87 16.47 16.64 -12.58
N PHE H 88 15.22 16.64 -12.12
CA PHE H 88 14.13 16.09 -12.93
C PHE H 88 13.66 17.17 -13.90
N GLN H 89 14.39 17.29 -15.01
CA GLN H 89 14.19 18.34 -15.99
C GLN H 89 14.44 17.80 -17.39
N GLU H 90 14.24 18.67 -18.38
CA GLU H 90 14.41 18.28 -19.78
C GLU H 90 15.87 18.23 -20.21
N PHE H 91 16.75 19.02 -19.57
CA PHE H 91 18.14 19.13 -19.97
C PHE H 91 19.03 18.26 -19.08
N SER H 92 20.11 17.76 -19.66
CA SER H 92 20.92 16.75 -18.98
C SER H 92 22.31 16.71 -19.61
N PRO H 93 23.34 16.32 -18.85
CA PRO H 93 24.60 15.92 -19.47
C PRO H 93 24.60 14.48 -19.96
N ASN H 94 23.49 13.77 -19.86
CA ASN H 94 23.39 12.41 -20.39
C ASN H 94 23.21 12.44 -21.90
N LEU H 95 24.06 11.71 -22.61
CA LEU H 95 23.98 11.70 -24.07
C LEU H 95 23.25 10.50 -24.65
N TRP H 96 22.93 9.48 -23.86
CA TRP H 96 22.22 8.31 -24.40
C TRP H 96 20.72 8.36 -24.14
N GLY H 97 20.19 9.47 -23.66
CA GLY H 97 18.75 9.68 -23.58
C GLY H 97 18.09 9.20 -22.30
N LEU H 98 18.68 9.56 -21.17
CA LEU H 98 18.14 9.21 -19.86
C LEU H 98 17.19 10.33 -19.44
N GLU H 99 15.91 9.99 -19.33
CA GLU H 99 14.85 10.92 -19.00
C GLU H 99 14.00 10.39 -17.85
N PHE H 100 13.44 11.32 -17.08
CA PHE H 100 12.43 10.99 -16.09
C PHE H 100 11.24 11.86 -16.42
N GLN H 101 10.16 11.22 -16.89
CA GLN H 101 8.98 11.92 -17.39
C GLN H 101 7.90 11.82 -16.33
N LYS H 102 7.03 12.81 -16.27
CA LYS H 102 6.14 12.77 -15.12
C LYS H 102 5.05 11.73 -15.43
N ASN H 103 4.53 11.10 -14.37
CA ASN H 103 3.62 9.95 -14.42
C ASN H 103 4.23 8.70 -15.05
N LYS H 104 5.54 8.48 -14.89
CA LYS H 104 6.16 7.22 -15.29
C LYS H 104 7.00 6.69 -14.14
N ASP H 105 7.25 5.38 -14.18
CA ASP H 105 7.89 4.65 -13.08
C ASP H 105 9.28 4.20 -13.49
N TYR H 106 10.26 4.44 -12.63
CA TYR H 106 11.65 4.09 -12.92
C TYR H 106 12.22 3.26 -11.79
N TYR H 107 13.02 2.26 -12.15
CA TYR H 107 13.56 1.31 -11.19
C TYR H 107 15.08 1.41 -11.24
N ILE H 108 15.67 1.60 -10.07
CA ILE H 108 17.12 1.64 -9.90
C ILE H 108 17.45 0.50 -8.95
N ILE H 109 18.32 -0.41 -9.38
CA ILE H 109 18.67 -1.58 -8.57
C ILE H 109 20.18 -1.78 -8.60
N SER H 110 20.64 -2.65 -7.70
CA SER H 110 21.98 -3.19 -7.78
C SER H 110 21.94 -4.68 -7.48
N THR H 111 22.59 -5.42 -8.35
CA THR H 111 22.77 -6.86 -8.29
C THR H 111 24.14 -7.28 -7.78
N SER H 112 24.94 -6.35 -7.26
CA SER H 112 26.22 -6.72 -6.69
C SER H 112 26.00 -7.35 -5.33
N ASN H 113 26.94 -8.22 -4.91
CA ASN H 113 26.86 -8.76 -3.55
C ASN H 113 27.61 -7.91 -2.54
N GLY H 114 28.24 -6.83 -2.99
CA GLY H 114 28.88 -5.88 -2.10
C GLY H 114 30.39 -6.02 -2.03
N SER H 115 30.92 -7.14 -2.50
CA SER H 115 32.35 -7.37 -2.50
C SER H 115 32.92 -7.03 -3.87
N LEU H 116 34.22 -6.77 -3.89
CA LEU H 116 34.85 -6.45 -5.16
C LEU H 116 34.79 -7.59 -6.16
N GLU H 117 34.82 -8.87 -5.77
CA GLU H 117 34.75 -9.79 -6.90
C GLU H 117 33.30 -10.13 -7.29
N GLY H 118 32.31 -9.67 -6.54
CA GLY H 118 30.94 -9.84 -6.99
C GLY H 118 30.36 -8.51 -7.45
N LEU H 119 31.26 -7.62 -7.88
CA LEU H 119 30.86 -6.30 -8.32
C LEU H 119 30.00 -6.38 -9.58
N ASP H 120 30.34 -7.29 -10.49
CA ASP H 120 29.71 -7.36 -11.81
C ASP H 120 28.75 -8.53 -11.95
N ASN H 121 28.31 -9.14 -10.85
CA ASN H 121 27.27 -10.17 -10.90
C ASN H 121 25.97 -9.59 -11.44
N GLN H 122 25.25 -10.36 -12.28
CA GLN H 122 24.09 -9.84 -13.01
C GLN H 122 22.70 -10.35 -12.60
N GLU H 123 22.61 -11.18 -11.57
CA GLU H 123 21.40 -11.68 -10.92
C GLU H 123 21.57 -11.79 -9.42
N GLY H 124 20.44 -11.56 -8.73
CA GLY H 124 20.32 -11.61 -7.28
C GLY H 124 21.07 -10.48 -6.61
N GLY H 125 22.06 -10.86 -5.81
CA GLY H 125 22.88 -9.86 -5.17
C GLY H 125 22.11 -9.09 -4.12
N VAL H 126 22.40 -7.81 -4.04
CA VAL H 126 21.87 -7.01 -2.94
C VAL H 126 20.48 -6.46 -3.23
N CYS H 127 20.03 -6.52 -4.49
CA CYS H 127 18.62 -6.24 -4.80
C CYS H 127 17.76 -7.36 -4.23
N GLN H 128 18.27 -8.57 -4.33
CA GLN H 128 17.56 -9.74 -3.88
C GLN H 128 17.55 -9.86 -2.36
N THR H 129 18.71 -9.62 -1.76
CA THR H 129 18.89 -9.95 -0.34
C THR H 129 18.66 -8.78 0.61
N ARG H 130 18.93 -7.54 0.20
CA ARG H 130 18.75 -6.38 1.07
C ARG H 130 17.61 -5.47 0.63
N ALA H 131 16.98 -5.77 -0.51
CA ALA H 131 16.00 -4.89 -1.14
C ALA H 131 16.61 -3.52 -1.40
N MET H 132 17.84 -3.52 -1.92
CA MET H 132 18.51 -2.29 -2.34
C MET H 132 18.06 -1.99 -3.77
N LYS H 133 16.87 -1.41 -3.85
CA LYS H 133 16.27 -1.00 -5.11
C LYS H 133 15.52 0.30 -4.84
N ILE H 134 15.48 1.15 -5.85
CA ILE H 134 14.75 2.41 -5.77
C ILE H 134 13.65 2.41 -6.80
N LEU H 135 12.47 2.85 -6.38
CA LEU H 135 11.33 3.00 -7.28
C LEU H 135 10.92 4.46 -7.22
N MET H 136 11.12 5.19 -8.32
CA MET H 136 10.78 6.60 -8.41
C MET H 136 9.55 6.76 -9.29
N LYS H 137 8.46 7.24 -8.70
CA LYS H 137 7.23 7.52 -9.42
C LYS H 137 7.19 9.01 -9.67
N VAL H 138 7.66 9.43 -10.84
CA VAL H 138 7.95 10.84 -11.07
C VAL H 138 6.66 11.60 -11.31
N GLY H 139 6.48 12.69 -10.56
CA GLY H 139 5.30 13.52 -10.69
C GLY H 139 4.02 12.86 -10.22
N GLN H 140 4.09 12.03 -9.18
CA GLN H 140 2.94 11.33 -8.65
C GLN H 140 2.86 11.55 -7.16
N ASP H 141 1.73 11.16 -6.56
CA ASP H 141 1.53 11.29 -5.13
C ASP H 141 1.05 9.97 -4.53
#